data_2M7Z
#
_entry.id   2M7Z
#
_entity_poly.entity_id   1
_entity_poly.type   'polypeptide(L)'
_entity_poly.pdbx_seq_one_letter_code
;GSNEKPKVKKHITSALKKLVDKYRNDEHVRKVFDEIQQKLHCCGADSPKDYGENPPTSCSKDGVQFTEGCIKKVSDLSKA
H
;
_entity_poly.pdbx_strand_id   A
#
# COMPACT_ATOMS: atom_id res chain seq x y z
N GLY A 1 5.74 -12.47 29.50
CA GLY A 1 5.50 -11.14 30.04
C GLY A 1 6.26 -10.06 29.30
N SER A 2 7.48 -9.79 29.73
CA SER A 2 8.31 -8.77 29.10
C SER A 2 8.86 -9.26 27.76
N ASN A 3 8.34 -8.69 26.68
CA ASN A 3 8.77 -9.07 25.34
C ASN A 3 8.72 -7.87 24.40
N GLU A 4 9.90 -7.44 23.94
CA GLU A 4 10.00 -6.30 23.03
C GLU A 4 10.51 -6.74 21.66
N LYS A 5 9.59 -6.86 20.70
CA LYS A 5 9.95 -7.27 19.34
C LYS A 5 9.68 -6.15 18.34
N PRO A 6 10.73 -5.38 18.02
CA PRO A 6 10.64 -4.26 17.08
C PRO A 6 10.41 -4.74 15.64
N LYS A 7 10.08 -3.80 14.76
CA LYS A 7 9.85 -4.12 13.35
C LYS A 7 10.75 -3.27 12.45
N VAL A 8 11.50 -3.94 11.58
CA VAL A 8 12.39 -3.24 10.66
C VAL A 8 11.60 -2.58 9.54
N LYS A 9 12.16 -1.49 9.00
CA LYS A 9 11.52 -0.77 7.92
C LYS A 9 11.17 -1.70 6.75
N LYS A 10 12.07 -2.64 6.48
CA LYS A 10 11.85 -3.60 5.40
C LYS A 10 10.59 -4.42 5.63
N HIS A 11 10.19 -4.55 6.89
CA HIS A 11 9.00 -5.30 7.25
C HIS A 11 7.76 -4.66 6.63
N ILE A 12 7.88 -3.41 6.24
CA ILE A 12 6.77 -2.68 5.63
C ILE A 12 6.15 -3.48 4.48
N THR A 13 6.98 -4.27 3.81
CA THR A 13 6.53 -5.09 2.69
C THR A 13 5.53 -6.14 3.15
N SER A 14 5.75 -6.68 4.35
CA SER A 14 4.86 -7.70 4.89
C SER A 14 3.52 -7.09 5.29
N ALA A 15 3.57 -5.92 5.91
CA ALA A 15 2.36 -5.23 6.34
C ALA A 15 1.52 -4.79 5.15
N LEU A 16 2.19 -4.24 4.14
CA LEU A 16 1.51 -3.76 2.93
C LEU A 16 0.74 -4.89 2.26
N LYS A 17 1.39 -6.04 2.12
CA LYS A 17 0.76 -7.20 1.50
C LYS A 17 -0.54 -7.56 2.21
N LYS A 18 -0.54 -7.43 3.54
CA LYS A 18 -1.72 -7.74 4.33
C LYS A 18 -2.74 -6.60 4.26
N LEU A 19 -2.24 -5.38 4.18
CA LEU A 19 -3.10 -4.20 4.11
C LEU A 19 -4.04 -4.29 2.91
N VAL A 20 -3.46 -4.51 1.73
CA VAL A 20 -4.25 -4.62 0.50
C VAL A 20 -5.24 -5.78 0.59
N ASP A 21 -4.90 -6.79 1.38
CA ASP A 21 -5.76 -7.95 1.55
C ASP A 21 -6.89 -7.65 2.52
N LYS A 22 -6.60 -6.85 3.54
CA LYS A 22 -7.59 -6.48 4.54
C LYS A 22 -8.25 -5.14 4.19
N TYR A 23 -8.17 -4.77 2.93
CA TYR A 23 -8.75 -3.51 2.47
C TYR A 23 -10.26 -3.50 2.68
N ARG A 24 -10.90 -4.61 2.33
CA ARG A 24 -12.35 -4.73 2.47
C ARG A 24 -12.71 -5.31 3.83
N ASN A 25 -11.74 -5.36 4.73
CA ASN A 25 -11.95 -5.89 6.08
C ASN A 25 -12.10 -4.77 7.10
N ASP A 26 -11.30 -3.72 6.92
CA ASP A 26 -11.33 -2.58 7.83
C ASP A 26 -11.48 -1.27 7.05
N GLU A 27 -12.44 -0.45 7.44
CA GLU A 27 -12.69 0.83 6.79
C GLU A 27 -11.48 1.75 6.95
N HIS A 28 -10.92 1.80 8.15
CA HIS A 28 -9.78 2.65 8.43
C HIS A 28 -8.62 2.32 7.48
N VAL A 29 -8.54 1.07 7.06
CA VAL A 29 -7.48 0.63 6.16
C VAL A 29 -7.70 1.18 4.75
N ARG A 30 -8.97 1.32 4.36
CA ARG A 30 -9.31 1.84 3.04
C ARG A 30 -8.87 3.29 2.91
N LYS A 31 -9.30 4.14 3.83
CA LYS A 31 -8.95 5.55 3.81
C LYS A 31 -7.44 5.73 3.90
N VAL A 32 -6.78 4.86 4.66
CA VAL A 32 -5.34 4.93 4.83
C VAL A 32 -4.62 4.51 3.55
N PHE A 33 -4.92 3.30 3.08
CA PHE A 33 -4.30 2.78 1.87
C PHE A 33 -4.66 3.63 0.66
N ASP A 34 -5.80 4.32 0.73
CA ASP A 34 -6.24 5.19 -0.35
C ASP A 34 -5.38 6.43 -0.45
N GLU A 35 -5.15 7.08 0.69
CA GLU A 35 -4.34 8.28 0.73
C GLU A 35 -2.88 7.98 0.38
N ILE A 36 -2.39 6.83 0.86
CA ILE A 36 -1.02 6.43 0.59
C ILE A 36 -0.84 6.04 -0.88
N GLN A 37 -1.87 5.44 -1.46
CA GLN A 37 -1.83 5.01 -2.85
C GLN A 37 -1.72 6.22 -3.78
N GLN A 38 -2.42 7.30 -3.42
CA GLN A 38 -2.42 8.51 -4.23
C GLN A 38 -1.10 9.27 -4.06
N LYS A 39 -0.74 9.56 -2.82
CA LYS A 39 0.48 10.27 -2.52
C LYS A 39 1.69 9.54 -3.09
N LEU A 40 1.62 8.21 -3.12
CA LEU A 40 2.70 7.39 -3.64
C LEU A 40 2.45 7.02 -5.10
N HIS A 41 1.28 7.38 -5.60
CA HIS A 41 0.91 7.09 -6.99
C HIS A 41 1.13 5.62 -7.30
N CYS A 42 0.62 4.75 -6.43
CA CYS A 42 0.77 3.31 -6.61
C CYS A 42 -0.57 2.60 -6.40
N CYS A 43 -0.62 1.33 -6.77
CA CYS A 43 -1.84 0.54 -6.63
C CYS A 43 -1.58 -0.70 -5.78
N GLY A 44 -2.54 -1.05 -4.93
CA GLY A 44 -2.41 -2.20 -4.08
C GLY A 44 -1.09 -2.23 -3.33
N ALA A 45 -0.79 -3.36 -2.71
CA ALA A 45 0.45 -3.50 -1.95
C ALA A 45 1.64 -3.74 -2.88
N ASP A 46 1.66 -4.90 -3.52
CA ASP A 46 2.74 -5.25 -4.44
C ASP A 46 2.29 -5.11 -5.88
N SER A 47 0.99 -4.87 -6.08
CA SER A 47 0.43 -4.73 -7.41
C SER A 47 -1.06 -4.45 -7.34
N PRO A 48 -1.61 -3.91 -8.45
CA PRO A 48 -3.03 -3.57 -8.53
C PRO A 48 -3.92 -4.81 -8.58
N LYS A 49 -3.35 -5.93 -9.02
CA LYS A 49 -4.07 -7.18 -9.11
C LYS A 49 -4.49 -7.68 -7.74
N ASP A 50 -3.85 -7.14 -6.70
CA ASP A 50 -4.15 -7.52 -5.33
C ASP A 50 -5.63 -7.28 -5.02
N TYR A 51 -6.25 -6.37 -5.76
CA TYR A 51 -7.65 -6.04 -5.56
C TYR A 51 -8.54 -6.90 -6.46
N GLY A 52 -7.97 -7.43 -7.53
CA GLY A 52 -8.71 -8.25 -8.46
C GLY A 52 -8.81 -7.63 -9.83
N GLU A 53 -9.90 -6.91 -10.08
CA GLU A 53 -10.12 -6.26 -11.37
C GLU A 53 -10.87 -4.95 -11.20
N ASN A 54 -10.84 -4.41 -9.99
CA ASN A 54 -11.53 -3.15 -9.69
C ASN A 54 -10.93 -2.49 -8.46
N PRO A 55 -9.74 -1.89 -8.62
CA PRO A 55 -9.04 -1.21 -7.54
C PRO A 55 -9.73 0.09 -7.12
N PRO A 56 -9.31 0.64 -5.97
CA PRO A 56 -9.88 1.88 -5.44
C PRO A 56 -9.51 3.09 -6.27
N THR A 57 -10.29 4.17 -6.13
CA THR A 57 -10.04 5.40 -6.87
C THR A 57 -8.63 5.92 -6.62
N SER A 58 -8.06 5.54 -5.49
CA SER A 58 -6.71 5.97 -5.12
C SER A 58 -5.68 5.41 -6.10
N CYS A 59 -6.09 4.38 -6.84
CA CYS A 59 -5.19 3.73 -7.81
C CYS A 59 -5.06 4.60 -9.06
N SER A 60 -6.07 5.42 -9.33
CA SER A 60 -6.06 6.28 -10.49
C SER A 60 -6.14 7.75 -10.09
N LYS A 61 -5.77 8.63 -11.01
CA LYS A 61 -5.80 10.07 -10.74
C LYS A 61 -5.79 10.86 -12.04
N ASP A 62 -6.72 11.81 -12.17
CA ASP A 62 -6.81 12.63 -13.36
C ASP A 62 -7.09 11.78 -14.59
N GLY A 63 -7.74 10.65 -14.38
CA GLY A 63 -8.06 9.76 -15.48
C GLY A 63 -6.88 8.91 -15.91
N VAL A 64 -5.94 8.70 -14.99
CA VAL A 64 -4.75 7.91 -15.28
C VAL A 64 -4.61 6.75 -14.30
N GLN A 65 -3.93 5.70 -14.73
CA GLN A 65 -3.72 4.53 -13.90
C GLN A 65 -2.26 4.40 -13.48
N PHE A 66 -2.05 4.09 -12.20
CA PHE A 66 -0.69 3.95 -11.66
C PHE A 66 -0.20 2.51 -11.82
N THR A 67 0.72 2.31 -12.75
CA THR A 67 1.28 0.98 -13.00
C THR A 67 2.52 0.74 -12.14
N GLU A 68 2.43 1.07 -10.85
CA GLU A 68 3.53 0.89 -9.93
C GLU A 68 3.03 0.38 -8.58
N GLY A 69 3.86 -0.43 -7.91
CA GLY A 69 3.49 -0.96 -6.62
C GLY A 69 3.76 0.02 -5.49
N CYS A 70 3.35 -0.36 -4.27
CA CYS A 70 3.55 0.48 -3.11
C CYS A 70 4.78 0.04 -2.32
N ILE A 71 4.95 -1.27 -2.19
CA ILE A 71 6.08 -1.83 -1.46
C ILE A 71 7.40 -1.31 -2.01
N LYS A 72 7.47 -1.16 -3.33
CA LYS A 72 8.68 -0.66 -3.99
C LYS A 72 8.72 0.86 -3.97
N LYS A 73 7.57 1.48 -4.17
CA LYS A 73 7.48 2.94 -4.18
C LYS A 73 7.91 3.51 -2.84
N VAL A 74 7.37 2.97 -1.76
CA VAL A 74 7.70 3.42 -0.42
C VAL A 74 9.20 3.36 -0.17
N SER A 75 9.86 2.37 -0.77
CA SER A 75 11.30 2.19 -0.62
C SER A 75 12.06 3.27 -1.38
N ASP A 76 11.56 3.62 -2.55
CA ASP A 76 12.19 4.65 -3.39
C ASP A 76 12.39 5.94 -2.60
N LEU A 77 11.34 6.37 -1.90
CA LEU A 77 11.41 7.59 -1.11
C LEU A 77 12.06 7.33 0.23
N SER A 78 11.86 6.12 0.77
CA SER A 78 12.43 5.75 2.05
C SER A 78 13.94 5.95 2.06
N LYS A 79 14.60 5.33 1.08
CA LYS A 79 16.06 5.43 0.97
C LYS A 79 16.47 6.85 0.60
N ALA A 80 15.60 7.56 -0.10
CA ALA A 80 15.87 8.93 -0.52
C ALA A 80 15.88 9.88 0.67
N HIS A 81 16.89 10.73 0.73
CA HIS A 81 17.01 11.69 1.82
C HIS A 81 17.24 13.11 1.28
N GLY A 1 1.32 -5.49 28.02
CA GLY A 1 1.76 -4.19 28.50
C GLY A 1 3.15 -4.23 29.10
N SER A 2 4.05 -4.97 28.46
CA SER A 2 5.41 -5.10 28.95
C SER A 2 6.36 -4.17 28.18
N ASN A 3 6.31 -4.26 26.85
CA ASN A 3 7.15 -3.44 25.99
C ASN A 3 6.79 -3.62 24.52
N GLU A 4 6.62 -2.51 23.83
CA GLU A 4 6.26 -2.54 22.41
C GLU A 4 7.44 -3.02 21.56
N LYS A 5 7.15 -3.92 20.62
CA LYS A 5 8.19 -4.45 19.75
C LYS A 5 7.98 -3.99 18.31
N PRO A 6 8.68 -2.93 17.91
CA PRO A 6 8.60 -2.37 16.56
C PRO A 6 9.21 -3.29 15.52
N LYS A 7 8.99 -2.97 14.24
CA LYS A 7 9.52 -3.76 13.15
C LYS A 7 10.31 -2.88 12.17
N VAL A 8 11.36 -3.45 11.61
CA VAL A 8 12.20 -2.71 10.65
C VAL A 8 11.35 -2.10 9.54
N LYS A 9 11.81 -0.97 9.02
CA LYS A 9 11.11 -0.27 7.95
C LYS A 9 10.91 -1.19 6.75
N LYS A 10 11.94 -1.94 6.40
CA LYS A 10 11.88 -2.85 5.27
C LYS A 10 10.70 -3.81 5.41
N HIS A 11 10.30 -4.08 6.64
CA HIS A 11 9.18 -4.97 6.91
C HIS A 11 7.92 -4.48 6.19
N ILE A 12 7.87 -3.19 5.92
CA ILE A 12 6.72 -2.60 5.25
C ILE A 12 6.40 -3.35 3.96
N THR A 13 7.42 -3.92 3.34
CA THR A 13 7.25 -4.67 2.10
C THR A 13 6.22 -5.77 2.27
N SER A 14 6.48 -6.70 3.19
CA SER A 14 5.57 -7.80 3.45
C SER A 14 4.26 -7.30 4.06
N ALA A 15 4.35 -6.26 4.87
CA ALA A 15 3.18 -5.69 5.52
C ALA A 15 2.23 -5.10 4.50
N LEU A 16 2.77 -4.65 3.37
CA LEU A 16 1.96 -4.06 2.31
C LEU A 16 1.20 -5.13 1.55
N LYS A 17 1.89 -6.20 1.19
CA LYS A 17 1.27 -7.31 0.46
C LYS A 17 0.05 -7.84 1.21
N LYS A 18 0.13 -7.84 2.54
CA LYS A 18 -0.97 -8.31 3.36
C LYS A 18 -2.07 -7.25 3.48
N LEU A 19 -1.66 -5.99 3.50
CA LEU A 19 -2.61 -4.89 3.60
C LEU A 19 -3.59 -4.91 2.43
N VAL A 20 -3.06 -4.95 1.22
CA VAL A 20 -3.89 -4.97 0.02
C VAL A 20 -4.81 -6.19 0.01
N ASP A 21 -4.38 -7.25 0.67
CA ASP A 21 -5.17 -8.48 0.74
C ASP A 21 -6.27 -8.35 1.79
N LYS A 22 -6.00 -7.57 2.83
CA LYS A 22 -6.97 -7.37 3.90
C LYS A 22 -7.68 -6.03 3.75
N TYR A 23 -7.63 -5.47 2.54
CA TYR A 23 -8.26 -4.18 2.27
C TYR A 23 -9.76 -4.24 2.55
N ARG A 24 -10.39 -5.33 2.12
CA ARG A 24 -11.82 -5.51 2.32
C ARG A 24 -12.10 -6.25 3.62
N ASN A 25 -11.08 -6.36 4.46
CA ASN A 25 -11.21 -7.05 5.74
C ASN A 25 -11.33 -6.04 6.88
N ASP A 26 -10.58 -4.95 6.78
CA ASP A 26 -10.60 -3.91 7.81
C ASP A 26 -10.83 -2.53 7.19
N GLU A 27 -11.80 -1.80 7.74
CA GLU A 27 -12.12 -0.47 7.24
C GLU A 27 -10.95 0.48 7.43
N HIS A 28 -10.32 0.41 8.60
CA HIS A 28 -9.18 1.27 8.92
C HIS A 28 -8.07 1.09 7.89
N VAL A 29 -7.97 -0.11 7.33
CA VAL A 29 -6.95 -0.42 6.33
C VAL A 29 -7.25 0.28 5.01
N ARG A 30 -8.53 0.41 4.69
CA ARG A 30 -8.95 1.06 3.45
C ARG A 30 -8.52 2.52 3.43
N LYS A 31 -8.90 3.26 4.46
CA LYS A 31 -8.55 4.67 4.56
C LYS A 31 -7.04 4.86 4.60
N VAL A 32 -6.35 3.92 5.25
CA VAL A 32 -4.90 3.98 5.36
C VAL A 32 -4.24 3.71 4.01
N PHE A 33 -4.67 2.65 3.35
CA PHE A 33 -4.11 2.29 2.05
C PHE A 33 -4.54 3.29 0.97
N ASP A 34 -5.64 3.97 1.22
CA ASP A 34 -6.16 4.96 0.28
C ASP A 34 -5.28 6.21 0.27
N GLU A 35 -4.97 6.71 1.46
CA GLU A 35 -4.14 7.91 1.58
C GLU A 35 -2.71 7.63 1.12
N ILE A 36 -2.22 6.44 1.45
CA ILE A 36 -0.86 6.05 1.07
C ILE A 36 -0.75 5.85 -0.45
N GLN A 37 -1.80 5.28 -1.04
CA GLN A 37 -1.82 5.04 -2.48
C GLN A 37 -1.81 6.36 -3.25
N GLN A 38 -2.53 7.35 -2.73
CA GLN A 38 -2.61 8.66 -3.37
C GLN A 38 -1.32 9.44 -3.17
N LYS A 39 -0.93 9.62 -1.91
CA LYS A 39 0.28 10.36 -1.58
C LYS A 39 1.48 9.78 -2.32
N LEU A 40 1.46 8.48 -2.55
CA LEU A 40 2.55 7.81 -3.26
C LEU A 40 2.25 7.71 -4.75
N HIS A 41 0.99 7.92 -5.11
CA HIS A 41 0.57 7.86 -6.51
C HIS A 41 0.76 6.46 -7.07
N CYS A 42 0.39 5.46 -6.27
CA CYS A 42 0.52 4.06 -6.69
C CYS A 42 -0.77 3.29 -6.42
N CYS A 43 -0.86 2.09 -6.98
CA CYS A 43 -2.05 1.26 -6.81
C CYS A 43 -1.67 -0.11 -6.24
N GLY A 44 -2.47 -0.59 -5.29
CA GLY A 44 -2.19 -1.88 -4.68
C GLY A 44 -0.84 -1.93 -4.01
N ALA A 45 -0.61 -2.99 -3.23
CA ALA A 45 0.66 -3.16 -2.53
C ALA A 45 1.80 -3.39 -3.51
N ASP A 46 1.73 -4.49 -4.25
CA ASP A 46 2.75 -4.84 -5.22
C ASP A 46 2.26 -4.61 -6.64
N SER A 47 0.94 -4.48 -6.79
CA SER A 47 0.34 -4.26 -8.10
C SER A 47 -1.16 -4.01 -7.97
N PRO A 48 -1.76 -3.41 -9.01
CA PRO A 48 -3.18 -3.10 -9.04
C PRO A 48 -4.05 -4.36 -9.15
N LYS A 49 -3.47 -5.42 -9.72
CA LYS A 49 -4.19 -6.67 -9.87
C LYS A 49 -4.54 -7.28 -8.52
N ASP A 50 -3.82 -6.85 -7.48
CA ASP A 50 -4.05 -7.35 -6.13
C ASP A 50 -5.50 -7.14 -5.71
N TYR A 51 -6.13 -6.14 -6.31
CA TYR A 51 -7.52 -5.83 -5.99
C TYR A 51 -8.48 -6.63 -6.86
N GLY A 52 -7.99 -7.06 -8.02
CA GLY A 52 -8.80 -7.84 -8.93
C GLY A 52 -9.12 -7.09 -10.21
N GLU A 53 -10.32 -6.52 -10.28
CA GLU A 53 -10.74 -5.78 -11.46
C GLU A 53 -11.55 -4.55 -11.06
N ASN A 54 -11.31 -4.06 -9.85
CA ASN A 54 -12.02 -2.88 -9.36
C ASN A 54 -11.32 -2.30 -8.13
N PRO A 55 -10.19 -1.63 -8.36
CA PRO A 55 -9.39 -1.01 -7.29
C PRO A 55 -10.09 0.19 -6.69
N PRO A 56 -9.57 0.67 -5.54
CA PRO A 56 -10.13 1.82 -4.83
C PRO A 56 -9.90 3.13 -5.58
N THR A 57 -10.69 4.14 -5.25
CA THR A 57 -10.57 5.44 -5.90
C THR A 57 -9.14 5.97 -5.81
N SER A 58 -8.46 5.64 -4.72
CA SER A 58 -7.09 6.09 -4.51
C SER A 58 -6.17 5.56 -5.60
N CYS A 59 -6.61 4.49 -6.26
CA CYS A 59 -5.82 3.88 -7.33
C CYS A 59 -5.69 4.84 -8.51
N SER A 60 -6.61 5.79 -8.61
CA SER A 60 -6.59 6.76 -9.70
C SER A 60 -6.57 8.18 -9.15
N LYS A 61 -6.12 9.12 -9.97
CA LYS A 61 -6.04 10.53 -9.58
C LYS A 61 -6.00 11.43 -10.80
N ASP A 62 -6.79 12.50 -10.77
CA ASP A 62 -6.82 13.45 -11.88
C ASP A 62 -7.23 12.76 -13.18
N GLY A 63 -7.97 11.67 -13.05
CA GLY A 63 -8.42 10.93 -14.23
C GLY A 63 -7.33 10.04 -14.79
N VAL A 64 -6.40 9.63 -13.93
CA VAL A 64 -5.30 8.77 -14.35
C VAL A 64 -5.25 7.50 -13.50
N GLN A 65 -4.68 6.44 -14.07
CA GLN A 65 -4.57 5.16 -13.38
C GLN A 65 -3.13 4.90 -12.95
N PHE A 66 -2.95 4.41 -11.73
CA PHE A 66 -1.62 4.11 -11.22
C PHE A 66 -1.26 2.65 -11.46
N THR A 67 -0.43 2.42 -12.47
CA THR A 67 -0.01 1.06 -12.82
C THR A 67 1.37 0.76 -12.24
N GLU A 68 1.64 1.30 -11.06
CA GLU A 68 2.92 1.08 -10.40
C GLU A 68 2.71 0.61 -8.96
N GLY A 69 3.48 -0.42 -8.57
CA GLY A 69 3.36 -0.95 -7.22
C GLY A 69 3.53 0.12 -6.16
N CYS A 70 3.36 -0.26 -4.90
CA CYS A 70 3.49 0.67 -3.79
C CYS A 70 4.69 0.31 -2.92
N ILE A 71 4.94 -0.98 -2.77
CA ILE A 71 6.06 -1.46 -1.97
C ILE A 71 7.36 -0.79 -2.38
N LYS A 72 7.67 -0.85 -3.68
CA LYS A 72 8.88 -0.25 -4.21
C LYS A 72 8.82 1.27 -4.11
N LYS A 73 7.61 1.82 -4.24
CA LYS A 73 7.42 3.27 -4.16
C LYS A 73 7.78 3.79 -2.78
N VAL A 74 7.13 3.24 -1.76
CA VAL A 74 7.38 3.65 -0.38
C VAL A 74 8.79 3.26 0.06
N SER A 75 9.25 2.11 -0.42
CA SER A 75 10.58 1.62 -0.07
C SER A 75 11.66 2.49 -0.70
N ASP A 76 11.39 2.99 -1.91
CA ASP A 76 12.34 3.83 -2.62
C ASP A 76 12.73 5.05 -1.77
N LEU A 77 11.73 5.79 -1.33
CA LEU A 77 11.96 6.98 -0.50
C LEU A 77 12.47 6.59 0.88
N SER A 78 12.13 5.38 1.32
CA SER A 78 12.56 4.89 2.62
C SER A 78 14.05 4.56 2.62
N LYS A 79 14.52 3.99 1.52
CA LYS A 79 15.93 3.63 1.38
C LYS A 79 16.61 4.46 0.29
N ALA A 80 16.13 5.70 0.12
CA ALA A 80 16.70 6.59 -0.88
C ALA A 80 18.18 6.82 -0.64
N HIS A 81 18.98 6.64 -1.69
CA HIS A 81 20.43 6.82 -1.59
C HIS A 81 20.93 7.73 -2.71
N GLY A 1 -3.32 -6.53 24.92
CA GLY A 1 -2.57 -5.62 25.77
C GLY A 1 -1.98 -4.45 25.00
N SER A 2 -0.89 -3.90 25.51
CA SER A 2 -0.23 -2.77 24.85
C SER A 2 0.86 -3.24 23.91
N ASN A 3 1.16 -2.44 22.90
CA ASN A 3 2.19 -2.77 21.92
C ASN A 3 2.43 -1.61 20.96
N GLU A 4 3.67 -1.51 20.47
CA GLU A 4 4.04 -0.44 19.55
C GLU A 4 4.50 -1.01 18.21
N LYS A 5 4.21 -0.28 17.13
CA LYS A 5 4.59 -0.71 15.80
C LYS A 5 5.63 0.23 15.20
N PRO A 6 6.91 -0.14 15.31
CA PRO A 6 8.02 0.66 14.78
C PRO A 6 8.06 0.67 13.26
N LYS A 7 8.89 1.53 12.69
CA LYS A 7 9.02 1.64 11.25
C LYS A 7 10.05 0.66 10.71
N VAL A 8 9.69 -0.08 9.67
CA VAL A 8 10.59 -1.06 9.08
C VAL A 8 10.67 -0.88 7.56
N LYS A 9 11.82 -1.20 6.99
CA LYS A 9 12.02 -1.08 5.55
C LYS A 9 12.04 -2.46 4.88
N LYS A 10 12.37 -3.47 5.66
CA LYS A 10 12.43 -4.84 5.15
C LYS A 10 11.09 -5.56 5.36
N HIS A 11 10.75 -5.80 6.63
CA HIS A 11 9.50 -6.48 6.95
C HIS A 11 8.32 -5.82 6.25
N ILE A 12 8.43 -4.51 6.02
CA ILE A 12 7.37 -3.77 5.36
C ILE A 12 6.97 -4.42 4.04
N THR A 13 7.94 -5.09 3.41
CA THR A 13 7.70 -5.77 2.15
C THR A 13 6.60 -6.82 2.29
N SER A 14 6.74 -7.68 3.29
CA SER A 14 5.76 -8.74 3.53
C SER A 14 4.45 -8.17 4.06
N ALA A 15 4.57 -7.26 5.03
CA ALA A 15 3.39 -6.63 5.62
C ALA A 15 2.49 -6.02 4.56
N LEU A 16 3.11 -5.38 3.57
CA LEU A 16 2.36 -4.76 2.48
C LEU A 16 1.56 -5.80 1.70
N LYS A 17 2.21 -6.91 1.37
CA LYS A 17 1.57 -7.99 0.62
C LYS A 17 0.30 -8.46 1.34
N LYS A 18 0.37 -8.51 2.67
CA LYS A 18 -0.76 -8.96 3.47
C LYS A 18 -1.79 -7.83 3.62
N LEU A 19 -1.30 -6.60 3.69
CA LEU A 19 -2.17 -5.44 3.83
C LEU A 19 -3.18 -5.37 2.69
N VAL A 20 -2.69 -5.43 1.46
CA VAL A 20 -3.55 -5.39 0.28
C VAL A 20 -4.51 -6.56 0.26
N ASP A 21 -4.10 -7.67 0.87
CA ASP A 21 -4.92 -8.87 0.93
C ASP A 21 -6.00 -8.74 2.02
N LYS A 22 -5.67 -7.98 3.06
CA LYS A 22 -6.60 -7.79 4.17
C LYS A 22 -7.21 -6.38 4.12
N TYR A 23 -7.23 -5.79 2.94
CA TYR A 23 -7.78 -4.46 2.76
C TYR A 23 -9.28 -4.44 3.06
N ARG A 24 -9.99 -5.46 2.57
CA ARG A 24 -11.41 -5.56 2.79
C ARG A 24 -11.72 -6.37 4.05
N ASN A 25 -10.68 -6.61 4.85
CA ASN A 25 -10.83 -7.38 6.08
C ASN A 25 -10.86 -6.46 7.30
N ASP A 26 -10.02 -5.43 7.26
CA ASP A 26 -9.95 -4.47 8.36
C ASP A 26 -10.18 -3.04 7.86
N GLU A 27 -11.08 -2.33 8.53
CA GLU A 27 -11.40 -0.95 8.15
C GLU A 27 -10.18 -0.05 8.34
N HIS A 28 -9.49 -0.22 9.46
CA HIS A 28 -8.31 0.58 9.76
C HIS A 28 -7.25 0.43 8.67
N VAL A 29 -7.23 -0.74 8.03
CA VAL A 29 -6.27 -1.02 6.97
C VAL A 29 -6.61 -0.23 5.71
N ARG A 30 -7.90 -0.04 5.47
CA ARG A 30 -8.37 0.70 4.30
C ARG A 30 -7.87 2.14 4.33
N LYS A 31 -8.17 2.83 5.42
CA LYS A 31 -7.76 4.22 5.58
C LYS A 31 -6.24 4.36 5.56
N VAL A 32 -5.56 3.35 6.11
CA VAL A 32 -4.11 3.35 6.15
C VAL A 32 -3.52 3.17 4.76
N PHE A 33 -3.95 2.11 4.07
CA PHE A 33 -3.46 1.82 2.73
C PHE A 33 -3.93 2.89 1.74
N ASP A 34 -5.03 3.55 2.07
CA ASP A 34 -5.58 4.60 1.22
C ASP A 34 -4.67 5.83 1.21
N GLU A 35 -4.27 6.26 2.41
CA GLU A 35 -3.41 7.43 2.53
C GLU A 35 -2.03 7.15 1.94
N ILE A 36 -1.53 5.93 2.15
CA ILE A 36 -0.22 5.54 1.64
C ILE A 36 -0.25 5.41 0.12
N GLN A 37 -1.40 5.01 -0.41
CA GLN A 37 -1.55 4.84 -1.86
C GLN A 37 -1.56 6.19 -2.57
N GLN A 38 -2.18 7.19 -1.93
CA GLN A 38 -2.27 8.52 -2.50
C GLN A 38 -0.95 9.27 -2.33
N LYS A 39 -0.47 9.35 -1.09
CA LYS A 39 0.77 10.04 -0.79
C LYS A 39 1.93 9.45 -1.60
N LEU A 40 1.88 8.14 -1.82
CA LEU A 40 2.91 7.46 -2.59
C LEU A 40 2.49 7.27 -4.04
N HIS A 41 1.25 7.64 -4.34
CA HIS A 41 0.72 7.52 -5.70
C HIS A 41 0.95 6.12 -6.25
N CYS A 42 0.59 5.11 -5.46
CA CYS A 42 0.76 3.72 -5.87
C CYS A 42 -0.54 2.94 -5.70
N CYS A 43 -0.62 1.78 -6.36
CA CYS A 43 -1.81 0.94 -6.29
C CYS A 43 -1.46 -0.45 -5.79
N GLY A 44 -2.21 -0.93 -4.80
CA GLY A 44 -1.96 -2.25 -4.25
C GLY A 44 -0.57 -2.38 -3.65
N ALA A 45 -0.35 -3.46 -2.91
CA ALA A 45 0.95 -3.69 -2.28
C ALA A 45 2.03 -3.89 -3.33
N ASP A 46 1.95 -4.98 -4.07
CA ASP A 46 2.93 -5.29 -5.10
C ASP A 46 2.39 -4.94 -6.48
N SER A 47 1.06 -4.96 -6.62
CA SER A 47 0.42 -4.64 -7.89
C SER A 47 -1.05 -4.34 -7.69
N PRO A 48 -1.67 -3.68 -8.68
CA PRO A 48 -3.09 -3.32 -8.63
C PRO A 48 -4.00 -4.54 -8.74
N LYS A 49 -3.49 -5.61 -9.33
CA LYS A 49 -4.26 -6.84 -9.49
C LYS A 49 -4.60 -7.45 -8.13
N ASP A 50 -3.84 -7.07 -7.11
CA ASP A 50 -4.06 -7.59 -5.76
C ASP A 50 -5.48 -7.31 -5.30
N TYR A 51 -6.11 -6.30 -5.89
CA TYR A 51 -7.47 -5.94 -5.54
C TYR A 51 -8.48 -6.66 -6.43
N GLY A 52 -8.01 -7.09 -7.60
CA GLY A 52 -8.88 -7.79 -8.53
C GLY A 52 -9.21 -6.95 -9.75
N GLU A 53 -10.39 -6.32 -9.73
CA GLU A 53 -10.84 -5.49 -10.84
C GLU A 53 -11.57 -4.26 -10.34
N ASN A 54 -11.31 -3.88 -9.09
CA ASN A 54 -11.96 -2.72 -8.49
C ASN A 54 -11.14 -2.20 -7.31
N PRO A 55 -10.03 -1.52 -7.61
CA PRO A 55 -9.13 -0.96 -6.60
C PRO A 55 -9.77 0.22 -5.86
N PRO A 56 -9.15 0.63 -4.74
CA PRO A 56 -9.63 1.76 -3.94
C PRO A 56 -9.47 3.09 -4.64
N THR A 57 -10.24 4.09 -4.19
CA THR A 57 -10.18 5.42 -4.78
C THR A 57 -8.77 5.99 -4.71
N SER A 58 -7.99 5.53 -3.73
CA SER A 58 -6.62 6.01 -3.55
C SER A 58 -5.73 5.51 -4.69
N CYS A 59 -6.17 4.46 -5.37
CA CYS A 59 -5.42 3.89 -6.48
C CYS A 59 -5.36 4.86 -7.66
N SER A 60 -6.33 5.77 -7.71
CA SER A 60 -6.40 6.76 -8.78
C SER A 60 -6.51 8.17 -8.22
N LYS A 61 -6.00 9.15 -8.97
CA LYS A 61 -6.04 10.54 -8.55
C LYS A 61 -6.04 11.47 -9.76
N ASP A 62 -6.79 12.56 -9.66
CA ASP A 62 -6.86 13.54 -10.74
C ASP A 62 -7.25 12.85 -12.05
N GLY A 63 -7.97 11.75 -11.95
CA GLY A 63 -8.39 11.01 -13.14
C GLY A 63 -7.27 10.19 -13.73
N VAL A 64 -6.32 9.78 -12.90
CA VAL A 64 -5.19 8.98 -13.35
C VAL A 64 -5.09 7.68 -12.56
N GLN A 65 -4.48 6.67 -13.18
CA GLN A 65 -4.31 5.37 -12.53
C GLN A 65 -2.86 5.12 -12.16
N PHE A 66 -2.65 4.57 -10.97
CA PHE A 66 -1.30 4.28 -10.49
C PHE A 66 -0.91 2.83 -10.79
N THR A 67 -0.37 2.60 -11.98
CA THR A 67 0.03 1.27 -12.38
C THR A 67 1.27 0.80 -11.61
N GLU A 68 1.88 1.73 -10.88
CA GLU A 68 3.07 1.43 -10.10
C GLU A 68 2.69 0.78 -8.77
N GLY A 69 3.51 -0.16 -8.32
CA GLY A 69 3.25 -0.85 -7.06
C GLY A 69 3.59 0.00 -5.86
N CYS A 70 3.36 -0.53 -4.67
CA CYS A 70 3.63 0.18 -3.43
C CYS A 70 4.96 -0.26 -2.83
N ILE A 71 5.16 -1.58 -2.78
CA ILE A 71 6.39 -2.14 -2.22
C ILE A 71 7.62 -1.56 -2.92
N LYS A 72 7.54 -1.43 -4.23
CA LYS A 72 8.65 -0.88 -5.01
C LYS A 72 8.83 0.61 -4.73
N LYS A 73 7.72 1.31 -4.53
CA LYS A 73 7.76 2.73 -4.25
C LYS A 73 8.39 3.00 -2.89
N VAL A 74 7.97 2.23 -1.89
CA VAL A 74 8.51 2.39 -0.53
C VAL A 74 9.97 1.97 -0.47
N SER A 75 10.33 0.94 -1.23
CA SER A 75 11.69 0.44 -1.26
C SER A 75 12.63 1.45 -1.91
N ASP A 76 12.12 2.14 -2.93
CA ASP A 76 12.91 3.13 -3.65
C ASP A 76 13.34 4.26 -2.71
N LEU A 77 12.37 4.84 -2.01
CA LEU A 77 12.65 5.93 -1.08
C LEU A 77 13.34 5.42 0.18
N SER A 78 13.04 4.16 0.54
CA SER A 78 13.64 3.56 1.72
C SER A 78 15.16 3.53 1.61
N LYS A 79 15.67 2.90 0.55
CA LYS A 79 17.11 2.80 0.33
C LYS A 79 17.69 4.17 0.00
N ALA A 80 16.87 5.04 -0.59
CA ALA A 80 17.30 6.38 -0.97
C ALA A 80 17.39 7.28 0.26
N HIS A 81 18.31 8.26 0.21
CA HIS A 81 18.48 9.19 1.32
C HIS A 81 18.88 10.57 0.80
N GLY A 1 -1.13 -8.04 21.34
CA GLY A 1 0.31 -8.15 21.22
C GLY A 1 1.05 -7.25 22.19
N SER A 2 1.41 -6.05 21.73
CA SER A 2 2.13 -5.11 22.57
C SER A 2 3.28 -5.78 23.30
N ASN A 3 4.09 -6.52 22.55
CA ASN A 3 5.24 -7.23 23.13
C ASN A 3 6.55 -6.57 22.73
N GLU A 4 6.50 -5.26 22.47
CA GLU A 4 7.67 -4.51 22.07
C GLU A 4 8.33 -5.13 20.84
N LYS A 5 7.59 -5.18 19.75
CA LYS A 5 8.09 -5.75 18.51
C LYS A 5 8.23 -4.69 17.43
N PRO A 6 9.46 -4.15 17.28
CA PRO A 6 9.76 -3.12 16.29
C PRO A 6 9.70 -3.65 14.86
N LYS A 7 9.75 -2.74 13.90
CA LYS A 7 9.70 -3.11 12.48
C LYS A 7 10.88 -2.52 11.73
N VAL A 8 11.23 -3.12 10.60
CA VAL A 8 12.34 -2.64 9.78
C VAL A 8 11.83 -1.95 8.52
N LYS A 9 12.58 -0.96 8.05
CA LYS A 9 12.21 -0.22 6.85
C LYS A 9 12.02 -1.16 5.67
N LYS A 10 12.85 -2.20 5.61
CA LYS A 10 12.79 -3.18 4.53
C LYS A 10 11.70 -4.22 4.81
N HIS A 11 11.35 -4.38 6.08
CA HIS A 11 10.32 -5.34 6.47
C HIS A 11 8.93 -4.83 6.09
N ILE A 12 8.83 -3.54 5.82
CA ILE A 12 7.55 -2.94 5.44
C ILE A 12 6.90 -3.71 4.31
N THR A 13 7.72 -4.32 3.46
CA THR A 13 7.22 -5.09 2.33
C THR A 13 6.20 -6.12 2.79
N SER A 14 6.46 -6.74 3.93
CA SER A 14 5.57 -7.75 4.48
C SER A 14 4.28 -7.13 4.99
N ALA A 15 4.41 -5.98 5.64
CA ALA A 15 3.25 -5.27 6.17
C ALA A 15 2.32 -4.81 5.06
N LEU A 16 2.90 -4.34 3.97
CA LEU A 16 2.12 -3.86 2.83
C LEU A 16 1.30 -5.00 2.22
N LYS A 17 1.95 -6.14 2.01
CA LYS A 17 1.27 -7.31 1.45
C LYS A 17 0.03 -7.67 2.25
N LYS A 18 0.11 -7.48 3.56
CA LYS A 18 -1.00 -7.78 4.46
C LYS A 18 -2.06 -6.68 4.40
N LEU A 19 -1.61 -5.44 4.24
CA LEU A 19 -2.51 -4.30 4.17
C LEU A 19 -3.48 -4.45 3.00
N VAL A 20 -2.95 -4.67 1.81
CA VAL A 20 -3.77 -4.84 0.62
C VAL A 20 -4.71 -6.02 0.76
N ASP A 21 -4.31 -7.00 1.56
CA ASP A 21 -5.13 -8.20 1.79
C ASP A 21 -6.22 -7.91 2.80
N LYS A 22 -5.91 -7.09 3.79
CA LYS A 22 -6.86 -6.74 4.84
C LYS A 22 -7.52 -5.40 4.55
N TYR A 23 -7.52 -5.01 3.28
CA TYR A 23 -8.12 -3.74 2.86
C TYR A 23 -9.61 -3.71 3.20
N ARG A 24 -10.30 -4.80 2.92
CA ARG A 24 -11.73 -4.89 3.19
C ARG A 24 -11.98 -5.49 4.58
N ASN A 25 -10.90 -5.69 5.33
CA ASN A 25 -11.00 -6.25 6.68
C ASN A 25 -11.18 -5.15 7.71
N ASP A 26 -10.46 -4.05 7.54
CA ASP A 26 -10.55 -2.92 8.46
C ASP A 26 -10.80 -1.62 7.70
N GLU A 27 -11.79 -0.86 8.16
CA GLU A 27 -12.13 0.41 7.52
C GLU A 27 -10.99 1.40 7.64
N HIS A 28 -10.22 1.28 8.72
CA HIS A 28 -9.09 2.19 8.96
C HIS A 28 -7.98 1.93 7.95
N VAL A 29 -7.88 0.70 7.48
CA VAL A 29 -6.86 0.32 6.51
C VAL A 29 -7.17 0.91 5.13
N ARG A 30 -8.45 1.03 4.82
CA ARG A 30 -8.88 1.58 3.54
C ARG A 30 -8.44 3.03 3.40
N LYS A 31 -8.81 3.85 4.37
CA LYS A 31 -8.45 5.27 4.35
C LYS A 31 -6.94 5.45 4.38
N VAL A 32 -6.26 4.57 5.10
CA VAL A 32 -4.81 4.63 5.20
C VAL A 32 -4.14 4.27 3.88
N PHE A 33 -4.47 3.08 3.36
CA PHE A 33 -3.91 2.61 2.10
C PHE A 33 -4.33 3.52 0.96
N ASP A 34 -5.50 4.14 1.09
CA ASP A 34 -6.02 5.03 0.06
C ASP A 34 -5.15 6.27 -0.07
N GLU A 35 -4.85 6.90 1.07
CA GLU A 35 -4.02 8.09 1.08
C GLU A 35 -2.59 7.78 0.65
N ILE A 36 -2.09 6.63 1.08
CA ILE A 36 -0.73 6.22 0.74
C ILE A 36 -0.63 5.84 -0.73
N GLN A 37 -1.68 5.20 -1.26
CA GLN A 37 -1.70 4.79 -2.65
C GLN A 37 -1.66 6.01 -3.58
N GLN A 38 -2.36 7.06 -3.19
CA GLN A 38 -2.40 8.29 -3.98
C GLN A 38 -1.08 9.03 -3.92
N LYS A 39 -0.64 9.36 -2.70
CA LYS A 39 0.62 10.07 -2.50
C LYS A 39 1.77 9.31 -3.14
N LEU A 40 1.68 7.99 -3.13
CA LEU A 40 2.73 7.14 -3.71
C LEU A 40 2.41 6.80 -5.16
N HIS A 41 1.21 7.20 -5.61
CA HIS A 41 0.79 6.93 -6.98
C HIS A 41 0.96 5.46 -7.33
N CYS A 42 0.50 4.59 -6.44
CA CYS A 42 0.60 3.15 -6.66
C CYS A 42 -0.69 2.45 -6.25
N CYS A 43 -0.81 1.18 -6.63
CA CYS A 43 -2.00 0.39 -6.32
C CYS A 43 -1.62 -0.87 -5.55
N GLY A 44 -2.51 -1.30 -4.65
CA GLY A 44 -2.25 -2.49 -3.87
C GLY A 44 -0.89 -2.47 -3.20
N ALA A 45 -0.51 -3.60 -2.61
CA ALA A 45 0.78 -3.70 -1.93
C ALA A 45 1.93 -3.82 -2.94
N ASP A 46 1.92 -4.92 -3.69
CA ASP A 46 2.96 -5.16 -4.69
C ASP A 46 2.42 -4.93 -6.10
N SER A 47 1.09 -4.93 -6.22
CA SER A 47 0.45 -4.73 -7.52
C SER A 47 -1.05 -4.51 -7.35
N PRO A 48 -1.68 -3.94 -8.38
CA PRO A 48 -3.12 -3.66 -8.38
C PRO A 48 -3.96 -4.93 -8.45
N LYS A 49 -3.36 -6.00 -8.97
CA LYS A 49 -4.05 -7.28 -9.10
C LYS A 49 -4.41 -7.84 -7.72
N ASP A 50 -3.78 -7.29 -6.68
CA ASP A 50 -4.04 -7.74 -5.32
C ASP A 50 -5.51 -7.57 -4.97
N TYR A 51 -6.14 -6.56 -5.55
CA TYR A 51 -7.57 -6.29 -5.30
C TYR A 51 -8.45 -7.15 -6.20
N GLY A 52 -7.89 -7.58 -7.33
CA GLY A 52 -8.64 -8.42 -8.25
C GLY A 52 -8.92 -7.70 -9.57
N GLU A 53 -10.14 -7.19 -9.71
CA GLU A 53 -10.53 -6.48 -10.93
C GLU A 53 -11.37 -5.26 -10.59
N ASN A 54 -11.13 -4.66 -9.43
CA ASN A 54 -11.86 -3.48 -9.00
C ASN A 54 -11.14 -2.79 -7.85
N PRO A 55 -10.04 -2.08 -8.18
CA PRO A 55 -9.24 -1.35 -7.19
C PRO A 55 -9.97 -0.14 -6.64
N PRO A 56 -9.43 0.43 -5.55
CA PRO A 56 -10.02 1.61 -4.90
C PRO A 56 -9.89 2.87 -5.75
N THR A 57 -10.72 3.86 -5.45
CA THR A 57 -10.69 5.12 -6.19
C THR A 57 -9.33 5.78 -6.12
N SER A 58 -8.61 5.52 -5.03
CA SER A 58 -7.28 6.10 -4.82
C SER A 58 -6.29 5.52 -5.82
N CYS A 59 -6.62 4.36 -6.37
CA CYS A 59 -5.76 3.69 -7.35
C CYS A 59 -5.63 4.53 -8.62
N SER A 60 -6.58 5.43 -8.82
CA SER A 60 -6.57 6.29 -10.00
C SER A 60 -6.61 7.76 -9.61
N LYS A 61 -6.30 8.63 -10.57
CA LYS A 61 -6.29 10.07 -10.32
C LYS A 61 -6.30 10.85 -11.63
N ASP A 62 -7.22 11.80 -11.74
CA ASP A 62 -7.33 12.61 -12.95
C ASP A 62 -7.66 11.75 -14.16
N GLY A 63 -8.32 10.63 -13.92
CA GLY A 63 -8.68 9.73 -15.00
C GLY A 63 -7.53 8.85 -15.44
N VAL A 64 -6.56 8.67 -14.55
CA VAL A 64 -5.39 7.84 -14.85
C VAL A 64 -5.25 6.71 -13.83
N GLN A 65 -4.65 5.61 -14.26
CA GLN A 65 -4.46 4.45 -13.40
C GLN A 65 -2.98 4.28 -13.04
N PHE A 66 -2.72 3.96 -11.78
CA PHE A 66 -1.35 3.78 -11.30
C PHE A 66 -0.92 2.32 -11.46
N THR A 67 -0.16 2.04 -12.50
CA THR A 67 0.32 0.69 -12.77
C THR A 67 1.67 0.45 -12.11
N GLU A 68 1.79 0.85 -10.85
CA GLU A 68 3.03 0.68 -10.09
C GLU A 68 2.76 0.15 -8.69
N GLY A 69 3.66 -0.68 -8.19
CA GLY A 69 3.50 -1.25 -6.87
C GLY A 69 3.77 -0.24 -5.77
N CYS A 70 3.56 -0.64 -4.52
CA CYS A 70 3.78 0.24 -3.38
C CYS A 70 5.04 -0.17 -2.62
N ILE A 71 5.25 -1.48 -2.49
CA ILE A 71 6.42 -2.00 -1.79
C ILE A 71 7.70 -1.41 -2.35
N LYS A 72 7.70 -1.10 -3.64
CA LYS A 72 8.86 -0.53 -4.29
C LYS A 72 8.91 0.98 -4.10
N LYS A 73 7.75 1.63 -4.21
CA LYS A 73 7.67 3.08 -4.04
C LYS A 73 8.06 3.48 -2.62
N VAL A 74 7.46 2.83 -1.63
CA VAL A 74 7.76 3.13 -0.24
C VAL A 74 9.24 2.97 0.05
N SER A 75 9.80 1.84 -0.34
CA SER A 75 11.23 1.57 -0.12
C SER A 75 12.08 2.69 -0.70
N ASP A 76 11.69 3.19 -1.86
CA ASP A 76 12.42 4.27 -2.52
C ASP A 76 12.66 5.43 -1.56
N LEU A 77 11.58 5.94 -0.98
CA LEU A 77 11.67 7.05 -0.04
C LEU A 77 12.19 6.59 1.32
N SER A 78 12.00 5.30 1.61
CA SER A 78 12.44 4.72 2.87
C SER A 78 13.97 4.70 2.95
N LYS A 79 14.62 4.54 1.80
CA LYS A 79 16.08 4.50 1.74
C LYS A 79 16.64 5.90 1.59
N ALA A 80 15.85 6.81 1.02
CA ALA A 80 16.28 8.18 0.82
C ALA A 80 16.80 8.80 2.12
N HIS A 81 17.93 9.47 2.04
CA HIS A 81 18.53 10.10 3.21
C HIS A 81 18.80 11.58 2.96
N GLY A 1 -4.45 -7.70 23.47
CA GLY A 1 -4.00 -6.80 22.42
C GLY A 1 -2.50 -6.55 22.46
N SER A 2 -1.76 -7.50 23.01
CA SER A 2 -0.32 -7.38 23.13
C SER A 2 0.36 -7.55 21.77
N ASN A 3 0.89 -6.46 21.24
CA ASN A 3 1.56 -6.48 19.94
C ASN A 3 3.01 -6.04 20.07
N GLU A 4 3.92 -6.99 19.99
CA GLU A 4 5.35 -6.70 20.10
C GLU A 4 6.06 -6.91 18.76
N LYS A 5 5.43 -6.41 17.69
CA LYS A 5 6.00 -6.54 16.36
C LYS A 5 6.36 -5.17 15.78
N PRO A 6 7.64 -4.79 15.91
CA PRO A 6 8.14 -3.51 15.41
C PRO A 6 8.17 -3.45 13.88
N LYS A 7 8.40 -2.26 13.34
CA LYS A 7 8.46 -2.07 11.90
C LYS A 7 9.86 -1.67 11.46
N VAL A 8 10.17 -1.91 10.19
CA VAL A 8 11.49 -1.58 9.64
C VAL A 8 11.37 -1.11 8.20
N LYS A 9 12.28 -0.23 7.80
CA LYS A 9 12.29 0.31 6.44
C LYS A 9 12.26 -0.83 5.42
N LYS A 10 12.85 -1.95 5.77
CA LYS A 10 12.90 -3.12 4.90
C LYS A 10 11.73 -4.06 5.17
N HIS A 11 11.22 -4.02 6.40
CA HIS A 11 10.10 -4.86 6.79
C HIS A 11 8.80 -4.35 6.19
N ILE A 12 8.76 -3.05 5.89
CA ILE A 12 7.57 -2.44 5.32
C ILE A 12 7.09 -3.22 4.10
N THR A 13 8.03 -3.85 3.39
CA THR A 13 7.70 -4.62 2.20
C THR A 13 6.64 -5.67 2.50
N SER A 14 6.89 -6.47 3.54
CA SER A 14 5.95 -7.52 3.93
C SER A 14 4.70 -6.93 4.56
N ALA A 15 4.88 -5.86 5.32
CA ALA A 15 3.76 -5.20 5.98
C ALA A 15 2.72 -4.75 4.96
N LEU A 16 3.17 -4.16 3.87
CA LEU A 16 2.28 -3.68 2.81
C LEU A 16 1.45 -4.83 2.26
N LYS A 17 2.09 -5.96 2.02
CA LYS A 17 1.41 -7.14 1.48
C LYS A 17 0.22 -7.51 2.36
N LYS A 18 0.36 -7.30 3.66
CA LYS A 18 -0.70 -7.62 4.62
C LYS A 18 -1.78 -6.55 4.60
N LEU A 19 -1.37 -5.30 4.40
CA LEU A 19 -2.30 -4.18 4.36
C LEU A 19 -3.34 -4.37 3.26
N VAL A 20 -2.86 -4.61 2.05
CA VAL A 20 -3.76 -4.81 0.91
C VAL A 20 -4.65 -6.02 1.13
N ASP A 21 -4.17 -6.98 1.90
CA ASP A 21 -4.93 -8.20 2.19
C ASP A 21 -5.98 -7.93 3.27
N LYS A 22 -5.65 -7.07 4.22
CA LYS A 22 -6.57 -6.73 5.31
C LYS A 22 -7.27 -5.41 5.02
N TYR A 23 -7.33 -5.04 3.75
CA TYR A 23 -7.98 -3.80 3.34
C TYR A 23 -9.48 -3.84 3.63
N ARG A 24 -10.10 -4.97 3.31
CA ARG A 24 -11.53 -5.15 3.55
C ARG A 24 -11.79 -5.76 4.92
N ASN A 25 -10.76 -5.78 5.76
CA ASN A 25 -10.88 -6.34 7.10
C ASN A 25 -10.95 -5.23 8.14
N ASP A 26 -10.15 -4.19 7.95
CA ASP A 26 -10.12 -3.07 8.88
C ASP A 26 -10.43 -1.76 8.15
N GLU A 27 -11.39 -1.01 8.67
CA GLU A 27 -11.78 0.27 8.08
C GLU A 27 -10.64 1.26 8.14
N HIS A 28 -9.96 1.31 9.28
CA HIS A 28 -8.85 2.23 9.47
C HIS A 28 -7.76 1.99 8.43
N VAL A 29 -7.64 0.74 7.98
CA VAL A 29 -6.64 0.37 6.98
C VAL A 29 -7.01 0.93 5.61
N ARG A 30 -8.31 0.99 5.33
CA ARG A 30 -8.78 1.50 4.06
C ARG A 30 -8.41 2.97 3.88
N LYS A 31 -8.78 3.79 4.86
CA LYS A 31 -8.48 5.22 4.80
C LYS A 31 -6.97 5.46 4.78
N VAL A 32 -6.24 4.61 5.48
CA VAL A 32 -4.78 4.73 5.54
C VAL A 32 -4.15 4.35 4.20
N PHE A 33 -4.55 3.22 3.66
CA PHE A 33 -4.02 2.74 2.38
C PHE A 33 -4.52 3.62 1.23
N ASP A 34 -5.65 4.28 1.44
CA ASP A 34 -6.24 5.15 0.44
C ASP A 34 -5.40 6.42 0.26
N GLU A 35 -5.08 7.06 1.38
CA GLU A 35 -4.28 8.28 1.35
C GLU A 35 -2.86 8.00 0.87
N ILE A 36 -2.31 6.87 1.29
CA ILE A 36 -0.96 6.48 0.90
C ILE A 36 -0.90 6.15 -0.59
N GLN A 37 -1.75 5.22 -1.02
CA GLN A 37 -1.79 4.82 -2.42
C GLN A 37 -1.81 6.03 -3.34
N GLN A 38 -2.50 7.08 -2.91
CA GLN A 38 -2.60 8.30 -3.70
C GLN A 38 -1.30 9.09 -3.64
N LYS A 39 -0.91 9.50 -2.44
CA LYS A 39 0.32 10.27 -2.25
C LYS A 39 1.50 9.55 -2.88
N LEU A 40 1.42 8.22 -2.94
CA LEU A 40 2.50 7.43 -3.52
C LEU A 40 2.22 7.12 -4.99
N HIS A 41 0.97 7.29 -5.40
CA HIS A 41 0.58 7.04 -6.78
C HIS A 41 0.78 5.58 -7.15
N CYS A 42 0.30 4.69 -6.29
CA CYS A 42 0.43 3.25 -6.52
C CYS A 42 -0.86 2.53 -6.18
N CYS A 43 -0.93 1.24 -6.53
CA CYS A 43 -2.12 0.43 -6.25
C CYS A 43 -1.76 -0.80 -5.43
N GLY A 44 -2.66 -1.19 -4.55
CA GLY A 44 -2.43 -2.35 -3.70
C GLY A 44 -1.09 -2.30 -3.00
N ALA A 45 -0.64 -3.44 -2.50
CA ALA A 45 0.64 -3.52 -1.81
C ALA A 45 1.80 -3.63 -2.80
N ASP A 46 1.86 -4.74 -3.51
CA ASP A 46 2.91 -4.98 -4.49
C ASP A 46 2.37 -4.83 -5.91
N SER A 47 1.05 -4.80 -6.03
CA SER A 47 0.41 -4.67 -7.34
C SER A 47 -1.10 -4.43 -7.19
N PRO A 48 -1.73 -3.90 -8.25
CA PRO A 48 -3.16 -3.61 -8.26
C PRO A 48 -4.00 -4.88 -8.25
N LYS A 49 -3.44 -5.97 -8.76
CA LYS A 49 -4.14 -7.25 -8.81
C LYS A 49 -4.45 -7.76 -7.40
N ASP A 50 -3.75 -7.21 -6.42
CA ASP A 50 -3.94 -7.62 -5.03
C ASP A 50 -5.41 -7.46 -4.62
N TYR A 51 -6.11 -6.57 -5.31
CA TYR A 51 -7.52 -6.32 -5.01
C TYR A 51 -8.42 -7.18 -5.90
N GLY A 52 -7.87 -7.64 -7.02
CA GLY A 52 -8.63 -8.47 -7.93
C GLY A 52 -8.82 -7.82 -9.28
N GLU A 53 -9.92 -7.11 -9.46
CA GLU A 53 -10.22 -6.44 -10.72
C GLU A 53 -11.00 -5.16 -10.48
N ASN A 54 -10.94 -4.65 -9.26
CA ASN A 54 -11.65 -3.42 -8.90
C ASN A 54 -11.02 -2.76 -7.68
N PRO A 55 -9.86 -2.12 -7.88
CA PRO A 55 -9.14 -1.45 -6.81
C PRO A 55 -9.86 -0.19 -6.32
N PRO A 56 -9.41 0.35 -5.19
CA PRO A 56 -10.00 1.56 -4.60
C PRO A 56 -9.70 2.81 -5.42
N THR A 57 -10.50 3.86 -5.21
CA THR A 57 -10.33 5.11 -5.93
C THR A 57 -8.91 5.64 -5.77
N SER A 58 -8.26 5.27 -4.67
CA SER A 58 -6.90 5.71 -4.40
C SER A 58 -5.93 5.17 -5.44
N CYS A 59 -6.37 4.17 -6.19
CA CYS A 59 -5.54 3.56 -7.22
C CYS A 59 -5.51 4.42 -8.47
N SER A 60 -6.53 5.25 -8.64
CA SER A 60 -6.61 6.14 -9.79
C SER A 60 -6.70 7.60 -9.36
N LYS A 61 -6.40 8.51 -10.28
CA LYS A 61 -6.44 9.94 -9.99
C LYS A 61 -6.52 10.75 -11.27
N ASP A 62 -7.45 11.71 -11.32
CA ASP A 62 -7.61 12.56 -12.48
C ASP A 62 -7.95 11.73 -13.72
N GLY A 63 -8.58 10.58 -13.49
CA GLY A 63 -8.95 9.70 -14.59
C GLY A 63 -7.77 8.89 -15.11
N VAL A 64 -6.79 8.66 -14.24
CA VAL A 64 -5.61 7.89 -14.62
C VAL A 64 -5.40 6.71 -13.67
N GLN A 65 -4.72 5.68 -14.16
CA GLN A 65 -4.45 4.49 -13.36
C GLN A 65 -2.97 4.39 -13.02
N PHE A 66 -2.68 4.04 -11.77
CA PHE A 66 -1.30 3.91 -11.31
C PHE A 66 -0.79 2.49 -11.51
N THR A 67 0.06 2.31 -12.53
CA THR A 67 0.62 1.00 -12.84
C THR A 67 1.93 0.79 -12.10
N GLU A 68 1.94 1.11 -10.81
CA GLU A 68 3.14 0.95 -10.00
C GLU A 68 2.78 0.46 -8.59
N GLY A 69 3.58 -0.48 -8.08
CA GLY A 69 3.32 -1.01 -6.75
C GLY A 69 3.68 -0.03 -5.65
N CYS A 70 3.35 -0.39 -4.41
CA CYS A 70 3.64 0.47 -3.27
C CYS A 70 4.93 0.03 -2.58
N ILE A 71 5.10 -1.28 -2.44
CA ILE A 71 6.30 -1.82 -1.80
C ILE A 71 7.57 -1.35 -2.50
N LYS A 72 7.49 -1.21 -3.82
CA LYS A 72 8.63 -0.75 -4.61
C LYS A 72 8.79 0.75 -4.53
N LYS A 73 7.67 1.46 -4.47
CA LYS A 73 7.68 2.91 -4.39
C LYS A 73 8.25 3.38 -3.06
N VAL A 74 7.82 2.73 -1.97
CA VAL A 74 8.30 3.08 -0.64
C VAL A 74 9.79 2.78 -0.50
N SER A 75 10.24 1.70 -1.13
CA SER A 75 11.64 1.31 -1.06
C SER A 75 12.52 2.28 -1.86
N ASP A 76 11.97 2.80 -2.95
CA ASP A 76 12.70 3.74 -3.79
C ASP A 76 13.00 5.03 -3.04
N LEU A 77 11.97 5.61 -2.43
CA LEU A 77 12.12 6.84 -1.67
C LEU A 77 12.87 6.60 -0.38
N SER A 78 12.66 5.42 0.21
CA SER A 78 13.31 5.06 1.46
C SER A 78 14.82 4.97 1.28
N LYS A 79 15.25 4.13 0.34
CA LYS A 79 16.67 3.95 0.06
C LYS A 79 17.28 5.23 -0.49
N ALA A 80 16.45 6.05 -1.15
CA ALA A 80 16.92 7.30 -1.73
C ALA A 80 17.16 8.34 -0.64
N HIS A 81 18.26 9.07 -0.76
CA HIS A 81 18.61 10.10 0.21
C HIS A 81 19.54 11.15 -0.40
N GLY A 1 -1.45 -9.67 19.67
CA GLY A 1 -0.77 -10.69 20.45
C GLY A 1 0.65 -10.30 20.79
N SER A 2 1.25 -11.03 21.73
CA SER A 2 2.62 -10.76 22.16
C SER A 2 3.60 -11.07 21.03
N ASN A 3 4.47 -10.10 20.74
CA ASN A 3 5.46 -10.26 19.68
C ASN A 3 6.59 -9.25 19.84
N GLU A 4 7.81 -9.69 19.57
CA GLU A 4 8.98 -8.81 19.67
C GLU A 4 9.46 -8.36 18.30
N LYS A 5 8.50 -7.96 17.45
CA LYS A 5 8.82 -7.50 16.11
C LYS A 5 8.58 -5.99 15.98
N PRO A 6 9.66 -5.21 16.13
CA PRO A 6 9.58 -3.75 16.03
C PRO A 6 9.32 -3.28 14.60
N LYS A 7 9.02 -1.99 14.46
CA LYS A 7 8.75 -1.41 13.14
C LYS A 7 10.03 -0.88 12.51
N VAL A 8 10.17 -1.09 11.20
CA VAL A 8 11.34 -0.61 10.48
C VAL A 8 10.96 -0.08 9.11
N LYS A 9 11.72 0.90 8.62
CA LYS A 9 11.46 1.50 7.32
C LYS A 9 11.38 0.43 6.24
N LYS A 10 12.13 -0.65 6.42
CA LYS A 10 12.15 -1.74 5.46
C LYS A 10 11.04 -2.75 5.77
N HIS A 11 10.73 -2.90 7.05
CA HIS A 11 9.70 -3.83 7.48
C HIS A 11 8.36 -3.49 6.86
N ILE A 12 8.21 -2.23 6.47
CA ILE A 12 6.97 -1.77 5.85
C ILE A 12 6.56 -2.67 4.68
N THR A 13 7.55 -3.26 4.02
CA THR A 13 7.31 -4.15 2.89
C THR A 13 6.28 -5.20 3.24
N SER A 14 6.49 -5.88 4.37
CA SER A 14 5.59 -6.93 4.82
C SER A 14 4.26 -6.34 5.28
N ALA A 15 4.34 -5.31 6.13
CA ALA A 15 3.14 -4.65 6.64
C ALA A 15 2.21 -4.25 5.51
N LEU A 16 2.77 -3.69 4.44
CA LEU A 16 1.98 -3.26 3.30
C LEU A 16 1.21 -4.43 2.69
N LYS A 17 1.90 -5.55 2.50
CA LYS A 17 1.27 -6.74 1.94
C LYS A 17 0.04 -7.15 2.75
N LYS A 18 0.11 -6.93 4.06
CA LYS A 18 -1.01 -7.27 4.95
C LYS A 18 -2.08 -6.19 4.90
N LEU A 19 -1.67 -4.95 4.74
CA LEU A 19 -2.60 -3.83 4.67
C LEU A 19 -3.65 -4.06 3.58
N VAL A 20 -3.19 -4.32 2.37
CA VAL A 20 -4.09 -4.57 1.25
C VAL A 20 -5.10 -5.66 1.59
N ASP A 21 -4.71 -6.57 2.46
CA ASP A 21 -5.58 -7.66 2.88
C ASP A 21 -6.59 -7.19 3.92
N LYS A 22 -6.17 -6.27 4.77
CA LYS A 22 -7.03 -5.74 5.82
C LYS A 22 -7.82 -4.53 5.31
N TYR A 23 -7.74 -4.29 4.01
CA TYR A 23 -8.44 -3.15 3.40
C TYR A 23 -9.95 -3.26 3.63
N ARG A 24 -10.48 -4.47 3.43
CA ARG A 24 -11.92 -4.70 3.61
C ARG A 24 -12.21 -5.16 5.03
N ASN A 25 -11.23 -5.01 5.92
CA ASN A 25 -11.39 -5.40 7.31
C ASN A 25 -11.56 -4.17 8.21
N ASP A 26 -10.78 -3.13 7.93
CA ASP A 26 -10.84 -1.90 8.71
C ASP A 26 -11.00 -0.69 7.79
N GLU A 27 -12.01 0.14 8.09
CA GLU A 27 -12.27 1.33 7.30
C GLU A 27 -11.09 2.30 7.35
N HIS A 28 -10.41 2.31 8.50
CA HIS A 28 -9.25 3.19 8.69
C HIS A 28 -8.13 2.83 7.72
N VAL A 29 -8.04 1.55 7.37
CA VAL A 29 -7.01 1.08 6.45
C VAL A 29 -7.28 1.54 5.03
N ARG A 30 -8.57 1.64 4.68
CA ARG A 30 -8.96 2.07 3.35
C ARG A 30 -8.54 3.52 3.10
N LYS A 31 -8.95 4.41 3.99
CA LYS A 31 -8.62 5.82 3.87
C LYS A 31 -7.10 6.04 3.89
N VAL A 32 -6.41 5.21 4.67
CA VAL A 32 -4.95 5.30 4.78
C VAL A 32 -4.28 4.81 3.50
N PHE A 33 -4.60 3.58 3.11
CA PHE A 33 -4.01 2.99 1.91
C PHE A 33 -4.42 3.78 0.66
N ASP A 34 -5.57 4.44 0.75
CA ASP A 34 -6.08 5.24 -0.36
C ASP A 34 -5.23 6.49 -0.56
N GLU A 35 -4.98 7.22 0.53
CA GLU A 35 -4.18 8.43 0.47
C GLU A 35 -2.73 8.13 0.11
N ILE A 36 -2.22 7.03 0.65
CA ILE A 36 -0.84 6.62 0.38
C ILE A 36 -0.67 6.14 -1.05
N GLN A 37 -1.71 5.49 -1.58
CA GLN A 37 -1.68 4.98 -2.94
C GLN A 37 -1.64 6.11 -3.95
N GLN A 38 -2.37 7.19 -3.66
CA GLN A 38 -2.40 8.35 -4.53
C GLN A 38 -1.10 9.15 -4.45
N LYS A 39 -0.76 9.56 -3.24
CA LYS A 39 0.47 10.33 -3.02
C LYS A 39 1.68 9.61 -3.60
N LEU A 40 1.64 8.28 -3.57
CA LEU A 40 2.73 7.46 -4.08
C LEU A 40 2.48 7.07 -5.54
N HIS A 41 1.25 7.28 -6.00
CA HIS A 41 0.88 6.95 -7.37
C HIS A 41 1.02 5.46 -7.63
N CYS A 42 0.79 4.66 -6.60
CA CYS A 42 0.89 3.21 -6.71
C CYS A 42 -0.43 2.54 -6.34
N CYS A 43 -0.58 1.28 -6.73
CA CYS A 43 -1.79 0.53 -6.44
C CYS A 43 -1.47 -0.75 -5.67
N GLY A 44 -2.32 -1.08 -4.70
CA GLY A 44 -2.12 -2.27 -3.90
C GLY A 44 -0.78 -2.27 -3.19
N ALA A 45 -0.56 -3.25 -2.33
CA ALA A 45 0.69 -3.35 -1.57
C ALA A 45 1.84 -3.78 -2.48
N ASP A 46 1.75 -4.99 -3.02
CA ASP A 46 2.79 -5.51 -3.90
C ASP A 46 2.30 -5.53 -5.35
N SER A 47 1.02 -5.29 -5.54
CA SER A 47 0.43 -5.29 -6.88
C SER A 47 -1.06 -4.96 -6.81
N PRO A 48 -1.62 -4.55 -7.96
CA PRO A 48 -3.05 -4.19 -8.06
C PRO A 48 -3.96 -5.42 -7.95
N LYS A 49 -3.44 -6.57 -8.37
CA LYS A 49 -4.21 -7.81 -8.31
C LYS A 49 -4.62 -8.14 -6.89
N ASP A 50 -3.90 -7.55 -5.92
CA ASP A 50 -4.19 -7.78 -4.51
C ASP A 50 -5.66 -7.48 -4.21
N TYR A 51 -6.23 -6.53 -4.94
CA TYR A 51 -7.63 -6.16 -4.74
C TYR A 51 -8.56 -7.10 -5.52
N GLY A 52 -8.03 -7.71 -6.57
CA GLY A 52 -8.82 -8.61 -7.38
C GLY A 52 -9.09 -8.07 -8.77
N GLU A 53 -10.32 -7.61 -9.00
CA GLU A 53 -10.71 -7.06 -10.28
C GLU A 53 -11.47 -5.75 -10.11
N ASN A 54 -11.32 -5.12 -8.95
CA ASN A 54 -12.00 -3.87 -8.66
C ASN A 54 -11.29 -3.11 -7.54
N PRO A 55 -10.13 -2.52 -7.87
CA PRO A 55 -9.33 -1.76 -6.92
C PRO A 55 -9.99 -0.44 -6.53
N PRO A 56 -9.47 0.20 -5.48
CA PRO A 56 -9.99 1.47 -4.97
C PRO A 56 -9.73 2.62 -5.94
N THR A 57 -10.50 3.70 -5.79
CA THR A 57 -10.34 4.87 -6.64
C THR A 57 -8.95 5.49 -6.49
N SER A 58 -8.29 5.15 -5.40
CA SER A 58 -6.94 5.67 -5.13
C SER A 58 -5.92 5.05 -6.07
N CYS A 59 -6.25 3.89 -6.61
CA CYS A 59 -5.37 3.19 -7.53
C CYS A 59 -5.31 3.89 -8.89
N SER A 60 -6.31 4.72 -9.15
CA SER A 60 -6.38 5.45 -10.40
C SER A 60 -6.51 6.96 -10.16
N LYS A 61 -6.13 7.75 -11.15
CA LYS A 61 -6.20 9.20 -11.05
C LYS A 61 -6.22 9.85 -12.42
N ASP A 62 -7.05 10.88 -12.58
CA ASP A 62 -7.16 11.59 -13.85
C ASP A 62 -7.46 10.61 -14.99
N GLY A 63 -8.11 9.50 -14.65
CA GLY A 63 -8.44 8.51 -15.66
C GLY A 63 -7.27 7.64 -16.03
N VAL A 64 -6.32 7.49 -15.11
CA VAL A 64 -5.14 6.67 -15.34
C VAL A 64 -5.02 5.56 -14.31
N GLN A 65 -4.33 4.49 -14.68
CA GLN A 65 -4.14 3.35 -13.79
C GLN A 65 -2.69 3.20 -13.38
N PHE A 66 -2.44 3.14 -12.07
CA PHE A 66 -1.09 3.01 -11.56
C PHE A 66 -0.64 1.54 -11.57
N THR A 67 0.21 1.20 -12.53
CA THR A 67 0.71 -0.16 -12.65
C THR A 67 2.04 -0.33 -11.91
N GLU A 68 2.12 0.27 -10.73
CA GLU A 68 3.34 0.18 -9.92
C GLU A 68 3.00 -0.17 -8.47
N GLY A 69 3.73 -1.13 -7.92
CA GLY A 69 3.50 -1.55 -6.55
C GLY A 69 3.74 -0.43 -5.56
N CYS A 70 3.49 -0.71 -4.29
CA CYS A 70 3.69 0.28 -3.23
C CYS A 70 4.89 -0.08 -2.37
N ILE A 71 5.14 -1.36 -2.21
CA ILE A 71 6.26 -1.84 -1.40
C ILE A 71 7.59 -1.41 -2.01
N LYS A 72 7.61 -1.27 -3.33
CA LYS A 72 8.82 -0.86 -4.04
C LYS A 72 8.97 0.66 -4.03
N LYS A 73 7.84 1.36 -4.06
CA LYS A 73 7.84 2.82 -4.06
C LYS A 73 8.14 3.35 -2.66
N VAL A 74 7.41 2.86 -1.68
CA VAL A 74 7.60 3.29 -0.29
C VAL A 74 9.05 3.09 0.16
N SER A 75 9.65 1.99 -0.29
CA SER A 75 11.03 1.68 0.06
C SER A 75 12.00 2.58 -0.69
N ASP A 76 11.64 2.92 -1.92
CA ASP A 76 12.48 3.78 -2.75
C ASP A 76 12.69 5.14 -2.09
N LEU A 77 11.60 5.75 -1.65
CA LEU A 77 11.66 7.06 -1.00
C LEU A 77 12.20 6.93 0.43
N SER A 78 11.93 5.78 1.05
CA SER A 78 12.37 5.53 2.41
C SER A 78 13.90 5.52 2.49
N LYS A 79 14.54 4.87 1.52
CA LYS A 79 15.99 4.78 1.48
C LYS A 79 16.61 6.15 1.20
N ALA A 80 15.86 7.01 0.52
CA ALA A 80 16.32 8.34 0.19
C ALA A 80 16.40 9.22 1.45
N HIS A 81 17.43 10.05 1.51
CA HIS A 81 17.62 10.94 2.66
C HIS A 81 18.76 11.92 2.40
N GLY A 1 2.36 -15.91 14.08
CA GLY A 1 1.44 -16.38 15.10
C GLY A 1 1.59 -15.63 16.40
N SER A 2 2.25 -16.28 17.38
CA SER A 2 2.46 -15.66 18.69
C SER A 2 3.82 -15.02 18.77
N ASN A 3 3.89 -13.73 18.45
CA ASN A 3 5.15 -12.99 18.48
C ASN A 3 4.91 -11.50 18.29
N GLU A 4 5.74 -10.68 18.91
CA GLU A 4 5.62 -9.23 18.81
C GLU A 4 6.08 -8.75 17.43
N LYS A 5 5.49 -7.65 16.95
CA LYS A 5 5.84 -7.09 15.66
C LYS A 5 6.51 -5.74 15.82
N PRO A 6 7.86 -5.73 15.80
CA PRO A 6 8.65 -4.51 15.94
C PRO A 6 8.53 -3.60 14.73
N LYS A 7 9.03 -2.38 14.85
CA LYS A 7 8.98 -1.40 13.76
C LYS A 7 10.36 -1.21 13.14
N VAL A 8 10.43 -1.30 11.81
CA VAL A 8 11.69 -1.14 11.10
C VAL A 8 11.48 -0.44 9.76
N LYS A 9 12.46 0.36 9.35
CA LYS A 9 12.38 1.09 8.10
C LYS A 9 12.16 0.13 6.93
N LYS A 10 12.65 -1.09 7.07
CA LYS A 10 12.51 -2.10 6.03
C LYS A 10 11.25 -2.93 6.24
N HIS A 11 10.75 -2.93 7.47
CA HIS A 11 9.54 -3.68 7.81
C HIS A 11 8.36 -3.21 6.97
N ILE A 12 8.47 -2.00 6.44
CA ILE A 12 7.40 -1.43 5.62
C ILE A 12 7.00 -2.39 4.49
N THR A 13 7.95 -3.20 4.05
CA THR A 13 7.70 -4.16 2.99
C THR A 13 6.64 -5.18 3.40
N SER A 14 6.89 -5.86 4.52
CA SER A 14 5.95 -6.86 5.02
C SER A 14 4.69 -6.20 5.57
N ALA A 15 4.87 -5.06 6.21
CA ALA A 15 3.76 -4.32 6.80
C ALA A 15 2.72 -3.97 5.74
N LEU A 16 3.17 -3.39 4.63
CA LEU A 16 2.29 -3.00 3.55
C LEU A 16 1.41 -4.18 3.11
N LYS A 17 2.03 -5.36 2.99
CA LYS A 17 1.31 -6.56 2.59
C LYS A 17 0.12 -6.81 3.50
N LYS A 18 0.28 -6.47 4.78
CA LYS A 18 -0.78 -6.65 5.75
C LYS A 18 -1.83 -5.56 5.64
N LEU A 19 -1.39 -4.35 5.31
CA LEU A 19 -2.30 -3.21 5.17
C LEU A 19 -3.32 -3.47 4.07
N VAL A 20 -2.84 -3.83 2.88
CA VAL A 20 -3.71 -4.12 1.75
C VAL A 20 -4.71 -5.22 2.09
N ASP A 21 -4.31 -6.10 3.00
CA ASP A 21 -5.17 -7.21 3.41
C ASP A 21 -6.23 -6.73 4.40
N LYS A 22 -5.84 -5.82 5.28
CA LYS A 22 -6.75 -5.27 6.28
C LYS A 22 -7.61 -4.17 5.69
N TYR A 23 -7.42 -3.89 4.41
CA TYR A 23 -8.18 -2.84 3.72
C TYR A 23 -9.68 -3.06 3.90
N ARG A 24 -10.10 -4.31 3.75
CA ARG A 24 -11.51 -4.66 3.89
C ARG A 24 -11.84 -5.05 5.32
N ASN A 25 -10.91 -4.76 6.24
CA ASN A 25 -11.11 -5.08 7.64
C ASN A 25 -11.33 -3.82 8.46
N ASP A 26 -10.57 -2.77 8.15
CA ASP A 26 -10.68 -1.50 8.86
C ASP A 26 -10.83 -0.34 7.87
N GLU A 27 -11.83 0.51 8.11
CA GLU A 27 -12.08 1.65 7.25
C GLU A 27 -10.91 2.64 7.30
N HIS A 28 -10.40 2.88 8.50
CA HIS A 28 -9.28 3.80 8.69
C HIS A 28 -8.12 3.43 7.78
N VAL A 29 -7.96 2.14 7.52
CA VAL A 29 -6.88 1.65 6.67
C VAL A 29 -7.14 2.00 5.20
N ARG A 30 -8.41 2.01 4.82
CA ARG A 30 -8.79 2.33 3.44
C ARG A 30 -8.41 3.76 3.10
N LYS A 31 -8.87 4.71 3.92
CA LYS A 31 -8.58 6.11 3.69
C LYS A 31 -7.08 6.38 3.75
N VAL A 32 -6.39 5.63 4.62
CA VAL A 32 -4.94 5.78 4.76
C VAL A 32 -4.21 5.24 3.55
N PHE A 33 -4.57 4.04 3.12
CA PHE A 33 -3.94 3.41 1.97
C PHE A 33 -4.36 4.11 0.67
N ASP A 34 -5.50 4.78 0.71
CA ASP A 34 -6.00 5.49 -0.46
C ASP A 34 -5.17 6.75 -0.72
N GLU A 35 -4.96 7.54 0.33
CA GLU A 35 -4.19 8.76 0.21
C GLU A 35 -2.72 8.47 -0.11
N ILE A 36 -2.20 7.40 0.50
CA ILE A 36 -0.81 7.01 0.28
C ILE A 36 -0.63 6.42 -1.11
N GLN A 37 -1.67 5.76 -1.61
CA GLN A 37 -1.61 5.15 -2.93
C GLN A 37 -1.58 6.21 -4.03
N GLN A 38 -2.33 7.28 -3.83
CA GLN A 38 -2.38 8.37 -4.79
C GLN A 38 -1.10 9.20 -4.76
N LYS A 39 -0.71 9.64 -3.56
CA LYS A 39 0.50 10.43 -3.40
C LYS A 39 1.73 9.67 -3.90
N LEU A 40 1.69 8.35 -3.77
CA LEU A 40 2.80 7.50 -4.22
C LEU A 40 2.51 6.93 -5.61
N HIS A 41 1.33 7.22 -6.13
CA HIS A 41 0.94 6.73 -7.45
C HIS A 41 1.13 5.22 -7.55
N CYS A 42 0.89 4.52 -6.44
CA CYS A 42 1.04 3.07 -6.39
C CYS A 42 -0.29 2.41 -6.07
N CYS A 43 -0.39 1.11 -6.37
CA CYS A 43 -1.60 0.36 -6.11
C CYS A 43 -1.32 -0.86 -5.23
N GLY A 44 -2.23 -1.15 -4.31
CA GLY A 44 -2.05 -2.29 -3.42
C GLY A 44 -0.73 -2.24 -2.69
N ALA A 45 -0.46 -3.28 -1.90
CA ALA A 45 0.78 -3.36 -1.14
C ALA A 45 1.95 -3.76 -2.02
N ASP A 46 1.96 -5.03 -2.43
CA ASP A 46 3.03 -5.54 -3.29
C ASP A 46 2.54 -5.66 -4.73
N SER A 47 1.25 -5.45 -4.94
CA SER A 47 0.66 -5.54 -6.28
C SER A 47 -0.82 -5.17 -6.25
N PRO A 48 -1.36 -4.83 -7.42
CA PRO A 48 -2.77 -4.46 -7.56
C PRO A 48 -3.70 -5.64 -7.36
N LYS A 49 -3.22 -6.83 -7.68
CA LYS A 49 -4.01 -8.05 -7.54
C LYS A 49 -4.36 -8.30 -6.08
N ASP A 50 -3.62 -7.65 -5.19
CA ASP A 50 -3.85 -7.81 -3.75
C ASP A 50 -5.30 -7.50 -3.40
N TYR A 51 -5.94 -6.67 -4.21
CA TYR A 51 -7.33 -6.30 -3.98
C TYR A 51 -8.28 -7.28 -4.66
N GLY A 52 -7.78 -7.95 -5.70
CA GLY A 52 -8.60 -8.91 -6.42
C GLY A 52 -8.87 -8.48 -7.84
N GLU A 53 -10.11 -8.06 -8.11
CA GLU A 53 -10.49 -7.62 -9.44
C GLU A 53 -11.30 -6.32 -9.39
N ASN A 54 -11.04 -5.52 -8.35
CA ASN A 54 -11.75 -4.26 -8.17
C ASN A 54 -11.07 -3.41 -7.09
N PRO A 55 -9.90 -2.84 -7.44
CA PRO A 55 -9.13 -2.00 -6.52
C PRO A 55 -9.82 -0.66 -6.25
N PRO A 56 -9.32 0.06 -5.23
CA PRO A 56 -9.88 1.36 -4.84
C PRO A 56 -9.60 2.45 -5.87
N THR A 57 -10.37 3.52 -5.83
CA THR A 57 -10.20 4.62 -6.76
C THR A 57 -8.81 5.24 -6.66
N SER A 58 -8.15 4.99 -5.52
CA SER A 58 -6.81 5.52 -5.29
C SER A 58 -5.80 4.83 -6.19
N CYS A 59 -6.08 3.58 -6.54
CA CYS A 59 -5.19 2.82 -7.40
C CYS A 59 -5.10 3.43 -8.79
N SER A 60 -6.07 4.28 -9.12
CA SER A 60 -6.11 4.94 -10.42
C SER A 60 -6.23 6.45 -10.26
N LYS A 61 -5.92 7.18 -11.33
CA LYS A 61 -6.00 8.64 -11.32
C LYS A 61 -5.95 9.20 -12.73
N ASP A 62 -6.79 10.20 -12.99
CA ASP A 62 -6.84 10.83 -14.30
C ASP A 62 -7.08 9.79 -15.39
N GLY A 63 -7.72 8.68 -15.02
CA GLY A 63 -7.99 7.63 -15.98
C GLY A 63 -6.78 6.75 -16.23
N VAL A 64 -5.89 6.67 -15.25
CA VAL A 64 -4.69 5.86 -15.37
C VAL A 64 -4.63 4.80 -14.28
N GLN A 65 -3.90 3.72 -14.54
CA GLN A 65 -3.77 2.63 -13.58
C GLN A 65 -2.33 2.51 -13.10
N PHE A 66 -2.14 2.48 -11.79
CA PHE A 66 -0.82 2.37 -11.20
C PHE A 66 -0.40 0.90 -11.09
N THR A 67 0.25 0.39 -12.13
CA THR A 67 0.71 -0.99 -12.15
C THR A 67 1.86 -1.20 -11.17
N GLU A 68 2.44 -0.11 -10.70
CA GLU A 68 3.55 -0.17 -9.77
C GLU A 68 3.06 -0.41 -8.34
N GLY A 69 3.79 -1.22 -7.59
CA GLY A 69 3.41 -1.52 -6.22
C GLY A 69 3.75 -0.39 -5.27
N CYS A 70 3.43 -0.59 -4.00
CA CYS A 70 3.69 0.42 -2.98
C CYS A 70 4.99 0.11 -2.23
N ILE A 71 5.24 -1.18 -2.01
CA ILE A 71 6.44 -1.62 -1.31
C ILE A 71 7.71 -1.17 -2.05
N LYS A 72 7.63 -1.15 -3.37
CA LYS A 72 8.77 -0.75 -4.19
C LYS A 72 8.81 0.77 -4.34
N LYS A 73 7.64 1.39 -4.42
CA LYS A 73 7.56 2.84 -4.55
C LYS A 73 8.03 3.54 -3.28
N VAL A 74 7.47 3.12 -2.14
CA VAL A 74 7.84 3.71 -0.86
C VAL A 74 9.34 3.60 -0.61
N SER A 75 9.95 2.56 -1.17
CA SER A 75 11.38 2.35 -1.01
C SER A 75 12.18 3.46 -1.69
N ASP A 76 11.65 3.96 -2.80
CA ASP A 76 12.31 5.02 -3.56
C ASP A 76 12.51 6.26 -2.68
N LEU A 77 11.42 6.74 -2.09
CA LEU A 77 11.47 7.91 -1.23
C LEU A 77 12.08 7.57 0.13
N SER A 78 11.89 6.33 0.55
CA SER A 78 12.40 5.87 1.84
C SER A 78 13.92 6.05 1.91
N LYS A 79 14.60 5.69 0.82
CA LYS A 79 16.05 5.81 0.76
C LYS A 79 16.47 7.25 0.44
N ALA A 80 15.60 7.97 -0.25
CA ALA A 80 15.87 9.35 -0.61
C ALA A 80 16.04 10.23 0.63
N HIS A 81 17.12 11.00 0.65
CA HIS A 81 17.39 11.88 1.79
C HIS A 81 18.49 12.89 1.44
N GLY A 1 7.61 -14.58 27.97
CA GLY A 1 7.03 -13.87 26.86
C GLY A 1 7.87 -12.69 26.42
N SER A 2 7.92 -12.45 25.10
CA SER A 2 8.70 -11.35 24.56
C SER A 2 7.92 -10.04 24.64
N ASN A 3 8.42 -9.12 25.46
CA ASN A 3 7.76 -7.83 25.64
C ASN A 3 8.67 -6.69 25.16
N GLU A 4 9.08 -6.75 23.90
CA GLU A 4 9.95 -5.73 23.33
C GLU A 4 9.49 -5.36 21.91
N LYS A 5 9.57 -4.07 21.61
CA LYS A 5 9.16 -3.58 20.29
C LYS A 5 10.37 -3.02 19.53
N PRO A 6 10.94 -3.86 18.65
CA PRO A 6 12.10 -3.48 17.84
C PRO A 6 11.75 -2.45 16.77
N LYS A 7 12.77 -1.89 16.14
CA LYS A 7 12.56 -0.89 15.10
C LYS A 7 12.79 -1.49 13.71
N VAL A 8 11.73 -1.55 12.92
CA VAL A 8 11.82 -2.10 11.57
C VAL A 8 11.04 -1.25 10.57
N LYS A 9 11.64 -1.00 9.42
CA LYS A 9 11.00 -0.20 8.37
C LYS A 9 10.67 -1.06 7.16
N LYS A 10 11.42 -2.13 6.97
CA LYS A 10 11.20 -3.03 5.84
C LYS A 10 9.93 -3.85 6.04
N HIS A 11 9.51 -3.99 7.30
CA HIS A 11 8.31 -4.74 7.62
C HIS A 11 7.13 -4.27 6.78
N ILE A 12 7.14 -3.00 6.41
CA ILE A 12 6.07 -2.43 5.60
C ILE A 12 5.81 -3.26 4.36
N THR A 13 6.86 -3.90 3.85
CA THR A 13 6.76 -4.73 2.66
C THR A 13 5.69 -5.80 2.84
N SER A 14 5.84 -6.62 3.87
CA SER A 14 4.89 -7.70 4.15
C SER A 14 3.55 -7.13 4.58
N ALA A 15 3.59 -6.11 5.43
CA ALA A 15 2.37 -5.47 5.91
C ALA A 15 1.48 -5.03 4.77
N LEU A 16 2.09 -4.71 3.64
CA LEU A 16 1.35 -4.27 2.46
C LEU A 16 0.65 -5.46 1.78
N LYS A 17 1.36 -6.56 1.68
CA LYS A 17 0.81 -7.77 1.06
C LYS A 17 -0.50 -8.18 1.73
N LYS A 18 -0.52 -8.10 3.06
CA LYS A 18 -1.71 -8.45 3.82
C LYS A 18 -2.74 -7.32 3.80
N LEU A 19 -2.24 -6.08 3.80
CA LEU A 19 -3.10 -4.92 3.78
C LEU A 19 -4.08 -4.97 2.60
N VAL A 20 -3.53 -5.14 1.40
CA VAL A 20 -4.34 -5.22 0.19
C VAL A 20 -5.37 -6.34 0.30
N ASP A 21 -5.05 -7.36 1.09
CA ASP A 21 -5.96 -8.48 1.27
C ASP A 21 -7.08 -8.14 2.25
N LYS A 22 -6.79 -7.19 3.15
CA LYS A 22 -7.77 -6.77 4.15
C LYS A 22 -8.22 -5.34 3.88
N TYR A 23 -8.16 -4.93 2.61
CA TYR A 23 -8.57 -3.58 2.23
C TYR A 23 -10.05 -3.36 2.51
N ARG A 24 -10.87 -4.35 2.18
CA ARG A 24 -12.32 -4.26 2.40
C ARG A 24 -12.68 -4.83 3.77
N ASN A 25 -11.73 -5.49 4.42
CA ASN A 25 -11.96 -6.08 5.73
C ASN A 25 -12.10 -5.00 6.79
N ASP A 26 -11.27 -3.96 6.70
CA ASP A 26 -11.31 -2.86 7.66
C ASP A 26 -11.44 -1.52 6.92
N GLU A 27 -12.35 -0.69 7.39
CA GLU A 27 -12.57 0.63 6.80
C GLU A 27 -11.35 1.52 6.96
N HIS A 28 -10.76 1.50 8.16
CA HIS A 28 -9.59 2.29 8.45
C HIS A 28 -8.47 1.99 7.47
N VAL A 29 -8.44 0.76 6.97
CA VAL A 29 -7.42 0.35 6.02
C VAL A 29 -7.64 0.98 4.66
N ARG A 30 -8.90 1.18 4.30
CA ARG A 30 -9.25 1.78 3.02
C ARG A 30 -8.71 3.21 2.93
N LYS A 31 -9.07 4.04 3.91
CA LYS A 31 -8.63 5.42 3.94
C LYS A 31 -7.11 5.51 4.00
N VAL A 32 -6.49 4.57 4.72
CA VAL A 32 -5.05 4.54 4.85
C VAL A 32 -4.38 4.19 3.53
N PHE A 33 -4.87 3.14 2.88
CA PHE A 33 -4.33 2.70 1.60
C PHE A 33 -4.63 3.71 0.51
N ASP A 34 -5.77 4.39 0.63
CA ASP A 34 -6.18 5.38 -0.35
C ASP A 34 -5.19 6.55 -0.39
N GLU A 35 -4.86 7.07 0.79
CA GLU A 35 -3.93 8.19 0.89
C GLU A 35 -2.53 7.78 0.48
N ILE A 36 -2.14 6.57 0.85
CA ILE A 36 -0.82 6.05 0.50
C ILE A 36 -0.71 5.78 -0.99
N GLN A 37 -1.78 5.26 -1.58
CA GLN A 37 -1.80 4.96 -3.00
C GLN A 37 -1.74 6.23 -3.83
N GLN A 38 -2.41 7.27 -3.36
CA GLN A 38 -2.43 8.55 -4.07
C GLN A 38 -1.11 9.30 -3.87
N LYS A 39 -0.71 9.45 -2.60
CA LYS A 39 0.53 10.14 -2.28
C LYS A 39 1.72 9.49 -2.97
N LEU A 40 1.63 8.18 -3.18
CA LEU A 40 2.70 7.44 -3.84
C LEU A 40 2.36 7.16 -5.30
N HIS A 41 1.15 7.56 -5.70
CA HIS A 41 0.71 7.36 -7.08
C HIS A 41 0.88 5.91 -7.50
N CYS A 42 0.67 4.99 -6.56
CA CYS A 42 0.81 3.57 -6.84
C CYS A 42 -0.51 2.84 -6.64
N CYS A 43 -0.60 1.62 -7.15
CA CYS A 43 -1.81 0.82 -7.03
C CYS A 43 -1.51 -0.52 -6.37
N GLY A 44 -2.37 -0.91 -5.43
CA GLY A 44 -2.18 -2.18 -4.73
C GLY A 44 -0.85 -2.23 -3.99
N ALA A 45 -0.70 -3.26 -3.16
CA ALA A 45 0.54 -3.43 -2.39
C ALA A 45 1.70 -3.83 -3.30
N ASP A 46 1.60 -5.02 -3.88
CA ASP A 46 2.65 -5.53 -4.77
C ASP A 46 2.23 -5.37 -6.23
N SER A 47 0.94 -5.12 -6.46
CA SER A 47 0.41 -4.97 -7.80
C SER A 47 -1.08 -4.67 -7.77
N PRO A 48 -1.60 -4.12 -8.88
CA PRO A 48 -3.02 -3.79 -9.00
C PRO A 48 -3.91 -5.02 -9.07
N LYS A 49 -3.33 -6.14 -9.49
CA LYS A 49 -4.07 -7.39 -9.60
C LYS A 49 -4.55 -7.86 -8.22
N ASP A 50 -3.91 -7.36 -7.17
CA ASP A 50 -4.29 -7.72 -5.81
C ASP A 50 -5.76 -7.41 -5.55
N TYR A 51 -6.28 -6.41 -6.26
CA TYR A 51 -7.67 -6.02 -6.09
C TYR A 51 -8.58 -6.76 -7.07
N GLY A 52 -7.97 -7.28 -8.13
CA GLY A 52 -8.73 -8.03 -9.13
C GLY A 52 -9.01 -7.20 -10.37
N GLU A 53 -10.25 -6.75 -10.51
CA GLU A 53 -10.65 -5.95 -11.66
C GLU A 53 -11.35 -4.67 -11.22
N ASN A 54 -11.45 -4.47 -9.90
CA ASN A 54 -12.09 -3.29 -9.35
C ASN A 54 -11.23 -2.68 -8.24
N PRO A 55 -10.15 -2.01 -8.63
CA PRO A 55 -9.23 -1.36 -7.69
C PRO A 55 -9.86 -0.14 -7.02
N PRO A 56 -9.19 0.35 -5.97
CA PRO A 56 -9.67 1.53 -5.22
C PRO A 56 -9.55 2.82 -6.03
N THR A 57 -10.36 3.80 -5.67
CA THR A 57 -10.36 5.09 -6.36
C THR A 57 -8.97 5.72 -6.35
N SER A 58 -8.16 5.33 -5.36
CA SER A 58 -6.81 5.86 -5.23
C SER A 58 -5.89 5.26 -6.29
N CYS A 59 -6.30 4.13 -6.85
CA CYS A 59 -5.50 3.46 -7.88
C CYS A 59 -5.41 4.32 -9.14
N SER A 60 -6.29 5.31 -9.24
CA SER A 60 -6.29 6.21 -10.39
C SER A 60 -6.43 7.66 -9.95
N LYS A 61 -6.13 8.58 -10.86
CA LYS A 61 -6.21 10.00 -10.57
C LYS A 61 -6.09 10.83 -11.85
N ASP A 62 -6.97 11.80 -12.00
CA ASP A 62 -6.97 12.66 -13.18
C ASP A 62 -7.16 11.85 -14.45
N GLY A 63 -7.84 10.71 -14.32
CA GLY A 63 -8.08 9.85 -15.47
C GLY A 63 -6.86 9.02 -15.84
N VAL A 64 -6.01 8.76 -14.86
CA VAL A 64 -4.81 7.97 -15.08
C VAL A 64 -4.75 6.76 -14.15
N GLN A 65 -4.03 5.73 -14.58
CA GLN A 65 -3.90 4.51 -13.78
C GLN A 65 -2.48 4.37 -13.24
N PHE A 66 -2.37 3.89 -12.01
CA PHE A 66 -1.07 3.70 -11.37
C PHE A 66 -0.60 2.27 -11.53
N THR A 67 0.13 2.00 -12.61
CA THR A 67 0.65 0.67 -12.88
C THR A 67 1.84 0.35 -11.98
N GLU A 68 2.30 1.36 -11.24
CA GLU A 68 3.44 1.17 -10.34
C GLU A 68 2.99 0.59 -9.01
N GLY A 69 3.83 -0.25 -8.42
CA GLY A 69 3.51 -0.87 -7.15
C GLY A 69 3.73 0.06 -5.97
N CYS A 70 3.41 -0.42 -4.77
CA CYS A 70 3.57 0.39 -3.57
C CYS A 70 4.79 -0.09 -2.76
N ILE A 71 4.88 -1.40 -2.57
CA ILE A 71 5.99 -1.98 -1.82
C ILE A 71 7.33 -1.52 -2.37
N LYS A 72 7.35 -1.22 -3.66
CA LYS A 72 8.58 -0.77 -4.32
C LYS A 72 8.78 0.73 -4.12
N LYS A 73 7.69 1.49 -4.26
CA LYS A 73 7.75 2.93 -4.09
C LYS A 73 8.12 3.31 -2.66
N VAL A 74 7.41 2.71 -1.70
CA VAL A 74 7.67 2.98 -0.29
C VAL A 74 9.12 2.69 0.07
N SER A 75 9.64 1.58 -0.44
CA SER A 75 11.03 1.19 -0.17
C SER A 75 12.00 2.21 -0.75
N ASP A 76 11.73 2.67 -1.96
CA ASP A 76 12.57 3.66 -2.63
C ASP A 76 12.81 4.86 -1.73
N LEU A 77 11.73 5.47 -1.25
CA LEU A 77 11.83 6.63 -0.39
C LEU A 77 12.25 6.23 1.02
N SER A 78 11.97 4.99 1.39
CA SER A 78 12.32 4.48 2.70
C SER A 78 13.84 4.46 2.89
N LYS A 79 14.55 3.92 1.91
CA LYS A 79 16.00 3.84 1.96
C LYS A 79 16.63 5.18 1.59
N ALA A 80 15.91 5.97 0.79
CA ALA A 80 16.40 7.27 0.37
C ALA A 80 16.82 8.12 1.56
N HIS A 81 18.05 8.64 1.51
CA HIS A 81 18.58 9.46 2.59
C HIS A 81 19.07 10.80 2.06
N GLY A 1 -2.81 3.94 22.08
CA GLY A 1 -2.33 3.43 23.35
C GLY A 1 -0.93 2.83 23.24
N SER A 2 -0.84 1.66 22.63
CA SER A 2 0.44 0.98 22.46
C SER A 2 0.60 0.45 21.04
N ASN A 3 1.82 0.46 20.54
CA ASN A 3 2.11 -0.02 19.19
C ASN A 3 3.61 -0.23 19.00
N GLU A 4 3.98 -1.46 18.62
CA GLU A 4 5.38 -1.79 18.40
C GLU A 4 5.65 -2.03 16.92
N LYS A 5 5.89 -0.94 16.18
CA LYS A 5 6.16 -1.02 14.76
C LYS A 5 7.59 -0.57 14.45
N PRO A 6 8.51 -1.53 14.34
CA PRO A 6 9.92 -1.25 14.05
C PRO A 6 10.13 -0.75 12.62
N LYS A 7 11.33 -0.27 12.34
CA LYS A 7 11.66 0.24 11.02
C LYS A 7 12.31 -0.85 10.16
N VAL A 8 11.57 -1.32 9.16
CA VAL A 8 12.07 -2.37 8.27
C VAL A 8 11.75 -2.04 6.82
N LYS A 9 12.59 -2.52 5.90
CA LYS A 9 12.39 -2.30 4.48
C LYS A 9 12.17 -3.60 3.74
N LYS A 10 12.59 -4.70 4.36
CA LYS A 10 12.43 -6.03 3.76
C LYS A 10 11.13 -6.69 4.23
N HIS A 11 11.03 -6.91 5.53
CA HIS A 11 9.84 -7.53 6.10
C HIS A 11 8.58 -6.81 5.65
N ILE A 12 8.70 -5.51 5.41
CA ILE A 12 7.57 -4.71 4.98
C ILE A 12 6.87 -5.34 3.78
N THR A 13 7.64 -6.05 2.96
CA THR A 13 7.10 -6.71 1.77
C THR A 13 5.91 -7.59 2.14
N SER A 14 6.08 -8.42 3.15
CA SER A 14 5.01 -9.32 3.59
C SER A 14 3.87 -8.54 4.22
N ALA A 15 4.21 -7.63 5.12
CA ALA A 15 3.20 -6.82 5.79
C ALA A 15 2.28 -6.12 4.78
N LEU A 16 2.89 -5.60 3.72
CA LEU A 16 2.13 -4.91 2.68
C LEU A 16 1.31 -5.89 1.86
N LYS A 17 1.93 -7.01 1.49
CA LYS A 17 1.25 -8.04 0.71
C LYS A 17 -0.04 -8.50 1.40
N LYS A 18 0.00 -8.53 2.73
CA LYS A 18 -1.16 -8.93 3.52
C LYS A 18 -2.18 -7.81 3.61
N LEU A 19 -1.70 -6.57 3.67
CA LEU A 19 -2.57 -5.41 3.75
C LEU A 19 -3.52 -5.35 2.57
N VAL A 20 -2.97 -5.42 1.36
CA VAL A 20 -3.77 -5.38 0.14
C VAL A 20 -4.72 -6.57 0.08
N ASP A 21 -4.34 -7.67 0.71
CA ASP A 21 -5.16 -8.87 0.72
C ASP A 21 -6.29 -8.75 1.74
N LYS A 22 -6.01 -8.04 2.84
CA LYS A 22 -7.01 -7.85 3.89
C LYS A 22 -7.61 -6.46 3.81
N TYR A 23 -7.60 -5.87 2.61
CA TYR A 23 -8.15 -4.53 2.41
C TYR A 23 -9.65 -4.50 2.72
N ARG A 24 -10.37 -5.51 2.23
CA ARG A 24 -11.80 -5.59 2.46
C ARG A 24 -12.11 -6.41 3.71
N ASN A 25 -11.08 -6.66 4.52
CA ASN A 25 -11.24 -7.43 5.75
C ASN A 25 -11.29 -6.51 6.96
N ASP A 26 -10.48 -5.46 6.94
CA ASP A 26 -10.43 -4.50 8.04
C ASP A 26 -10.81 -3.10 7.55
N GLU A 27 -11.71 -2.45 8.29
CA GLU A 27 -12.16 -1.11 7.93
C GLU A 27 -11.01 -0.10 8.04
N HIS A 28 -10.20 -0.25 9.07
CA HIS A 28 -9.07 0.64 9.29
C HIS A 28 -8.05 0.50 8.16
N VAL A 29 -7.81 -0.74 7.74
CA VAL A 29 -6.86 -1.00 6.66
C VAL A 29 -7.23 -0.27 5.39
N ARG A 30 -8.54 -0.11 5.17
CA ARG A 30 -9.04 0.58 3.98
C ARG A 30 -8.59 2.04 3.98
N LYS A 31 -8.89 2.76 5.06
CA LYS A 31 -8.52 4.16 5.17
C LYS A 31 -7.01 4.31 5.32
N VAL A 32 -6.38 3.34 5.98
CA VAL A 32 -4.94 3.37 6.19
C VAL A 32 -4.19 3.18 4.87
N PHE A 33 -4.49 2.09 4.17
CA PHE A 33 -3.85 1.80 2.90
C PHE A 33 -4.22 2.85 1.84
N ASP A 34 -5.41 3.42 1.99
CA ASP A 34 -5.90 4.43 1.05
C ASP A 34 -5.02 5.68 1.11
N GLU A 35 -4.75 6.16 2.33
CA GLU A 35 -3.93 7.35 2.52
C GLU A 35 -2.49 7.08 2.09
N ILE A 36 -2.00 5.89 2.39
CA ILE A 36 -0.63 5.52 2.03
C ILE A 36 -0.47 5.42 0.51
N GLN A 37 -1.43 4.78 -0.14
CA GLN A 37 -1.39 4.62 -1.58
C GLN A 37 -1.38 5.97 -2.29
N GLN A 38 -2.17 6.90 -1.75
CA GLN A 38 -2.25 8.24 -2.32
C GLN A 38 -0.95 9.00 -2.13
N LYS A 39 -0.53 9.16 -0.88
CA LYS A 39 0.70 9.87 -0.56
C LYS A 39 1.89 9.23 -1.26
N LEU A 40 1.81 7.92 -1.50
CA LEU A 40 2.88 7.20 -2.17
C LEU A 40 2.62 7.11 -3.66
N HIS A 41 1.47 7.61 -4.09
CA HIS A 41 1.09 7.60 -5.50
C HIS A 41 1.24 6.19 -6.08
N CYS A 42 1.00 5.18 -5.25
CA CYS A 42 1.10 3.79 -5.68
C CYS A 42 -0.22 3.06 -5.49
N CYS A 43 -0.36 1.92 -6.14
CA CYS A 43 -1.58 1.12 -6.04
C CYS A 43 -1.28 -0.29 -5.55
N GLY A 44 -2.12 -0.80 -4.65
CA GLY A 44 -1.92 -2.13 -4.11
C GLY A 44 -0.57 -2.29 -3.44
N ALA A 45 -0.38 -3.43 -2.78
CA ALA A 45 0.88 -3.70 -2.09
C ALA A 45 2.03 -3.85 -3.07
N ASP A 46 1.97 -4.89 -3.88
CA ASP A 46 3.01 -5.15 -4.87
C ASP A 46 2.54 -4.75 -6.27
N SER A 47 1.24 -4.78 -6.49
CA SER A 47 0.66 -4.43 -7.77
C SER A 47 -0.82 -4.09 -7.63
N PRO A 48 -1.37 -3.39 -8.64
CA PRO A 48 -2.78 -3.00 -8.66
C PRO A 48 -3.71 -4.18 -8.84
N LYS A 49 -3.21 -5.24 -9.47
CA LYS A 49 -4.01 -6.44 -9.71
C LYS A 49 -4.37 -7.12 -8.40
N ASP A 50 -3.67 -6.76 -7.33
CA ASP A 50 -3.92 -7.33 -6.02
C ASP A 50 -5.37 -7.10 -5.59
N TYR A 51 -5.99 -6.08 -6.16
CA TYR A 51 -7.37 -5.75 -5.85
C TYR A 51 -8.34 -6.49 -6.79
N GLY A 52 -7.82 -6.91 -7.94
CA GLY A 52 -8.64 -7.61 -8.90
C GLY A 52 -8.94 -6.78 -10.13
N GLU A 53 -10.15 -6.23 -10.20
CA GLU A 53 -10.56 -5.40 -11.33
C GLU A 53 -11.36 -4.20 -10.87
N ASN A 54 -11.18 -3.83 -9.61
CA ASN A 54 -11.89 -2.69 -9.03
C ASN A 54 -11.15 -2.15 -7.81
N PRO A 55 -10.03 -1.45 -8.05
CA PRO A 55 -9.21 -0.87 -6.98
C PRO A 55 -9.90 0.31 -6.31
N PRO A 56 -9.34 0.74 -5.17
CA PRO A 56 -9.89 1.87 -4.40
C PRO A 56 -9.70 3.20 -5.12
N THR A 57 -10.48 4.20 -4.73
CA THR A 57 -10.41 5.52 -5.33
C THR A 57 -9.05 6.16 -5.07
N SER A 58 -8.32 5.61 -4.10
CA SER A 58 -7.00 6.13 -3.75
C SER A 58 -5.95 5.67 -4.76
N CYS A 59 -6.24 4.57 -5.45
CA CYS A 59 -5.32 4.02 -6.44
C CYS A 59 -5.24 4.92 -7.66
N SER A 60 -6.15 5.89 -7.74
CA SER A 60 -6.19 6.82 -8.87
C SER A 60 -6.37 8.25 -8.39
N LYS A 61 -5.76 9.19 -9.09
CA LYS A 61 -5.85 10.61 -8.73
C LYS A 61 -5.77 11.49 -9.98
N ASP A 62 -6.53 12.58 -9.98
CA ASP A 62 -6.54 13.51 -11.10
C ASP A 62 -6.83 12.78 -12.40
N GLY A 63 -7.54 11.66 -12.30
CA GLY A 63 -7.89 10.88 -13.48
C GLY A 63 -6.73 10.04 -13.98
N VAL A 64 -5.83 9.69 -13.07
CA VAL A 64 -4.67 8.88 -13.42
C VAL A 64 -4.64 7.58 -12.63
N GLN A 65 -3.98 6.57 -13.19
CA GLN A 65 -3.89 5.26 -12.53
C GLN A 65 -2.45 4.99 -12.09
N PHE A 66 -2.31 4.56 -10.84
CA PHE A 66 -0.98 4.26 -10.28
C PHE A 66 -0.59 2.81 -10.58
N THR A 67 0.12 2.61 -11.68
CA THR A 67 0.56 1.28 -12.07
C THR A 67 1.80 0.85 -11.29
N GLU A 68 2.33 1.77 -10.49
CA GLU A 68 3.51 1.49 -9.68
C GLU A 68 3.13 0.75 -8.39
N GLY A 69 4.06 -0.05 -7.88
CA GLY A 69 3.80 -0.79 -6.67
C GLY A 69 4.02 0.04 -5.42
N CYS A 70 3.75 -0.55 -4.26
CA CYS A 70 3.90 0.15 -2.99
C CYS A 70 5.13 -0.36 -2.24
N ILE A 71 5.28 -1.68 -2.20
CA ILE A 71 6.41 -2.29 -1.50
C ILE A 71 7.73 -1.72 -2.00
N LYS A 72 7.75 -1.28 -3.25
CA LYS A 72 8.95 -0.71 -3.86
C LYS A 72 9.08 0.77 -3.51
N LYS A 73 7.96 1.48 -3.54
CA LYS A 73 7.93 2.90 -3.23
C LYS A 73 8.30 3.15 -1.76
N VAL A 74 7.63 2.42 -0.86
CA VAL A 74 7.89 2.55 0.56
C VAL A 74 9.36 2.31 0.89
N SER A 75 9.94 1.30 0.23
CA SER A 75 11.34 0.95 0.45
C SER A 75 12.27 1.99 -0.19
N ASP A 76 11.84 2.52 -1.33
CA ASP A 76 12.62 3.53 -2.05
C ASP A 76 12.77 4.79 -1.21
N LEU A 77 11.65 5.30 -0.70
CA LEU A 77 11.66 6.50 0.12
C LEU A 77 12.33 6.25 1.47
N SER A 78 12.26 5.01 1.93
CA SER A 78 12.85 4.63 3.22
C SER A 78 14.38 4.66 3.12
N LYS A 79 14.91 4.22 1.99
CA LYS A 79 16.35 4.20 1.77
C LYS A 79 16.84 5.53 1.24
N ALA A 80 15.96 6.25 0.52
CA ALA A 80 16.31 7.54 -0.04
C ALA A 80 16.72 8.53 1.05
N HIS A 81 17.85 9.19 0.85
CA HIS A 81 18.35 10.15 1.82
C HIS A 81 18.57 11.52 1.16
N GLY A 1 -2.86 -5.37 26.35
CA GLY A 1 -1.57 -5.89 25.93
C GLY A 1 -0.56 -4.78 25.70
N SER A 2 0.71 -5.15 25.57
CA SER A 2 1.77 -4.18 25.36
C SER A 2 2.23 -4.19 23.90
N ASN A 3 1.79 -3.21 23.14
CA ASN A 3 2.15 -3.10 21.73
C ASN A 3 3.66 -2.90 21.58
N GLU A 4 4.37 -3.98 21.26
CA GLU A 4 5.81 -3.94 21.09
C GLU A 4 6.22 -4.59 19.78
N LYS A 5 5.74 -4.05 18.67
CA LYS A 5 6.06 -4.59 17.35
C LYS A 5 6.88 -3.58 16.54
N PRO A 6 8.20 -3.76 16.54
CA PRO A 6 9.12 -2.89 15.81
C PRO A 6 9.01 -3.06 14.31
N LYS A 7 9.08 -1.95 13.58
CA LYS A 7 8.99 -1.99 12.12
C LYS A 7 10.38 -1.92 11.49
N VAL A 8 10.49 -2.42 10.26
CA VAL A 8 11.76 -2.41 9.55
C VAL A 8 11.57 -1.98 8.10
N LYS A 9 12.55 -1.26 7.56
CA LYS A 9 12.49 -0.80 6.18
C LYS A 9 12.25 -1.97 5.22
N LYS A 10 12.68 -3.16 5.62
CA LYS A 10 12.51 -4.35 4.80
C LYS A 10 11.23 -5.09 5.17
N HIS A 11 10.78 -4.90 6.41
CA HIS A 11 9.56 -5.54 6.89
C HIS A 11 8.33 -4.95 6.20
N ILE A 12 8.44 -3.69 5.78
CA ILE A 12 7.34 -3.02 5.10
C ILE A 12 6.82 -3.86 3.93
N THR A 13 7.70 -4.64 3.33
CA THR A 13 7.33 -5.49 2.21
C THR A 13 6.28 -6.52 2.61
N SER A 14 6.54 -7.22 3.71
CA SER A 14 5.62 -8.23 4.21
C SER A 14 4.35 -7.59 4.77
N ALA A 15 4.51 -6.42 5.39
CA ALA A 15 3.39 -5.70 5.97
C ALA A 15 2.44 -5.19 4.88
N LEU A 16 2.99 -4.95 3.69
CA LEU A 16 2.21 -4.47 2.58
C LEU A 16 1.41 -5.60 1.93
N LYS A 17 2.07 -6.72 1.70
CA LYS A 17 1.43 -7.88 1.10
C LYS A 17 0.19 -8.29 1.88
N LYS A 18 0.28 -8.23 3.20
CA LYS A 18 -0.84 -8.58 4.06
C LYS A 18 -1.86 -7.45 4.14
N LEU A 19 -1.35 -6.21 4.19
CA LEU A 19 -2.21 -5.04 4.26
C LEU A 19 -3.22 -5.04 3.11
N VAL A 20 -2.71 -5.15 1.89
CA VAL A 20 -3.57 -5.16 0.70
C VAL A 20 -4.55 -6.33 0.75
N ASP A 21 -4.17 -7.40 1.44
CA ASP A 21 -5.02 -8.57 1.56
C ASP A 21 -6.11 -8.35 2.59
N LYS A 22 -5.77 -7.66 3.67
CA LYS A 22 -6.73 -7.37 4.73
C LYS A 22 -7.36 -5.99 4.53
N TYR A 23 -7.33 -5.50 3.30
CA TYR A 23 -7.91 -4.21 2.99
C TYR A 23 -9.40 -4.17 3.31
N ARG A 24 -10.11 -5.23 2.93
CA ARG A 24 -11.54 -5.32 3.17
C ARG A 24 -11.82 -6.00 4.51
N ASN A 25 -10.78 -6.14 5.33
CA ASN A 25 -10.92 -6.76 6.64
C ASN A 25 -10.95 -5.72 7.75
N ASP A 26 -10.17 -4.66 7.58
CA ASP A 26 -10.10 -3.59 8.57
C ASP A 26 -10.35 -2.23 7.90
N GLU A 27 -11.28 -1.47 8.46
CA GLU A 27 -11.61 -0.15 7.92
C GLU A 27 -10.42 0.79 8.03
N HIS A 28 -9.76 0.76 9.19
CA HIS A 28 -8.59 1.61 9.41
C HIS A 28 -7.51 1.36 8.37
N VAL A 29 -7.46 0.13 7.87
CA VAL A 29 -6.47 -0.24 6.87
C VAL A 29 -6.78 0.39 5.53
N ARG A 30 -8.07 0.54 5.23
CA ARG A 30 -8.50 1.14 3.98
C ARG A 30 -8.09 2.60 3.89
N LYS A 31 -8.47 3.38 4.90
CA LYS A 31 -8.12 4.80 4.94
C LYS A 31 -6.62 5.00 4.94
N VAL A 32 -5.90 4.08 5.59
CA VAL A 32 -4.45 4.16 5.67
C VAL A 32 -3.81 3.84 4.31
N PHE A 33 -4.13 2.67 3.77
CA PHE A 33 -3.60 2.25 2.48
C PHE A 33 -4.06 3.18 1.37
N ASP A 34 -5.20 3.84 1.58
CA ASP A 34 -5.76 4.76 0.60
C ASP A 34 -4.91 6.03 0.52
N GLU A 35 -4.60 6.60 1.68
CA GLU A 35 -3.81 7.82 1.73
C GLU A 35 -2.38 7.57 1.24
N ILE A 36 -1.84 6.40 1.60
CA ILE A 36 -0.48 6.03 1.21
C ILE A 36 -0.41 5.77 -0.29
N GLN A 37 -1.47 5.17 -0.84
CA GLN A 37 -1.51 4.86 -2.26
C GLN A 37 -1.53 6.14 -3.09
N GLN A 38 -2.27 7.14 -2.61
CA GLN A 38 -2.36 8.42 -3.32
C GLN A 38 -1.07 9.21 -3.20
N LYS A 39 -0.65 9.45 -1.96
CA LYS A 39 0.58 10.21 -1.71
C LYS A 39 1.76 9.58 -2.44
N LEU A 40 1.72 8.25 -2.60
CA LEU A 40 2.79 7.53 -3.28
C LEU A 40 2.47 7.36 -4.77
N HIS A 41 1.22 7.64 -5.13
CA HIS A 41 0.79 7.51 -6.51
C HIS A 41 0.91 6.07 -7.00
N CYS A 42 0.71 5.12 -6.08
CA CYS A 42 0.80 3.71 -6.42
C CYS A 42 -0.49 2.98 -6.05
N CYS A 43 -0.66 1.77 -6.58
CA CYS A 43 -1.84 0.97 -6.32
C CYS A 43 -1.46 -0.38 -5.73
N GLY A 44 -2.23 -0.83 -4.74
CA GLY A 44 -1.96 -2.10 -4.10
C GLY A 44 -0.59 -2.16 -3.48
N ALA A 45 -0.34 -3.20 -2.69
CA ALA A 45 0.95 -3.37 -2.03
C ALA A 45 2.05 -3.66 -3.04
N ASP A 46 1.96 -4.81 -3.70
CA ASP A 46 2.95 -5.21 -4.69
C ASP A 46 2.43 -4.95 -6.10
N SER A 47 1.11 -4.98 -6.26
CA SER A 47 0.49 -4.76 -7.56
C SER A 47 -0.99 -4.44 -7.40
N PRO A 48 -1.59 -3.87 -8.46
CA PRO A 48 -3.01 -3.51 -8.46
C PRO A 48 -3.92 -4.73 -8.49
N LYS A 49 -3.40 -5.84 -9.00
CA LYS A 49 -4.17 -7.08 -9.09
C LYS A 49 -4.51 -7.61 -7.70
N ASP A 50 -3.77 -7.14 -6.70
CA ASP A 50 -4.00 -7.56 -5.33
C ASP A 50 -5.45 -7.32 -4.92
N TYR A 51 -6.08 -6.33 -5.55
CA TYR A 51 -7.46 -5.99 -5.25
C TYR A 51 -8.42 -6.75 -6.17
N GLY A 52 -7.90 -7.22 -7.29
CA GLY A 52 -8.72 -7.95 -8.24
C GLY A 52 -8.99 -7.17 -9.51
N GLU A 53 -10.23 -6.71 -9.67
CA GLU A 53 -10.62 -5.94 -10.85
C GLU A 53 -11.34 -4.66 -10.45
N ASN A 54 -11.45 -4.43 -9.14
CA ASN A 54 -12.11 -3.25 -8.63
C ASN A 54 -11.34 -2.65 -7.46
N PRO A 55 -10.20 -2.00 -7.78
CA PRO A 55 -9.34 -1.37 -6.77
C PRO A 55 -9.98 -0.14 -6.16
N PRO A 56 -9.39 0.35 -5.05
CA PRO A 56 -9.89 1.54 -4.35
C PRO A 56 -9.68 2.82 -5.14
N THR A 57 -10.44 3.86 -4.80
CA THR A 57 -10.33 5.13 -5.48
C THR A 57 -8.95 5.74 -5.31
N SER A 58 -8.22 5.26 -4.30
CA SER A 58 -6.88 5.76 -4.02
C SER A 58 -5.89 5.28 -5.07
N CYS A 59 -6.29 4.27 -5.83
CA CYS A 59 -5.43 3.72 -6.87
C CYS A 59 -5.47 4.58 -8.13
N SER A 60 -6.51 5.41 -8.25
CA SER A 60 -6.65 6.30 -9.39
C SER A 60 -6.81 7.75 -8.95
N LYS A 61 -6.45 8.67 -9.83
CA LYS A 61 -6.55 10.10 -9.53
C LYS A 61 -6.64 10.92 -10.80
N ASP A 62 -7.57 11.86 -10.84
CA ASP A 62 -7.77 12.71 -12.01
C ASP A 62 -8.11 11.88 -13.24
N GLY A 63 -8.71 10.71 -13.02
CA GLY A 63 -9.08 9.84 -14.12
C GLY A 63 -7.90 9.07 -14.66
N VAL A 64 -6.90 8.84 -13.81
CA VAL A 64 -5.71 8.11 -14.20
C VAL A 64 -5.49 6.88 -13.32
N GLN A 65 -4.80 5.88 -13.86
CA GLN A 65 -4.53 4.66 -13.12
C GLN A 65 -3.04 4.52 -12.83
N PHE A 66 -2.69 4.28 -11.57
CA PHE A 66 -1.30 4.12 -11.17
C PHE A 66 -0.82 2.70 -11.43
N THR A 67 -0.05 2.52 -12.50
CA THR A 67 0.47 1.21 -12.86
C THR A 67 1.84 0.97 -12.22
N GLU A 68 1.96 1.28 -10.93
CA GLU A 68 3.20 1.10 -10.21
C GLU A 68 2.95 0.50 -8.83
N GLY A 69 3.86 -0.36 -8.40
CA GLY A 69 3.72 -1.00 -7.09
C GLY A 69 3.99 -0.04 -5.95
N CYS A 70 3.69 -0.47 -4.73
CA CYS A 70 3.90 0.36 -3.55
C CYS A 70 5.17 -0.07 -2.81
N ILE A 71 5.37 -1.39 -2.72
CA ILE A 71 6.55 -1.92 -2.03
C ILE A 71 7.83 -1.34 -2.61
N LYS A 72 7.82 -1.07 -3.91
CA LYS A 72 8.99 -0.50 -4.58
C LYS A 72 9.02 1.02 -4.42
N LYS A 73 7.85 1.63 -4.44
CA LYS A 73 7.74 3.09 -4.29
C LYS A 73 8.20 3.52 -2.90
N VAL A 74 7.65 2.90 -1.88
CA VAL A 74 8.00 3.23 -0.50
C VAL A 74 9.50 3.08 -0.26
N SER A 75 10.08 2.03 -0.85
CA SER A 75 11.51 1.77 -0.70
C SER A 75 12.34 2.82 -1.44
N ASP A 76 11.86 3.20 -2.63
CA ASP A 76 12.55 4.19 -3.43
C ASP A 76 12.77 5.48 -2.65
N LEU A 77 11.69 5.98 -2.05
CA LEU A 77 11.76 7.22 -1.27
C LEU A 77 12.37 6.96 0.10
N SER A 78 12.23 5.73 0.58
CA SER A 78 12.78 5.35 1.88
C SER A 78 14.29 5.53 1.91
N LYS A 79 14.97 4.95 0.93
CA LYS A 79 16.42 5.06 0.83
C LYS A 79 16.86 6.50 0.60
N ALA A 80 15.98 7.28 -0.03
CA ALA A 80 16.27 8.68 -0.32
C ALA A 80 16.10 9.54 0.93
N HIS A 81 16.93 10.57 1.05
CA HIS A 81 16.87 11.47 2.19
C HIS A 81 16.98 12.93 1.75
N GLY A 1 -6.24 -8.41 18.23
CA GLY A 1 -5.83 -7.98 19.55
C GLY A 1 -5.19 -6.60 19.54
N SER A 2 -4.13 -6.44 20.34
CA SER A 2 -3.44 -5.17 20.42
C SER A 2 -1.94 -5.36 20.23
N ASN A 3 -1.40 -4.76 19.16
CA ASN A 3 0.03 -4.87 18.87
C ASN A 3 0.55 -3.58 18.24
N GLU A 4 1.54 -2.98 18.88
CA GLU A 4 2.12 -1.73 18.39
C GLU A 4 2.60 -1.90 16.95
N LYS A 5 2.72 -0.77 16.25
CA LYS A 5 3.16 -0.79 14.86
C LYS A 5 4.52 -0.09 14.70
N PRO A 6 5.60 -0.89 14.69
CA PRO A 6 6.96 -0.36 14.55
C PRO A 6 7.23 0.19 13.16
N LYS A 7 8.36 0.88 13.01
CA LYS A 7 8.74 1.45 11.73
C LYS A 7 9.91 0.68 11.11
N VAL A 8 9.67 0.13 9.92
CA VAL A 8 10.71 -0.63 9.22
C VAL A 8 10.75 -0.26 7.74
N LYS A 9 11.92 -0.40 7.14
CA LYS A 9 12.10 -0.09 5.73
C LYS A 9 12.31 -1.36 4.90
N LYS A 10 12.78 -2.41 5.57
CA LYS A 10 13.02 -3.69 4.90
C LYS A 10 11.81 -4.61 5.04
N HIS A 11 11.52 -5.02 6.27
CA HIS A 11 10.39 -5.90 6.52
C HIS A 11 9.10 -5.32 5.94
N ILE A 12 9.05 -4.00 5.80
CA ILE A 12 7.89 -3.33 5.25
C ILE A 12 7.48 -3.96 3.92
N THR A 13 8.46 -4.48 3.18
CA THR A 13 8.20 -5.11 1.90
C THR A 13 7.12 -6.18 2.01
N SER A 14 7.36 -7.16 2.87
CA SER A 14 6.41 -8.25 3.07
C SER A 14 5.17 -7.76 3.81
N ALA A 15 5.38 -6.85 4.77
CA ALA A 15 4.28 -6.30 5.54
C ALA A 15 3.18 -5.75 4.64
N LEU A 16 3.58 -5.00 3.63
CA LEU A 16 2.63 -4.41 2.69
C LEU A 16 1.75 -5.49 2.06
N LYS A 17 2.36 -6.62 1.71
CA LYS A 17 1.64 -7.72 1.10
C LYS A 17 0.48 -8.16 1.98
N LYS A 18 0.67 -8.06 3.29
CA LYS A 18 -0.36 -8.45 4.25
C LYS A 18 -1.45 -7.38 4.33
N LEU A 19 -1.05 -6.13 4.20
CA LEU A 19 -1.99 -5.01 4.26
C LEU A 19 -3.03 -5.11 3.13
N VAL A 20 -2.54 -5.24 1.90
CA VAL A 20 -3.43 -5.36 0.75
C VAL A 20 -4.32 -6.58 0.84
N ASP A 21 -3.82 -7.61 1.54
CA ASP A 21 -4.58 -8.84 1.72
C ASP A 21 -5.63 -8.69 2.81
N LYS A 22 -5.31 -7.92 3.84
CA LYS A 22 -6.23 -7.69 4.94
C LYS A 22 -6.95 -6.35 4.78
N TYR A 23 -7.04 -5.89 3.54
CA TYR A 23 -7.71 -4.62 3.25
C TYR A 23 -9.19 -4.70 3.59
N ARG A 24 -9.83 -5.79 3.21
CA ARG A 24 -11.25 -5.99 3.46
C ARG A 24 -11.46 -6.70 4.80
N ASN A 25 -10.40 -6.79 5.60
CA ASN A 25 -10.48 -7.45 6.90
C ASN A 25 -10.53 -6.42 8.02
N ASP A 26 -9.76 -5.35 7.87
CA ASP A 26 -9.73 -4.29 8.88
C ASP A 26 -10.18 -2.96 8.29
N GLU A 27 -11.09 -2.30 9.00
CA GLU A 27 -11.61 -1.01 8.54
C GLU A 27 -10.52 0.05 8.53
N HIS A 28 -9.66 0.03 9.54
CA HIS A 28 -8.56 0.98 9.65
C HIS A 28 -7.59 0.82 8.49
N VAL A 29 -7.30 -0.44 8.13
CA VAL A 29 -6.38 -0.73 7.04
C VAL A 29 -6.87 -0.11 5.73
N ARG A 30 -8.18 -0.03 5.57
CA ARG A 30 -8.77 0.56 4.37
C ARG A 30 -8.41 2.03 4.24
N LYS A 31 -8.70 2.79 5.29
CA LYS A 31 -8.40 4.22 5.29
C LYS A 31 -6.90 4.47 5.36
N VAL A 32 -6.19 3.58 6.04
CA VAL A 32 -4.74 3.69 6.17
C VAL A 32 -4.05 3.46 4.83
N PHE A 33 -4.31 2.30 4.23
CA PHE A 33 -3.72 1.95 2.95
C PHE A 33 -4.18 2.90 1.85
N ASP A 34 -5.39 3.41 2.00
CA ASP A 34 -5.96 4.34 1.03
C ASP A 34 -5.15 5.63 0.98
N GLU A 35 -4.89 6.20 2.15
CA GLU A 35 -4.14 7.44 2.24
C GLU A 35 -2.70 7.25 1.75
N ILE A 36 -2.12 6.10 2.06
CA ILE A 36 -0.76 5.79 1.65
C ILE A 36 -0.67 5.60 0.14
N GLN A 37 -1.49 4.70 -0.39
CA GLN A 37 -1.51 4.43 -1.82
C GLN A 37 -1.55 5.73 -2.62
N GLN A 38 -2.27 6.72 -2.09
CA GLN A 38 -2.40 8.01 -2.76
C GLN A 38 -1.11 8.83 -2.62
N LYS A 39 -0.74 9.13 -1.39
CA LYS A 39 0.47 9.89 -1.12
C LYS A 39 1.68 9.26 -1.79
N LEU A 40 1.62 7.94 -1.98
CA LEU A 40 2.72 7.21 -2.62
C LEU A 40 2.47 7.05 -4.12
N HIS A 41 1.22 7.23 -4.52
CA HIS A 41 0.83 7.11 -5.92
C HIS A 41 1.06 5.69 -6.43
N CYS A 42 0.53 4.72 -5.71
CA CYS A 42 0.67 3.32 -6.08
C CYS A 42 -0.63 2.55 -5.84
N CYS A 43 -0.66 1.29 -6.28
CA CYS A 43 -1.83 0.46 -6.10
C CYS A 43 -1.47 -0.84 -5.38
N GLY A 44 -2.35 -1.25 -4.47
CA GLY A 44 -2.12 -2.46 -3.70
C GLY A 44 -0.74 -2.49 -3.08
N ALA A 45 -0.35 -3.66 -2.55
CA ALA A 45 0.95 -3.81 -1.92
C ALA A 45 2.07 -3.83 -2.95
N ASP A 46 2.10 -4.88 -3.76
CA ASP A 46 3.11 -5.03 -4.80
C ASP A 46 2.53 -4.77 -6.18
N SER A 47 1.20 -4.72 -6.25
CA SER A 47 0.51 -4.49 -7.52
C SER A 47 -1.00 -4.36 -7.30
N PRO A 48 -1.68 -3.76 -8.28
CA PRO A 48 -3.13 -3.56 -8.22
C PRO A 48 -3.91 -4.86 -8.33
N LYS A 49 -3.26 -5.88 -8.89
CA LYS A 49 -3.89 -7.19 -9.06
C LYS A 49 -4.19 -7.83 -7.70
N ASP A 50 -3.57 -7.28 -6.65
CA ASP A 50 -3.77 -7.80 -5.30
C ASP A 50 -5.22 -7.66 -4.87
N TYR A 51 -5.92 -6.68 -5.45
CA TYR A 51 -7.31 -6.43 -5.12
C TYR A 51 -8.24 -7.24 -6.03
N GLY A 52 -7.72 -7.63 -7.19
CA GLY A 52 -8.51 -8.41 -8.13
C GLY A 52 -8.75 -7.66 -9.43
N GLU A 53 -9.90 -7.00 -9.52
CA GLU A 53 -10.25 -6.26 -10.73
C GLU A 53 -11.03 -4.99 -10.37
N ASN A 54 -10.92 -4.56 -9.12
CA ASN A 54 -11.62 -3.37 -8.65
C ASN A 54 -10.94 -2.80 -7.41
N PRO A 55 -9.79 -2.13 -7.62
CA PRO A 55 -9.01 -1.52 -6.54
C PRO A 55 -9.72 -0.30 -5.95
N PRO A 56 -9.22 0.17 -4.79
CA PRO A 56 -9.79 1.33 -4.11
C PRO A 56 -9.53 2.64 -4.86
N THR A 57 -10.33 3.66 -4.55
CA THR A 57 -10.18 4.96 -5.20
C THR A 57 -8.77 5.51 -5.00
N SER A 58 -8.08 5.04 -3.97
CA SER A 58 -6.73 5.49 -3.67
C SER A 58 -5.75 5.01 -4.75
N CYS A 59 -6.19 4.06 -5.55
CA CYS A 59 -5.36 3.52 -6.62
C CYS A 59 -5.26 4.49 -7.79
N SER A 60 -6.28 5.34 -7.94
CA SER A 60 -6.31 6.32 -9.01
C SER A 60 -6.49 7.73 -8.46
N LYS A 61 -6.04 8.71 -9.22
CA LYS A 61 -6.14 10.11 -8.82
C LYS A 61 -6.14 11.04 -10.03
N ASP A 62 -6.96 12.09 -9.98
CA ASP A 62 -7.06 13.05 -11.06
C ASP A 62 -7.36 12.34 -12.38
N GLY A 63 -8.01 11.18 -12.30
CA GLY A 63 -8.35 10.43 -13.49
C GLY A 63 -7.16 9.64 -14.03
N VAL A 64 -6.23 9.30 -13.15
CA VAL A 64 -5.05 8.55 -13.55
C VAL A 64 -4.89 7.29 -12.72
N GLN A 65 -4.20 6.30 -13.27
CA GLN A 65 -3.98 5.04 -12.57
C GLN A 65 -2.51 4.87 -12.19
N PHE A 66 -2.27 4.34 -11.00
CA PHE A 66 -0.91 4.13 -10.51
C PHE A 66 -0.46 2.69 -10.76
N THR A 67 0.01 2.44 -11.98
CA THR A 67 0.48 1.10 -12.35
C THR A 67 1.64 0.66 -11.48
N GLU A 68 2.27 1.63 -10.82
CA GLU A 68 3.41 1.35 -9.94
C GLU A 68 2.94 0.74 -8.62
N GLY A 69 3.80 -0.09 -8.03
CA GLY A 69 3.46 -0.71 -6.77
C GLY A 69 3.84 0.13 -5.57
N CYS A 70 3.58 -0.39 -4.37
CA CYS A 70 3.91 0.33 -3.14
C CYS A 70 5.21 -0.19 -2.55
N ILE A 71 5.36 -1.51 -2.50
CA ILE A 71 6.56 -2.13 -1.95
C ILE A 71 7.81 -1.65 -2.68
N LYS A 72 7.65 -1.30 -3.94
CA LYS A 72 8.76 -0.82 -4.75
C LYS A 72 8.98 0.68 -4.54
N LYS A 73 7.87 1.41 -4.35
CA LYS A 73 7.94 2.85 -4.14
C LYS A 73 8.55 3.17 -2.77
N VAL A 74 8.05 2.50 -1.73
CA VAL A 74 8.54 2.72 -0.38
C VAL A 74 10.04 2.49 -0.30
N SER A 75 10.51 1.43 -0.96
CA SER A 75 11.92 1.09 -0.95
C SER A 75 12.74 2.17 -1.65
N ASP A 76 12.15 2.78 -2.67
CA ASP A 76 12.82 3.83 -3.42
C ASP A 76 13.16 5.02 -2.51
N LEU A 77 12.14 5.54 -1.83
CA LEU A 77 12.34 6.67 -0.93
C LEU A 77 13.07 6.24 0.34
N SER A 78 12.85 5.00 0.75
CA SER A 78 13.48 4.46 1.95
C SER A 78 15.00 4.59 1.86
N LYS A 79 15.57 4.10 0.76
CA LYS A 79 17.00 4.14 0.55
C LYS A 79 17.39 5.35 -0.31
N ALA A 80 16.73 6.48 -0.06
CA ALA A 80 17.00 7.70 -0.80
C ALA A 80 18.48 8.07 -0.74
N HIS A 81 19.11 8.21 -1.91
CA HIS A 81 20.52 8.56 -1.99
C HIS A 81 20.74 9.71 -2.97
N GLY A 1 6.12 -15.56 23.66
CA GLY A 1 7.20 -15.71 24.62
C GLY A 1 7.52 -14.41 25.33
N SER A 2 8.57 -14.44 26.15
CA SER A 2 8.97 -13.25 26.90
C SER A 2 10.21 -12.61 26.28
N ASN A 3 10.01 -11.85 25.22
CA ASN A 3 11.12 -11.18 24.54
C ASN A 3 10.62 -9.96 23.77
N GLU A 4 11.41 -8.89 23.80
CA GLU A 4 11.05 -7.66 23.11
C GLU A 4 11.05 -7.87 21.60
N LYS A 5 10.05 -7.31 20.93
CA LYS A 5 9.93 -7.43 19.49
C LYS A 5 10.10 -6.08 18.80
N PRO A 6 11.32 -5.80 18.33
CA PRO A 6 11.64 -4.54 17.65
C PRO A 6 10.98 -4.44 16.28
N LYS A 7 11.03 -3.25 15.69
CA LYS A 7 10.44 -3.02 14.38
C LYS A 7 11.35 -2.13 13.52
N VAL A 8 11.32 -2.35 12.21
CA VAL A 8 12.13 -1.57 11.28
C VAL A 8 11.28 -0.98 10.17
N LYS A 9 11.72 0.14 9.63
CA LYS A 9 11.00 0.81 8.54
C LYS A 9 10.79 -0.13 7.36
N LYS A 10 11.81 -0.95 7.08
CA LYS A 10 11.74 -1.90 5.98
C LYS A 10 10.58 -2.87 6.17
N HIS A 11 10.20 -3.09 7.43
CA HIS A 11 9.10 -4.00 7.75
C HIS A 11 7.83 -3.56 7.04
N ILE A 12 7.74 -2.29 6.70
CA ILE A 12 6.56 -1.75 6.02
C ILE A 12 6.22 -2.58 4.78
N THR A 13 7.24 -3.17 4.18
CA THR A 13 7.04 -4.00 2.99
C THR A 13 5.97 -5.05 3.22
N SER A 14 6.12 -5.83 4.29
CA SER A 14 5.17 -6.88 4.62
C SER A 14 3.86 -6.28 5.11
N ALA A 15 3.95 -5.16 5.84
CA ALA A 15 2.78 -4.49 6.37
C ALA A 15 1.80 -4.13 5.25
N LEU A 16 2.32 -3.53 4.19
CA LEU A 16 1.50 -3.12 3.05
C LEU A 16 0.71 -4.32 2.51
N LYS A 17 1.37 -5.47 2.43
CA LYS A 17 0.74 -6.67 1.92
C LYS A 17 -0.54 -6.99 2.70
N LYS A 18 -0.52 -6.67 4.00
CA LYS A 18 -1.68 -6.92 4.85
C LYS A 18 -2.75 -5.85 4.64
N LEU A 19 -2.31 -4.62 4.37
CA LEU A 19 -3.23 -3.51 4.15
C LEU A 19 -4.12 -3.78 2.93
N VAL A 20 -3.50 -4.10 1.80
CA VAL A 20 -4.23 -4.39 0.58
C VAL A 20 -5.16 -5.58 0.76
N ASP A 21 -4.79 -6.48 1.66
CA ASP A 21 -5.60 -7.66 1.94
C ASP A 21 -6.78 -7.33 2.85
N LYS A 22 -6.52 -6.47 3.83
CA LYS A 22 -7.56 -6.06 4.77
C LYS A 22 -8.22 -4.75 4.33
N TYR A 23 -8.12 -4.46 3.04
CA TYR A 23 -8.70 -3.24 2.49
C TYR A 23 -10.23 -3.27 2.60
N ARG A 24 -10.82 -4.41 2.28
CA ARG A 24 -12.27 -4.57 2.34
C ARG A 24 -12.69 -5.09 3.71
N ASN A 25 -11.78 -5.06 4.67
CA ASN A 25 -12.05 -5.53 6.02
C ASN A 25 -12.24 -4.36 6.98
N ASP A 26 -11.42 -3.33 6.81
CA ASP A 26 -11.50 -2.14 7.66
C ASP A 26 -11.74 -0.89 6.82
N GLU A 27 -12.75 -0.11 7.21
CA GLU A 27 -13.09 1.12 6.49
C GLU A 27 -11.96 2.14 6.60
N HIS A 28 -11.39 2.27 7.79
CA HIS A 28 -10.31 3.20 8.03
C HIS A 28 -9.11 2.90 7.13
N VAL A 29 -8.95 1.62 6.79
CA VAL A 29 -7.86 1.19 5.93
C VAL A 29 -8.07 1.65 4.49
N ARG A 30 -9.33 1.69 4.07
CA ARG A 30 -9.67 2.10 2.71
C ARG A 30 -9.28 3.55 2.48
N LYS A 31 -9.74 4.45 3.34
CA LYS A 31 -9.44 5.86 3.22
C LYS A 31 -7.94 6.11 3.35
N VAL A 32 -7.28 5.31 4.20
CA VAL A 32 -5.85 5.44 4.40
C VAL A 32 -5.07 4.98 3.17
N PHE A 33 -5.41 3.80 2.68
CA PHE A 33 -4.74 3.24 1.50
C PHE A 33 -5.11 4.03 0.25
N ASP A 34 -6.26 4.69 0.29
CA ASP A 34 -6.73 5.48 -0.85
C ASP A 34 -5.90 6.73 -1.02
N GLU A 35 -5.69 7.47 0.08
CA GLU A 35 -4.91 8.70 0.05
C GLU A 35 -3.44 8.40 -0.26
N ILE A 36 -2.94 7.30 0.31
CA ILE A 36 -1.55 6.91 0.09
C ILE A 36 -1.32 6.46 -1.35
N GLN A 37 -2.12 5.51 -1.81
CA GLN A 37 -1.99 5.00 -3.17
C GLN A 37 -1.92 6.15 -4.17
N GLN A 38 -2.66 7.22 -3.90
CA GLN A 38 -2.67 8.39 -4.78
C GLN A 38 -1.38 9.19 -4.64
N LYS A 39 -1.12 9.69 -3.44
CA LYS A 39 0.07 10.47 -3.17
C LYS A 39 1.33 9.72 -3.61
N LEU A 40 1.25 8.39 -3.58
CA LEU A 40 2.38 7.55 -3.97
C LEU A 40 2.27 7.15 -5.44
N HIS A 41 1.07 7.29 -6.00
CA HIS A 41 0.84 6.94 -7.40
C HIS A 41 1.06 5.46 -7.63
N CYS A 42 0.55 4.63 -6.73
CA CYS A 42 0.69 3.19 -6.83
C CYS A 42 -0.63 2.48 -6.55
N CYS A 43 -0.68 1.18 -6.85
CA CYS A 43 -1.89 0.40 -6.63
C CYS A 43 -1.61 -0.80 -5.73
N GLY A 44 -2.58 -1.15 -4.89
CA GLY A 44 -2.41 -2.28 -3.99
C GLY A 44 -1.13 -2.19 -3.19
N ALA A 45 -0.78 -3.28 -2.52
CA ALA A 45 0.43 -3.33 -1.72
C ALA A 45 1.67 -3.48 -2.60
N ASP A 46 1.78 -4.62 -3.26
CA ASP A 46 2.91 -4.90 -4.14
C ASP A 46 2.50 -4.81 -5.60
N SER A 47 1.19 -4.80 -5.85
CA SER A 47 0.66 -4.72 -7.20
C SER A 47 -0.85 -4.52 -7.19
N PRO A 48 -1.39 -4.05 -8.32
CA PRO A 48 -2.82 -3.80 -8.47
C PRO A 48 -3.64 -5.08 -8.49
N LYS A 49 -2.99 -6.18 -8.88
CA LYS A 49 -3.66 -7.48 -8.95
C LYS A 49 -4.13 -7.92 -7.56
N ASP A 50 -3.56 -7.32 -6.53
CA ASP A 50 -3.91 -7.65 -5.16
C ASP A 50 -5.41 -7.50 -4.93
N TYR A 51 -6.02 -6.57 -5.67
CA TYR A 51 -7.45 -6.33 -5.54
C TYR A 51 -8.25 -7.25 -6.45
N GLY A 52 -7.59 -7.73 -7.51
CA GLY A 52 -8.25 -8.63 -8.45
C GLY A 52 -8.35 -8.03 -9.84
N GLU A 53 -9.55 -7.57 -10.20
CA GLU A 53 -9.77 -6.99 -11.51
C GLU A 53 -10.62 -5.73 -11.41
N ASN A 54 -10.47 -5.01 -10.30
CA ASN A 54 -11.24 -3.79 -10.08
C ASN A 54 -10.72 -3.04 -8.86
N PRO A 55 -9.56 -2.39 -9.00
CA PRO A 55 -8.94 -1.62 -7.93
C PRO A 55 -9.71 -0.36 -7.58
N PRO A 56 -9.37 0.27 -6.45
CA PRO A 56 -10.02 1.49 -5.98
C PRO A 56 -9.68 2.69 -6.86
N THR A 57 -10.52 3.72 -6.78
CA THR A 57 -10.32 4.94 -7.56
C THR A 57 -8.95 5.55 -7.29
N SER A 58 -8.41 5.26 -6.10
CA SER A 58 -7.11 5.80 -5.71
C SER A 58 -6.01 5.21 -6.58
N CYS A 59 -6.32 4.13 -7.30
CA CYS A 59 -5.36 3.48 -8.17
C CYS A 59 -5.18 4.26 -9.47
N SER A 60 -6.20 5.06 -9.82
CA SER A 60 -6.16 5.85 -11.03
C SER A 60 -6.27 7.34 -10.72
N LYS A 61 -5.87 8.18 -11.66
CA LYS A 61 -5.93 9.63 -11.47
C LYS A 61 -5.85 10.35 -12.82
N ASP A 62 -6.74 11.30 -13.03
CA ASP A 62 -6.77 12.07 -14.28
C ASP A 62 -6.99 11.16 -15.47
N GLY A 63 -7.65 10.03 -15.23
CA GLY A 63 -7.91 9.09 -16.30
C GLY A 63 -6.71 8.23 -16.63
N VAL A 64 -5.83 8.04 -15.65
CA VAL A 64 -4.63 7.24 -15.84
C VAL A 64 -4.54 6.13 -14.80
N GLN A 65 -3.82 5.07 -15.13
CA GLN A 65 -3.66 3.93 -14.23
C GLN A 65 -2.22 3.81 -13.76
N PHE A 66 -2.03 3.61 -12.46
CA PHE A 66 -0.69 3.48 -11.90
C PHE A 66 -0.22 2.03 -11.93
N THR A 67 0.69 1.75 -12.86
CA THR A 67 1.23 0.40 -13.02
C THR A 67 2.47 0.19 -12.15
N GLU A 68 2.39 0.63 -10.90
CA GLU A 68 3.50 0.49 -9.97
C GLU A 68 3.01 0.12 -8.58
N GLY A 69 3.79 -0.73 -7.90
CA GLY A 69 3.41 -1.15 -6.56
C GLY A 69 3.66 -0.09 -5.51
N CYS A 70 3.35 -0.40 -4.26
CA CYS A 70 3.54 0.55 -3.17
C CYS A 70 4.76 0.18 -2.34
N ILE A 71 4.92 -1.11 -2.07
CA ILE A 71 6.04 -1.59 -1.29
C ILE A 71 7.37 -1.09 -1.86
N LYS A 72 7.39 -0.87 -3.17
CA LYS A 72 8.59 -0.38 -3.85
C LYS A 72 8.75 1.12 -3.66
N LYS A 73 7.64 1.85 -3.77
CA LYS A 73 7.66 3.30 -3.62
C LYS A 73 8.01 3.69 -2.19
N VAL A 74 7.45 2.95 -1.23
CA VAL A 74 7.70 3.23 0.18
C VAL A 74 9.15 2.93 0.55
N SER A 75 9.62 1.74 0.19
CA SER A 75 10.98 1.33 0.49
C SER A 75 11.98 2.23 -0.25
N ASP A 76 11.61 2.65 -1.45
CA ASP A 76 12.47 3.51 -2.26
C ASP A 76 12.74 4.84 -1.55
N LEU A 77 11.66 5.52 -1.18
CA LEU A 77 11.78 6.81 -0.49
C LEU A 77 12.26 6.62 0.94
N SER A 78 11.99 5.44 1.51
CA SER A 78 12.41 5.13 2.86
C SER A 78 13.93 5.07 2.97
N LYS A 79 14.57 4.51 1.94
CA LYS A 79 16.01 4.39 1.92
C LYS A 79 16.63 5.41 0.97
N ALA A 80 16.03 6.59 0.90
CA ALA A 80 16.51 7.65 0.04
C ALA A 80 17.88 8.16 0.50
N HIS A 81 18.65 8.72 -0.41
CA HIS A 81 19.97 9.25 -0.09
C HIS A 81 20.28 10.48 -0.92
N GLY A 1 -4.54 -5.94 14.51
CA GLY A 1 -4.22 -7.14 15.25
C GLY A 1 -3.31 -6.87 16.43
N SER A 2 -2.01 -6.75 16.14
CA SER A 2 -1.02 -6.50 17.19
C SER A 2 -1.14 -5.06 17.71
N ASN A 3 -0.84 -4.88 18.99
CA ASN A 3 -0.91 -3.57 19.61
C ASN A 3 0.36 -2.77 19.35
N GLU A 4 1.50 -3.33 19.76
CA GLU A 4 2.78 -2.68 19.56
C GLU A 4 3.34 -2.96 18.17
N LYS A 5 3.12 -2.03 17.25
CA LYS A 5 3.59 -2.19 15.87
C LYS A 5 4.62 -1.11 15.53
N PRO A 6 5.91 -1.46 15.66
CA PRO A 6 7.01 -0.53 15.37
C PRO A 6 7.14 -0.24 13.87
N LYS A 7 7.96 0.75 13.54
CA LYS A 7 8.18 1.12 12.15
C LYS A 7 9.36 0.38 11.56
N VAL A 8 9.19 -0.15 10.35
CA VAL A 8 10.25 -0.89 9.67
C VAL A 8 10.36 -0.47 8.21
N LYS A 9 11.57 -0.59 7.66
CA LYS A 9 11.81 -0.23 6.26
C LYS A 9 12.08 -1.48 5.42
N LYS A 10 12.53 -2.54 6.07
CA LYS A 10 12.83 -3.79 5.39
C LYS A 10 11.63 -4.73 5.42
N HIS A 11 11.26 -5.17 6.63
CA HIS A 11 10.13 -6.07 6.81
C HIS A 11 8.88 -5.51 6.14
N ILE A 12 8.82 -4.18 6.02
CA ILE A 12 7.68 -3.52 5.41
C ILE A 12 7.35 -4.13 4.04
N THR A 13 8.38 -4.65 3.37
CA THR A 13 8.21 -5.26 2.07
C THR A 13 7.11 -6.32 2.09
N SER A 14 7.30 -7.34 2.94
CA SER A 14 6.33 -8.41 3.06
C SER A 14 5.06 -7.93 3.76
N ALA A 15 5.24 -7.02 4.72
CA ALA A 15 4.11 -6.48 5.47
C ALA A 15 3.05 -5.91 4.52
N LEU A 16 3.50 -5.22 3.49
CA LEU A 16 2.59 -4.63 2.51
C LEU A 16 1.72 -5.70 1.86
N LYS A 17 2.34 -6.81 1.47
CA LYS A 17 1.62 -7.91 0.83
C LYS A 17 0.46 -8.37 1.71
N LYS A 18 0.64 -8.32 3.02
CA LYS A 18 -0.38 -8.72 3.97
C LYS A 18 -1.45 -7.63 4.11
N LEU A 19 -1.02 -6.38 4.04
CA LEU A 19 -1.95 -5.26 4.15
C LEU A 19 -3.00 -5.29 3.05
N VAL A 20 -2.53 -5.37 1.80
CA VAL A 20 -3.43 -5.41 0.65
C VAL A 20 -4.41 -6.58 0.76
N ASP A 21 -3.99 -7.63 1.45
CA ASP A 21 -4.83 -8.81 1.63
C ASP A 21 -5.85 -8.59 2.74
N LYS A 22 -5.43 -7.91 3.79
CA LYS A 22 -6.30 -7.63 4.92
C LYS A 22 -6.94 -6.24 4.80
N TYR A 23 -7.00 -5.74 3.56
CA TYR A 23 -7.57 -4.43 3.30
C TYR A 23 -9.03 -4.38 3.73
N ARG A 24 -9.78 -5.44 3.40
CA ARG A 24 -11.19 -5.52 3.76
C ARG A 24 -11.37 -6.20 5.11
N ASN A 25 -10.26 -6.53 5.76
CA ASN A 25 -10.30 -7.18 7.05
C ASN A 25 -10.40 -6.16 8.18
N ASP A 26 -9.66 -5.07 8.05
CA ASP A 26 -9.65 -4.01 9.05
C ASP A 26 -9.92 -2.65 8.41
N GLU A 27 -10.84 -1.90 9.00
CA GLU A 27 -11.19 -0.58 8.49
C GLU A 27 -9.99 0.38 8.57
N HIS A 28 -9.29 0.34 9.70
CA HIS A 28 -8.13 1.19 9.90
C HIS A 28 -7.09 0.96 8.82
N VAL A 29 -7.04 -0.25 8.28
CA VAL A 29 -6.09 -0.60 7.23
C VAL A 29 -6.47 0.08 5.92
N ARG A 30 -7.77 0.24 5.68
CA ARG A 30 -8.25 0.86 4.46
C ARG A 30 -7.82 2.32 4.38
N LYS A 31 -8.14 3.08 5.42
CA LYS A 31 -7.78 4.49 5.49
C LYS A 31 -6.27 4.68 5.43
N VAL A 32 -5.54 3.75 6.05
CA VAL A 32 -4.09 3.81 6.07
C VAL A 32 -3.51 3.50 4.69
N PHE A 33 -3.88 2.35 4.14
CA PHE A 33 -3.40 1.94 2.83
C PHE A 33 -3.88 2.90 1.75
N ASP A 34 -5.00 3.56 2.01
CA ASP A 34 -5.56 4.52 1.05
C ASP A 34 -4.70 5.77 0.96
N GLU A 35 -4.34 6.32 2.13
CA GLU A 35 -3.52 7.53 2.17
C GLU A 35 -2.12 7.25 1.64
N ILE A 36 -1.59 6.07 1.97
CA ILE A 36 -0.26 5.69 1.52
C ILE A 36 -0.23 5.44 0.02
N GLN A 37 -1.31 4.86 -0.49
CA GLN A 37 -1.41 4.56 -1.92
C GLN A 37 -1.43 5.85 -2.74
N GLN A 38 -2.09 6.87 -2.22
CA GLN A 38 -2.19 8.15 -2.91
C GLN A 38 -0.86 8.91 -2.83
N LYS A 39 -0.38 9.11 -1.60
CA LYS A 39 0.88 9.82 -1.39
C LYS A 39 2.02 9.14 -2.14
N LEU A 40 1.94 7.82 -2.26
CA LEU A 40 2.97 7.06 -2.96
C LEU A 40 2.58 6.81 -4.42
N HIS A 41 1.36 7.20 -4.76
CA HIS A 41 0.86 7.04 -6.13
C HIS A 41 1.04 5.59 -6.58
N CYS A 42 0.61 4.65 -5.77
CA CYS A 42 0.73 3.23 -6.09
C CYS A 42 -0.58 2.50 -5.80
N CYS A 43 -0.67 1.26 -6.26
CA CYS A 43 -1.86 0.44 -6.05
C CYS A 43 -1.51 -0.87 -5.36
N GLY A 44 -2.40 -1.33 -4.49
CA GLY A 44 -2.17 -2.57 -3.77
C GLY A 44 -0.81 -2.61 -3.10
N ALA A 45 -0.36 -3.80 -2.74
CA ALA A 45 0.93 -3.98 -2.09
C ALA A 45 2.06 -4.01 -3.12
N ASP A 46 2.10 -5.07 -3.90
CA ASP A 46 3.12 -5.24 -4.93
C ASP A 46 2.55 -4.98 -6.32
N SER A 47 1.24 -4.78 -6.39
CA SER A 47 0.57 -4.53 -7.66
C SER A 47 -0.93 -4.31 -7.45
N PRO A 48 -1.57 -3.69 -8.44
CA PRO A 48 -3.01 -3.41 -8.39
C PRO A 48 -3.86 -4.67 -8.49
N LYS A 49 -3.31 -5.69 -9.12
CA LYS A 49 -4.01 -6.96 -9.29
C LYS A 49 -4.29 -7.61 -7.94
N ASP A 50 -3.58 -7.14 -6.91
CA ASP A 50 -3.75 -7.68 -5.56
C ASP A 50 -5.21 -7.55 -5.11
N TYR A 51 -5.89 -6.52 -5.60
CA TYR A 51 -7.28 -6.30 -5.25
C TYR A 51 -8.22 -7.04 -6.19
N GLY A 52 -7.73 -7.33 -7.39
CA GLY A 52 -8.53 -8.05 -8.37
C GLY A 52 -8.77 -7.22 -9.63
N GLU A 53 -9.95 -6.63 -9.72
CA GLU A 53 -10.30 -5.81 -10.89
C GLU A 53 -11.07 -4.56 -10.46
N ASN A 54 -10.93 -4.19 -9.19
CA ASN A 54 -11.61 -3.02 -8.66
C ASN A 54 -10.89 -2.48 -7.43
N PRO A 55 -9.74 -1.82 -7.65
CA PRO A 55 -8.94 -1.25 -6.57
C PRO A 55 -9.60 -0.05 -5.92
N PRO A 56 -9.07 0.38 -4.76
CA PRO A 56 -9.61 1.52 -4.02
C PRO A 56 -9.36 2.84 -4.74
N THR A 57 -10.14 3.86 -4.37
CA THR A 57 -10.01 5.18 -4.98
C THR A 57 -8.59 5.71 -4.84
N SER A 58 -7.88 5.22 -3.83
CA SER A 58 -6.50 5.66 -3.58
C SER A 58 -5.59 5.19 -4.70
N CYS A 59 -6.07 4.25 -5.51
CA CYS A 59 -5.30 3.72 -6.62
C CYS A 59 -5.29 4.68 -7.80
N SER A 60 -6.33 5.51 -7.88
CA SER A 60 -6.46 6.48 -8.96
C SER A 60 -6.53 7.90 -8.41
N LYS A 61 -6.20 8.87 -9.26
CA LYS A 61 -6.23 10.27 -8.87
C LYS A 61 -6.35 11.18 -10.08
N ASP A 62 -7.17 12.22 -9.97
CA ASP A 62 -7.37 13.17 -11.06
C ASP A 62 -7.78 12.44 -12.34
N GLY A 63 -8.41 11.28 -12.17
CA GLY A 63 -8.84 10.50 -13.32
C GLY A 63 -7.72 9.71 -13.95
N VAL A 64 -6.71 9.39 -13.15
CA VAL A 64 -5.56 8.62 -13.63
C VAL A 64 -5.34 7.37 -12.80
N GLN A 65 -4.69 6.38 -13.40
CA GLN A 65 -4.42 5.11 -12.71
C GLN A 65 -2.93 4.96 -12.44
N PHE A 66 -2.60 4.51 -11.23
CA PHE A 66 -1.20 4.32 -10.84
C PHE A 66 -0.74 2.91 -11.18
N THR A 67 0.10 2.80 -12.22
CA THR A 67 0.62 1.51 -12.64
C THR A 67 1.93 1.19 -11.95
N GLU A 68 1.97 1.40 -10.63
CA GLU A 68 3.18 1.13 -9.86
C GLU A 68 2.82 0.51 -8.51
N GLY A 69 3.70 -0.36 -8.02
CA GLY A 69 3.45 -1.01 -6.75
C GLY A 69 3.81 -0.12 -5.57
N CYS A 70 3.58 -0.63 -4.36
CA CYS A 70 3.87 0.12 -3.15
C CYS A 70 5.16 -0.37 -2.50
N ILE A 71 5.36 -1.69 -2.53
CA ILE A 71 6.56 -2.28 -1.94
C ILE A 71 7.82 -1.71 -2.57
N LYS A 72 7.74 -1.39 -3.86
CA LYS A 72 8.88 -0.83 -4.59
C LYS A 72 8.96 0.68 -4.38
N LYS A 73 7.81 1.33 -4.37
CA LYS A 73 7.75 2.78 -4.19
C LYS A 73 8.28 3.17 -2.80
N VAL A 74 7.76 2.50 -1.77
CA VAL A 74 8.18 2.78 -0.40
C VAL A 74 9.69 2.63 -0.24
N SER A 75 10.26 1.66 -0.94
CA SER A 75 11.69 1.42 -0.88
C SER A 75 12.47 2.58 -1.48
N ASP A 76 11.99 3.08 -2.61
CA ASP A 76 12.62 4.20 -3.31
C ASP A 76 12.85 5.36 -2.34
N LEU A 77 11.78 5.81 -1.71
CA LEU A 77 11.85 6.92 -0.77
C LEU A 77 12.53 6.50 0.53
N SER A 78 12.40 5.21 0.86
CA SER A 78 13.01 4.68 2.07
C SER A 78 14.53 4.78 2.01
N LYS A 79 15.11 4.21 0.97
CA LYS A 79 16.56 4.23 0.79
C LYS A 79 16.98 5.38 -0.12
N ALA A 80 16.25 6.48 -0.06
CA ALA A 80 16.54 7.65 -0.90
C ALA A 80 17.92 8.20 -0.59
N HIS A 81 18.54 8.82 -1.58
CA HIS A 81 19.87 9.40 -1.42
C HIS A 81 19.93 10.81 -2.00
N GLY A 1 7.84 -17.98 21.80
CA GLY A 1 9.19 -18.51 21.86
C GLY A 1 10.21 -17.45 22.25
N SER A 2 11.22 -17.27 21.42
CA SER A 2 12.27 -16.29 21.69
C SER A 2 11.92 -14.93 21.06
N ASN A 3 12.66 -13.90 21.45
CA ASN A 3 12.44 -12.56 20.92
C ASN A 3 13.60 -12.13 20.03
N GLU A 4 13.59 -12.62 18.79
CA GLU A 4 14.64 -12.29 17.83
C GLU A 4 14.06 -11.52 16.65
N LYS A 5 13.10 -10.64 16.92
CA LYS A 5 12.47 -9.85 15.88
C LYS A 5 12.88 -8.38 15.98
N PRO A 6 13.89 -8.00 15.18
CA PRO A 6 14.40 -6.62 15.17
C PRO A 6 13.42 -5.64 14.55
N LYS A 7 13.70 -4.36 14.68
CA LYS A 7 12.84 -3.32 14.15
C LYS A 7 13.46 -2.68 12.90
N VAL A 8 12.79 -2.85 11.76
CA VAL A 8 13.28 -2.30 10.50
C VAL A 8 12.14 -1.66 9.71
N LYS A 9 12.49 -0.67 8.89
CA LYS A 9 11.50 0.01 8.07
C LYS A 9 10.67 -0.97 7.25
N LYS A 10 11.28 -2.11 6.92
CA LYS A 10 10.61 -3.14 6.14
C LYS A 10 9.35 -3.63 6.86
N HIS A 11 9.29 -3.41 8.17
CA HIS A 11 8.15 -3.82 8.97
C HIS A 11 6.86 -3.25 8.40
N ILE A 12 6.97 -2.12 7.70
CA ILE A 12 5.81 -1.47 7.10
C ILE A 12 5.04 -2.43 6.21
N THR A 13 5.76 -3.39 5.62
CA THR A 13 5.14 -4.37 4.74
C THR A 13 4.03 -5.13 5.45
N SER A 14 4.14 -5.24 6.76
CA SER A 14 3.13 -5.94 7.56
C SER A 14 1.84 -5.13 7.63
N ALA A 15 1.96 -3.85 7.97
CA ALA A 15 0.80 -2.97 8.06
C ALA A 15 0.14 -2.78 6.70
N LEU A 16 0.96 -2.81 5.65
CA LEU A 16 0.45 -2.63 4.30
C LEU A 16 -0.19 -3.92 3.79
N LYS A 17 0.50 -5.04 3.98
CA LYS A 17 0.01 -6.34 3.54
C LYS A 17 -1.38 -6.60 4.11
N LYS A 18 -1.60 -6.19 5.35
CA LYS A 18 -2.88 -6.38 6.01
C LYS A 18 -3.89 -5.33 5.57
N LEU A 19 -3.41 -4.11 5.37
CA LEU A 19 -4.27 -3.01 4.94
C LEU A 19 -5.03 -3.38 3.68
N VAL A 20 -4.30 -3.80 2.64
CA VAL A 20 -4.90 -4.19 1.38
C VAL A 20 -5.88 -5.34 1.58
N ASP A 21 -5.64 -6.15 2.60
CA ASP A 21 -6.50 -7.29 2.90
C ASP A 21 -7.79 -6.84 3.58
N LYS A 22 -7.66 -5.91 4.52
CA LYS A 22 -8.81 -5.39 5.25
C LYS A 22 -9.32 -4.09 4.62
N TYR A 23 -9.01 -3.91 3.35
CA TYR A 23 -9.43 -2.71 2.62
C TYR A 23 -10.95 -2.60 2.60
N ARG A 24 -11.61 -3.72 2.32
CA ARG A 24 -13.07 -3.75 2.27
C ARG A 24 -13.65 -4.11 3.64
N ASN A 25 -12.81 -4.08 4.66
CA ASN A 25 -13.25 -4.40 6.02
C ASN A 25 -13.51 -3.13 6.82
N ASP A 26 -12.69 -2.11 6.60
CA ASP A 26 -12.83 -0.85 7.30
C ASP A 26 -12.93 0.31 6.31
N GLU A 27 -13.95 1.14 6.50
CA GLU A 27 -14.17 2.29 5.61
C GLU A 27 -13.02 3.29 5.74
N HIS A 28 -12.48 3.42 6.94
CA HIS A 28 -11.39 4.34 7.20
C HIS A 28 -10.12 3.89 6.47
N VAL A 29 -9.99 2.58 6.28
CA VAL A 29 -8.83 2.03 5.59
C VAL A 29 -8.86 2.34 4.10
N ARG A 30 -10.07 2.39 3.55
CA ARG A 30 -10.25 2.68 2.12
C ARG A 30 -9.78 4.09 1.80
N LYS A 31 -10.32 5.08 2.52
CA LYS A 31 -9.95 6.47 2.30
C LYS A 31 -8.46 6.69 2.55
N VAL A 32 -7.92 5.96 3.53
CA VAL A 32 -6.51 6.07 3.86
C VAL A 32 -5.63 5.46 2.78
N PHE A 33 -5.88 4.18 2.48
CA PHE A 33 -5.11 3.48 1.46
C PHE A 33 -5.29 4.13 0.09
N ASP A 34 -6.44 4.77 -0.11
CA ASP A 34 -6.74 5.43 -1.38
C ASP A 34 -5.86 6.67 -1.55
N GLU A 35 -5.79 7.49 -0.51
CA GLU A 35 -4.98 8.70 -0.57
C GLU A 35 -3.49 8.37 -0.67
N ILE A 36 -3.09 7.33 0.05
CA ILE A 36 -1.69 6.90 0.04
C ILE A 36 -1.31 6.28 -1.30
N GLN A 37 -2.26 5.57 -1.90
CA GLN A 37 -2.03 4.93 -3.19
C GLN A 37 -1.80 5.97 -4.29
N GLN A 38 -2.54 7.07 -4.21
CA GLN A 38 -2.42 8.14 -5.20
C GLN A 38 -1.12 8.92 -5.00
N LYS A 39 -0.93 9.42 -3.80
CA LYS A 39 0.26 10.20 -3.47
C LYS A 39 1.53 9.38 -3.74
N LEU A 40 1.43 8.07 -3.55
CA LEU A 40 2.56 7.18 -3.77
C LEU A 40 2.52 6.58 -5.17
N HIS A 41 1.42 6.85 -5.88
CA HIS A 41 1.26 6.35 -7.25
C HIS A 41 1.48 4.83 -7.29
N CYS A 42 0.86 4.12 -6.36
CA CYS A 42 0.98 2.67 -6.29
C CYS A 42 -0.37 2.00 -6.09
N CYS A 43 -0.42 0.69 -6.26
CA CYS A 43 -1.65 -0.06 -6.09
C CYS A 43 -1.49 -1.16 -5.05
N GLY A 44 -2.56 -1.41 -4.30
CA GLY A 44 -2.52 -2.44 -3.27
C GLY A 44 -1.33 -2.29 -2.35
N ALA A 45 -1.05 -3.32 -1.56
CA ALA A 45 0.07 -3.29 -0.63
C ALA A 45 1.37 -3.66 -1.33
N ASP A 46 1.48 -4.90 -1.77
CA ASP A 46 2.67 -5.38 -2.46
C ASP A 46 2.44 -5.47 -3.96
N SER A 47 1.19 -5.30 -4.37
CA SER A 47 0.82 -5.37 -5.78
C SER A 47 -0.67 -5.09 -5.98
N PRO A 48 -1.04 -4.72 -7.21
CA PRO A 48 -2.44 -4.42 -7.56
C PRO A 48 -3.32 -5.66 -7.54
N LYS A 49 -2.70 -6.83 -7.77
CA LYS A 49 -3.43 -8.09 -7.78
C LYS A 49 -4.06 -8.36 -6.42
N ASP A 50 -3.55 -7.69 -5.39
CA ASP A 50 -4.07 -7.86 -4.04
C ASP A 50 -5.58 -7.66 -3.99
N TYR A 51 -6.08 -6.80 -4.88
CA TYR A 51 -7.51 -6.51 -4.94
C TYR A 51 -8.22 -7.48 -5.88
N GLY A 52 -7.46 -8.07 -6.81
CA GLY A 52 -8.03 -9.01 -7.75
C GLY A 52 -7.92 -8.53 -9.18
N GLU A 53 -9.04 -8.06 -9.73
CA GLU A 53 -9.06 -7.57 -11.11
C GLU A 53 -9.87 -6.27 -11.20
N ASN A 54 -10.00 -5.58 -10.08
CA ASN A 54 -10.74 -4.32 -10.04
C ASN A 54 -10.32 -3.48 -8.85
N PRO A 55 -9.13 -2.87 -8.95
CA PRO A 55 -8.58 -2.02 -7.90
C PRO A 55 -9.35 -0.71 -7.74
N PRO A 56 -9.09 0.01 -6.64
CA PRO A 56 -9.74 1.29 -6.35
C PRO A 56 -9.30 2.40 -7.30
N THR A 57 -10.12 3.45 -7.39
CA THR A 57 -9.80 4.57 -8.27
C THR A 57 -8.45 5.19 -7.91
N SER A 58 -8.01 4.98 -6.68
CA SER A 58 -6.73 5.51 -6.22
C SER A 58 -5.57 4.79 -6.90
N CYS A 59 -5.88 3.68 -7.56
CA CYS A 59 -4.85 2.90 -8.25
C CYS A 59 -4.53 3.50 -9.61
N SER A 60 -5.49 4.24 -10.17
CA SER A 60 -5.31 4.87 -11.47
C SER A 60 -5.49 6.39 -11.36
N LYS A 61 -4.87 7.12 -12.27
CA LYS A 61 -4.96 8.58 -12.28
C LYS A 61 -4.73 9.13 -13.69
N ASP A 62 -5.47 10.16 -14.04
CA ASP A 62 -5.35 10.79 -15.36
C ASP A 62 -5.49 9.75 -16.46
N GLY A 63 -6.22 8.67 -16.18
CA GLY A 63 -6.42 7.62 -17.15
C GLY A 63 -5.22 6.70 -17.27
N VAL A 64 -4.44 6.60 -16.19
CA VAL A 64 -3.26 5.76 -16.18
C VAL A 64 -3.29 4.78 -15.01
N GLN A 65 -2.59 3.66 -15.15
CA GLN A 65 -2.54 2.65 -14.11
C GLN A 65 -1.15 2.57 -13.49
N PHE A 66 -1.10 2.47 -12.16
CA PHE A 66 0.17 2.39 -11.46
C PHE A 66 0.61 0.93 -11.29
N THR A 67 1.62 0.53 -12.06
CA THR A 67 2.13 -0.84 -12.01
C THR A 67 3.26 -0.94 -11.01
N GLU A 68 3.08 -0.37 -9.83
CA GLU A 68 4.09 -0.41 -8.78
C GLU A 68 3.45 -0.67 -7.42
N GLY A 69 4.19 -1.33 -6.54
CA GLY A 69 3.69 -1.64 -5.22
C GLY A 69 3.85 -0.46 -4.26
N CYS A 70 3.29 -0.60 -3.06
CA CYS A 70 3.35 0.46 -2.05
C CYS A 70 4.47 0.17 -1.05
N ILE A 71 4.65 -1.11 -0.72
CA ILE A 71 5.68 -1.51 0.23
C ILE A 71 7.06 -1.04 -0.22
N LYS A 72 7.29 -1.08 -1.53
CA LYS A 72 8.56 -0.64 -2.10
C LYS A 72 8.59 0.88 -2.29
N LYS A 73 7.45 1.43 -2.69
CA LYS A 73 7.34 2.87 -2.91
C LYS A 73 7.58 3.64 -1.62
N VAL A 74 6.88 3.24 -0.56
CA VAL A 74 7.02 3.90 0.73
C VAL A 74 8.46 3.88 1.20
N SER A 75 9.19 2.82 0.85
CA SER A 75 10.58 2.68 1.24
C SER A 75 11.46 3.64 0.45
N ASP A 76 11.12 3.83 -0.82
CA ASP A 76 11.88 4.73 -1.69
C ASP A 76 11.97 6.12 -1.09
N LEU A 77 10.83 6.66 -0.69
CA LEU A 77 10.77 7.99 -0.10
C LEU A 77 11.27 7.97 1.35
N SER A 78 11.12 6.82 2.00
CA SER A 78 11.55 6.66 3.38
C SER A 78 13.06 6.85 3.51
N LYS A 79 13.80 6.15 2.67
CA LYS A 79 15.26 6.24 2.68
C LYS A 79 15.73 7.63 2.27
N ALA A 80 14.91 8.31 1.48
CA ALA A 80 15.24 9.66 1.02
C ALA A 80 14.84 10.71 2.05
N HIS A 81 15.63 11.76 2.14
CA HIS A 81 15.36 12.84 3.09
C HIS A 81 15.80 14.18 2.52
N GLY A 1 -0.64 -10.78 25.07
CA GLY A 1 0.12 -11.15 23.89
C GLY A 1 0.86 -9.97 23.29
N SER A 2 0.99 -9.97 21.96
CA SER A 2 1.67 -8.91 21.25
C SER A 2 0.68 -7.98 20.56
N ASN A 3 0.57 -6.75 21.07
CA ASN A 3 -0.34 -5.77 20.49
C ASN A 3 0.40 -4.52 20.05
N GLU A 4 1.65 -4.70 19.60
CA GLU A 4 2.46 -3.58 19.16
C GLU A 4 2.91 -3.77 17.71
N LYS A 5 2.64 -2.77 16.88
CA LYS A 5 3.00 -2.83 15.47
C LYS A 5 4.20 -1.92 15.18
N PRO A 6 5.40 -2.51 15.17
CA PRO A 6 6.64 -1.78 14.90
C PRO A 6 6.75 -1.32 13.46
N LYS A 7 7.73 -0.46 13.18
CA LYS A 7 7.93 0.05 11.84
C LYS A 7 9.33 -0.28 11.33
N VAL A 8 9.41 -0.71 10.07
CA VAL A 8 10.69 -1.07 9.47
C VAL A 8 10.78 -0.55 8.03
N LYS A 9 12.01 -0.45 7.53
CA LYS A 9 12.23 0.02 6.16
C LYS A 9 12.45 -1.14 5.21
N LYS A 10 13.15 -2.17 5.68
CA LYS A 10 13.43 -3.34 4.87
C LYS A 10 12.31 -4.37 5.01
N HIS A 11 11.60 -4.32 6.13
CA HIS A 11 10.50 -5.25 6.39
C HIS A 11 9.20 -4.72 5.81
N ILE A 12 9.16 -3.42 5.54
CA ILE A 12 7.97 -2.79 4.99
C ILE A 12 7.48 -3.53 3.76
N THR A 13 8.40 -4.16 3.03
CA THR A 13 8.06 -4.90 1.83
C THR A 13 6.98 -5.94 2.11
N SER A 14 7.27 -6.84 3.05
CA SER A 14 6.32 -7.89 3.41
C SER A 14 5.12 -7.31 4.14
N ALA A 15 5.35 -6.23 4.88
CA ALA A 15 4.28 -5.57 5.62
C ALA A 15 3.19 -5.06 4.68
N LEU A 16 3.59 -4.71 3.45
CA LEU A 16 2.65 -4.21 2.47
C LEU A 16 1.81 -5.34 1.88
N LYS A 17 2.46 -6.46 1.58
CA LYS A 17 1.77 -7.62 1.02
C LYS A 17 0.60 -8.04 1.91
N LYS A 18 0.77 -7.87 3.22
CA LYS A 18 -0.28 -8.23 4.17
C LYS A 18 -1.37 -7.17 4.21
N LEU A 19 -0.98 -5.91 4.07
CA LEU A 19 -1.92 -4.81 4.08
C LEU A 19 -2.93 -4.94 2.94
N VAL A 20 -2.42 -5.08 1.72
CA VAL A 20 -3.26 -5.22 0.55
C VAL A 20 -4.19 -6.43 0.68
N ASP A 21 -3.75 -7.42 1.44
CA ASP A 21 -4.53 -8.64 1.64
C ASP A 21 -5.64 -8.40 2.67
N LYS A 22 -5.29 -7.72 3.76
CA LYS A 22 -6.24 -7.42 4.81
C LYS A 22 -6.85 -6.03 4.63
N TYR A 23 -6.82 -5.54 3.41
CA TYR A 23 -7.36 -4.21 3.09
C TYR A 23 -8.86 -4.17 3.35
N ARG A 24 -9.56 -5.20 2.90
CA ARG A 24 -11.00 -5.29 3.08
C ARG A 24 -11.35 -6.00 4.38
N ASN A 25 -10.36 -6.18 5.24
CA ASN A 25 -10.56 -6.84 6.52
C ASN A 25 -10.60 -5.84 7.66
N ASP A 26 -9.76 -4.82 7.58
CA ASP A 26 -9.71 -3.77 8.60
C ASP A 26 -10.00 -2.40 8.01
N GLU A 27 -10.92 -1.68 8.63
CA GLU A 27 -11.30 -0.35 8.16
C GLU A 27 -10.13 0.62 8.27
N HIS A 28 -9.43 0.56 9.40
CA HIS A 28 -8.28 1.43 9.63
C HIS A 28 -7.21 1.23 8.56
N VAL A 29 -7.13 0.00 8.04
CA VAL A 29 -6.16 -0.33 7.00
C VAL A 29 -6.52 0.33 5.68
N ARG A 30 -7.81 0.45 5.42
CA ARG A 30 -8.30 1.06 4.18
C ARG A 30 -7.88 2.52 4.09
N LYS A 31 -8.21 3.29 5.12
CA LYS A 31 -7.86 4.70 5.15
C LYS A 31 -6.34 4.89 5.13
N VAL A 32 -5.63 3.98 5.78
CA VAL A 32 -4.17 4.05 5.83
C VAL A 32 -3.56 3.73 4.47
N PHE A 33 -4.01 2.65 3.86
CA PHE A 33 -3.51 2.25 2.55
C PHE A 33 -3.98 3.21 1.45
N ASP A 34 -5.10 3.88 1.73
CA ASP A 34 -5.66 4.83 0.77
C ASP A 34 -4.80 6.08 0.67
N GLU A 35 -4.44 6.64 1.82
CA GLU A 35 -3.60 7.84 1.86
C GLU A 35 -2.19 7.54 1.36
N ILE A 36 -1.68 6.38 1.71
CA ILE A 36 -0.34 5.98 1.30
C ILE A 36 -0.30 5.67 -0.20
N GLN A 37 -1.36 5.07 -0.71
CA GLN A 37 -1.45 4.73 -2.12
C GLN A 37 -1.50 5.98 -2.98
N GLN A 38 -2.21 7.00 -2.50
CA GLN A 38 -2.34 8.25 -3.22
C GLN A 38 -1.06 9.08 -3.12
N LYS A 39 -0.63 9.33 -1.89
CA LYS A 39 0.59 10.11 -1.65
C LYS A 39 1.77 9.52 -2.41
N LEU A 40 1.76 8.20 -2.57
CA LEU A 40 2.84 7.50 -3.28
C LEU A 40 2.46 7.26 -4.73
N HIS A 41 1.19 7.47 -5.05
CA HIS A 41 0.70 7.28 -6.41
C HIS A 41 0.86 5.83 -6.85
N CYS A 42 0.84 4.91 -5.88
CA CYS A 42 0.99 3.49 -6.17
C CYS A 42 -0.32 2.75 -5.90
N CYS A 43 -0.43 1.54 -6.42
CA CYS A 43 -1.61 0.72 -6.24
C CYS A 43 -1.26 -0.63 -5.62
N GLY A 44 -2.11 -1.10 -4.71
CA GLY A 44 -1.87 -2.38 -4.06
C GLY A 44 -0.51 -2.44 -3.39
N ALA A 45 -0.19 -3.59 -2.80
CA ALA A 45 1.09 -3.77 -2.13
C ALA A 45 2.24 -3.84 -3.13
N ASP A 46 2.28 -4.92 -3.89
CA ASP A 46 3.32 -5.11 -4.90
C ASP A 46 2.76 -4.91 -6.31
N SER A 47 1.44 -4.84 -6.41
CA SER A 47 0.79 -4.67 -7.70
C SER A 47 -0.70 -4.43 -7.52
N PRO A 48 -1.34 -3.86 -8.56
CA PRO A 48 -2.78 -3.57 -8.55
C PRO A 48 -3.62 -4.84 -8.58
N LYS A 49 -3.08 -5.89 -9.18
CA LYS A 49 -3.79 -7.16 -9.28
C LYS A 49 -4.06 -7.75 -7.91
N ASP A 50 -3.35 -7.25 -6.90
CA ASP A 50 -3.51 -7.72 -5.53
C ASP A 50 -4.96 -7.59 -5.09
N TYR A 51 -5.65 -6.59 -5.62
CA TYR A 51 -7.04 -6.34 -5.28
C TYR A 51 -7.98 -7.16 -6.16
N GLY A 52 -7.49 -7.53 -7.34
CA GLY A 52 -8.30 -8.30 -8.26
C GLY A 52 -8.64 -7.53 -9.53
N GLU A 53 -9.91 -7.19 -9.68
CA GLU A 53 -10.37 -6.45 -10.85
C GLU A 53 -11.17 -5.22 -10.44
N ASN A 54 -11.01 -4.80 -9.19
CA ASN A 54 -11.73 -3.63 -8.68
C ASN A 54 -11.00 -3.04 -7.48
N PRO A 55 -9.88 -2.35 -7.74
CA PRO A 55 -9.07 -1.72 -6.70
C PRO A 55 -9.77 -0.52 -6.08
N PRO A 56 -9.23 -0.04 -4.94
CA PRO A 56 -9.79 1.11 -4.23
C PRO A 56 -9.59 2.42 -4.99
N THR A 57 -10.39 3.43 -4.64
CA THR A 57 -10.31 4.73 -5.30
C THR A 57 -8.90 5.28 -5.24
N SER A 58 -8.17 4.93 -4.18
CA SER A 58 -6.81 5.40 -4.01
C SER A 58 -5.90 4.91 -5.15
N CYS A 59 -6.29 3.79 -5.76
CA CYS A 59 -5.53 3.21 -6.86
C CYS A 59 -5.53 4.14 -8.07
N SER A 60 -6.45 5.10 -8.06
CA SER A 60 -6.56 6.05 -9.16
C SER A 60 -6.61 7.48 -8.64
N LYS A 61 -6.31 8.44 -9.52
CA LYS A 61 -6.32 9.85 -9.14
C LYS A 61 -6.32 10.73 -10.38
N ASP A 62 -7.17 11.75 -10.38
CA ASP A 62 -7.27 12.67 -11.50
C ASP A 62 -7.65 11.94 -12.78
N GLY A 63 -8.35 10.82 -12.63
CA GLY A 63 -8.76 10.04 -13.77
C GLY A 63 -7.64 9.19 -14.34
N VAL A 64 -6.67 8.85 -13.48
CA VAL A 64 -5.54 8.03 -13.90
C VAL A 64 -5.44 6.77 -13.06
N GLN A 65 -4.82 5.73 -13.62
CA GLN A 65 -4.64 4.47 -12.92
C GLN A 65 -3.19 4.26 -12.53
N PHE A 66 -2.98 3.84 -11.28
CA PHE A 66 -1.63 3.59 -10.78
C PHE A 66 -1.20 2.15 -11.03
N THR A 67 -0.37 1.95 -12.04
CA THR A 67 0.12 0.63 -12.39
C THR A 67 1.42 0.31 -11.65
N GLU A 68 1.87 1.24 -10.83
CA GLU A 68 3.10 1.06 -10.06
C GLU A 68 2.81 0.47 -8.69
N GLY A 69 3.73 -0.35 -8.19
CA GLY A 69 3.55 -0.97 -6.89
C GLY A 69 3.90 -0.03 -5.75
N CYS A 70 3.68 -0.49 -4.52
CA CYS A 70 3.98 0.32 -3.34
C CYS A 70 5.28 -0.12 -2.69
N ILE A 71 5.49 -1.44 -2.62
CA ILE A 71 6.69 -1.98 -2.01
C ILE A 71 7.95 -1.39 -2.66
N LYS A 72 7.83 -1.02 -3.93
CA LYS A 72 8.95 -0.44 -4.66
C LYS A 72 9.05 1.07 -4.39
N LYS A 73 7.90 1.73 -4.38
CA LYS A 73 7.87 3.17 -4.13
C LYS A 73 8.34 3.50 -2.73
N VAL A 74 7.73 2.85 -1.74
CA VAL A 74 8.09 3.07 -0.34
C VAL A 74 9.57 2.82 -0.11
N SER A 75 10.09 1.77 -0.74
CA SER A 75 11.51 1.42 -0.60
C SER A 75 12.38 2.40 -1.37
N ASP A 76 11.88 2.87 -2.49
CA ASP A 76 12.62 3.83 -3.33
C ASP A 76 12.84 5.13 -2.59
N LEU A 77 11.77 5.70 -2.04
CA LEU A 77 11.84 6.95 -1.31
C LEU A 77 12.57 6.76 0.02
N SER A 78 12.51 5.55 0.56
CA SER A 78 13.15 5.24 1.82
C SER A 78 14.67 5.18 1.66
N LYS A 79 15.12 4.64 0.54
CA LYS A 79 16.54 4.54 0.24
C LYS A 79 16.98 5.59 -0.77
N ALA A 80 16.25 6.70 -0.81
CA ALA A 80 16.56 7.78 -1.73
C ALA A 80 17.95 8.37 -1.45
N HIS A 81 18.62 8.82 -2.50
CA HIS A 81 19.95 9.40 -2.36
C HIS A 81 20.08 10.67 -3.20
N GLY A 1 6.85 -18.37 25.06
CA GLY A 1 6.18 -17.57 26.07
C GLY A 1 6.35 -16.08 25.83
N SER A 2 7.38 -15.72 25.06
CA SER A 2 7.65 -14.31 24.76
C SER A 2 7.82 -14.11 23.26
N ASN A 3 7.90 -12.84 22.86
CA ASN A 3 8.06 -12.49 21.45
C ASN A 3 8.75 -11.14 21.30
N GLU A 4 9.81 -11.11 20.49
CA GLU A 4 10.55 -9.89 20.26
C GLU A 4 10.26 -9.32 18.87
N LYS A 5 9.46 -8.26 18.82
CA LYS A 5 9.10 -7.62 17.57
C LYS A 5 9.64 -6.20 17.50
N PRO A 6 10.80 -6.04 16.85
CA PRO A 6 11.45 -4.73 16.70
C PRO A 6 10.68 -3.81 15.76
N LYS A 7 11.07 -2.55 15.73
CA LYS A 7 10.42 -1.56 14.87
C LYS A 7 11.41 -0.95 13.88
N VAL A 8 11.25 -1.27 12.61
CA VAL A 8 12.13 -0.76 11.56
C VAL A 8 11.33 -0.29 10.36
N LYS A 9 11.88 0.68 9.63
CA LYS A 9 11.23 1.22 8.45
C LYS A 9 10.90 0.12 7.46
N LYS A 10 11.78 -0.87 7.36
CA LYS A 10 11.58 -2.00 6.46
C LYS A 10 10.29 -2.75 6.79
N HIS A 11 9.88 -2.65 8.04
CA HIS A 11 8.66 -3.32 8.49
C HIS A 11 7.46 -2.90 7.66
N ILE A 12 7.55 -1.70 7.07
CA ILE A 12 6.47 -1.18 6.25
C ILE A 12 6.06 -2.18 5.18
N THR A 13 7.01 -2.99 4.74
CA THR A 13 6.74 -4.01 3.73
C THR A 13 5.63 -4.96 4.17
N SER A 14 5.86 -5.62 5.29
CA SER A 14 4.88 -6.57 5.83
C SER A 14 3.57 -5.86 6.17
N ALA A 15 3.67 -4.59 6.58
CA ALA A 15 2.49 -3.81 6.93
C ALA A 15 1.62 -3.55 5.70
N LEU A 16 2.25 -3.13 4.62
CA LEU A 16 1.52 -2.85 3.38
C LEU A 16 0.89 -4.12 2.83
N LYS A 17 1.63 -5.21 2.85
CA LYS A 17 1.14 -6.49 2.35
C LYS A 17 -0.17 -6.87 3.03
N LYS A 18 -0.27 -6.57 4.32
CA LYS A 18 -1.48 -6.87 5.09
C LYS A 18 -2.56 -5.83 4.82
N LEU A 19 -2.16 -4.59 4.62
CA LEU A 19 -3.09 -3.50 4.35
C LEU A 19 -4.00 -3.85 3.17
N VAL A 20 -3.37 -4.19 2.05
CA VAL A 20 -4.12 -4.53 0.84
C VAL A 20 -5.00 -5.76 1.07
N ASP A 21 -4.58 -6.61 2.00
CA ASP A 21 -5.33 -7.82 2.31
C ASP A 21 -6.55 -7.50 3.16
N LYS A 22 -6.36 -6.63 4.15
CA LYS A 22 -7.45 -6.24 5.04
C LYS A 22 -8.07 -4.92 4.59
N TYR A 23 -7.92 -4.62 3.30
CA TYR A 23 -8.47 -3.38 2.75
C TYR A 23 -9.99 -3.38 2.82
N ARG A 24 -10.59 -4.51 2.46
CA ARG A 24 -12.05 -4.64 2.48
C ARG A 24 -12.52 -5.17 3.83
N ASN A 25 -11.63 -5.17 4.82
CA ASN A 25 -11.96 -5.64 6.15
C ASN A 25 -12.13 -4.48 7.12
N ASP A 26 -11.27 -3.48 7.00
CA ASP A 26 -11.32 -2.31 7.87
C ASP A 26 -11.60 -1.05 7.06
N GLU A 27 -12.62 -0.30 7.47
CA GLU A 27 -12.98 0.93 6.78
C GLU A 27 -11.86 1.97 6.88
N HIS A 28 -11.29 2.09 8.08
CA HIS A 28 -10.20 3.04 8.31
C HIS A 28 -9.02 2.76 7.39
N VAL A 29 -8.84 1.48 7.03
CA VAL A 29 -7.75 1.08 6.16
C VAL A 29 -7.99 1.54 4.73
N ARG A 30 -9.26 1.55 4.33
CA ARG A 30 -9.63 1.96 2.98
C ARG A 30 -9.26 3.42 2.73
N LYS A 31 -9.73 4.31 3.61
CA LYS A 31 -9.45 5.73 3.49
C LYS A 31 -7.94 6.00 3.58
N VAL A 32 -7.26 5.22 4.41
CA VAL A 32 -5.83 5.37 4.60
C VAL A 32 -5.07 4.92 3.35
N PHE A 33 -5.40 3.74 2.85
CA PHE A 33 -4.75 3.20 1.65
C PHE A 33 -5.15 3.99 0.42
N ASP A 34 -6.31 4.63 0.48
CA ASP A 34 -6.81 5.42 -0.63
C ASP A 34 -5.98 6.69 -0.82
N GLU A 35 -5.76 7.41 0.27
CA GLU A 35 -4.98 8.64 0.24
C GLU A 35 -3.52 8.36 -0.10
N ILE A 36 -3.00 7.26 0.45
CA ILE A 36 -1.62 6.88 0.21
C ILE A 36 -1.41 6.45 -1.25
N GLN A 37 -2.21 5.49 -1.68
CA GLN A 37 -2.11 4.98 -3.05
C GLN A 37 -2.07 6.13 -4.05
N GLN A 38 -2.80 7.20 -3.76
CA GLN A 38 -2.84 8.37 -4.63
C GLN A 38 -1.55 9.18 -4.52
N LYS A 39 -1.28 9.68 -3.32
CA LYS A 39 -0.08 10.46 -3.08
C LYS A 39 1.17 9.72 -3.54
N LEU A 40 1.10 8.40 -3.51
CA LEU A 40 2.23 7.56 -3.93
C LEU A 40 2.09 7.16 -5.40
N HIS A 41 0.88 7.28 -5.93
CA HIS A 41 0.61 6.93 -7.32
C HIS A 41 0.86 5.44 -7.56
N CYS A 42 0.27 4.60 -6.72
CA CYS A 42 0.43 3.16 -6.83
C CYS A 42 -0.86 2.45 -6.47
N CYS A 43 -0.91 1.14 -6.76
CA CYS A 43 -2.09 0.34 -6.45
C CYS A 43 -1.73 -0.84 -5.57
N GLY A 44 -2.64 -1.18 -4.65
CA GLY A 44 -2.40 -2.29 -3.75
C GLY A 44 -1.09 -2.18 -3.02
N ALA A 45 -0.74 -3.20 -2.24
CA ALA A 45 0.50 -3.20 -1.48
C ALA A 45 1.70 -3.40 -2.40
N ASP A 46 1.75 -4.54 -3.07
CA ASP A 46 2.84 -4.86 -3.98
C ASP A 46 2.40 -4.72 -5.43
N SER A 47 1.11 -4.94 -5.68
CA SER A 47 0.57 -4.84 -7.02
C SER A 47 -0.95 -4.65 -6.98
N PRO A 48 -1.51 -4.18 -8.10
CA PRO A 48 -2.96 -3.95 -8.22
C PRO A 48 -3.76 -5.25 -8.25
N LYS A 49 -3.09 -6.33 -8.60
CA LYS A 49 -3.74 -7.64 -8.67
C LYS A 49 -4.17 -8.10 -7.28
N ASP A 50 -3.64 -7.45 -6.25
CA ASP A 50 -3.98 -7.79 -4.87
C ASP A 50 -5.47 -7.61 -4.62
N TYR A 51 -6.09 -6.72 -5.38
CA TYR A 51 -7.52 -6.45 -5.24
C TYR A 51 -8.34 -7.36 -6.14
N GLY A 52 -7.71 -7.85 -7.21
CA GLY A 52 -8.39 -8.74 -8.13
C GLY A 52 -8.51 -8.14 -9.53
N GLU A 53 -9.68 -7.59 -9.83
CA GLU A 53 -9.91 -6.99 -11.14
C GLU A 53 -10.74 -5.70 -11.00
N ASN A 54 -10.72 -5.12 -9.82
CA ASN A 54 -11.46 -3.89 -9.56
C ASN A 54 -10.87 -3.13 -8.38
N PRO A 55 -9.72 -2.48 -8.61
CA PRO A 55 -9.03 -1.71 -7.57
C PRO A 55 -9.79 -0.44 -7.19
N PRO A 56 -9.38 0.20 -6.09
CA PRO A 56 -9.99 1.43 -5.60
C PRO A 56 -9.71 2.62 -6.51
N THR A 57 -10.53 3.66 -6.38
CA THR A 57 -10.37 4.86 -7.19
C THR A 57 -9.00 5.49 -6.97
N SER A 58 -8.38 5.17 -5.84
CA SER A 58 -7.07 5.70 -5.51
C SER A 58 -6.00 5.09 -6.42
N CYS A 59 -6.35 4.03 -7.13
CA CYS A 59 -5.42 3.36 -8.02
C CYS A 59 -5.29 4.13 -9.33
N SER A 60 -6.31 4.91 -9.66
CA SER A 60 -6.30 5.70 -10.89
C SER A 60 -6.53 7.18 -10.59
N LYS A 61 -6.04 8.04 -11.49
CA LYS A 61 -6.19 9.47 -11.33
C LYS A 61 -6.13 10.19 -12.67
N ASP A 62 -6.94 11.22 -12.83
CA ASP A 62 -6.97 11.99 -14.07
C ASP A 62 -7.21 11.07 -15.28
N GLY A 63 -7.87 9.95 -15.03
CA GLY A 63 -8.15 9.00 -16.09
C GLY A 63 -6.94 8.16 -16.45
N VAL A 64 -6.05 7.97 -15.48
CA VAL A 64 -4.84 7.17 -15.69
C VAL A 64 -4.72 6.09 -14.62
N GLN A 65 -4.01 5.01 -14.97
CA GLN A 65 -3.80 3.91 -14.03
C GLN A 65 -2.34 3.83 -13.59
N PHE A 66 -2.14 3.53 -12.31
CA PHE A 66 -0.79 3.42 -11.75
C PHE A 66 -0.29 1.99 -11.81
N THR A 67 0.63 1.73 -12.74
CA THR A 67 1.20 0.39 -12.90
C THR A 67 2.45 0.22 -12.05
N GLU A 68 2.37 0.65 -10.80
CA GLU A 68 3.49 0.54 -9.87
C GLU A 68 3.04 0.00 -8.52
N GLY A 69 4.00 -0.47 -7.72
CA GLY A 69 3.69 -1.00 -6.41
C GLY A 69 3.73 0.06 -5.34
N CYS A 70 3.40 -0.34 -4.11
CA CYS A 70 3.40 0.59 -2.98
C CYS A 70 4.51 0.26 -2.00
N ILE A 71 4.76 -1.03 -1.80
CA ILE A 71 5.80 -1.48 -0.89
C ILE A 71 7.17 -1.10 -1.41
N LYS A 72 7.34 -1.12 -2.72
CA LYS A 72 8.61 -0.77 -3.35
C LYS A 72 8.74 0.75 -3.51
N LYS A 73 7.61 1.41 -3.74
CA LYS A 73 7.60 2.85 -3.92
C LYS A 73 8.06 3.56 -2.64
N VAL A 74 7.56 3.09 -1.50
CA VAL A 74 7.92 3.67 -0.21
C VAL A 74 9.40 3.47 0.09
N SER A 75 9.92 2.29 -0.25
CA SER A 75 11.32 1.98 -0.01
C SER A 75 12.23 2.84 -0.87
N ASP A 76 11.76 3.16 -2.07
CA ASP A 76 12.52 4.00 -2.99
C ASP A 76 12.77 5.38 -2.41
N LEU A 77 11.70 6.04 -1.97
CA LEU A 77 11.79 7.37 -1.39
C LEU A 77 12.38 7.30 0.02
N SER A 78 12.10 6.21 0.73
CA SER A 78 12.61 6.04 2.08
C SER A 78 14.12 6.03 2.10
N LYS A 79 14.73 5.34 1.13
CA LYS A 79 16.18 5.25 1.03
C LYS A 79 16.67 5.94 -0.24
N ALA A 80 15.96 6.97 -0.67
CA ALA A 80 16.33 7.71 -1.87
C ALA A 80 17.63 8.47 -1.66
N HIS A 81 18.47 8.50 -2.69
CA HIS A 81 19.75 9.20 -2.61
C HIS A 81 19.89 10.20 -3.76
N GLY A 1 7.91 -15.60 28.69
CA GLY A 1 7.71 -14.49 29.60
C GLY A 1 7.91 -13.14 28.92
N SER A 2 8.56 -12.22 29.63
CA SER A 2 8.82 -10.89 29.09
C SER A 2 9.51 -10.98 27.74
N ASN A 3 8.98 -10.23 26.76
CA ASN A 3 9.55 -10.23 25.42
C ASN A 3 9.12 -8.98 24.65
N GLU A 4 10.05 -8.38 23.92
CA GLU A 4 9.77 -7.19 23.14
C GLU A 4 10.09 -7.41 21.66
N LYS A 5 9.09 -7.20 20.81
CA LYS A 5 9.26 -7.38 19.37
C LYS A 5 9.21 -6.03 18.66
N PRO A 6 10.40 -5.48 18.37
CA PRO A 6 10.52 -4.18 17.69
C PRO A 6 10.11 -4.27 16.21
N LYS A 7 9.98 -3.12 15.58
CA LYS A 7 9.59 -3.06 14.17
C LYS A 7 10.72 -2.47 13.32
N VAL A 8 10.77 -2.89 12.05
CA VAL A 8 11.80 -2.41 11.14
C VAL A 8 11.17 -1.75 9.92
N LYS A 9 11.89 -0.81 9.31
CA LYS A 9 11.42 -0.11 8.14
C LYS A 9 11.14 -1.08 6.98
N LYS A 10 12.01 -2.08 6.86
CA LYS A 10 11.87 -3.08 5.80
C LYS A 10 10.55 -3.82 5.94
N HIS A 11 9.96 -3.77 7.12
CA HIS A 11 8.69 -4.43 7.38
C HIS A 11 7.59 -3.86 6.48
N ILE A 12 7.83 -2.68 5.93
CA ILE A 12 6.87 -2.02 5.06
C ILE A 12 6.44 -2.95 3.92
N THR A 13 7.33 -3.87 3.55
CA THR A 13 7.04 -4.81 2.48
C THR A 13 5.94 -5.79 2.89
N SER A 14 6.17 -6.51 3.98
CA SER A 14 5.20 -7.47 4.48
C SER A 14 3.97 -6.78 5.02
N ALA A 15 4.15 -5.54 5.46
CA ALA A 15 3.04 -4.76 6.02
C ALA A 15 2.07 -4.34 4.92
N LEU A 16 2.58 -3.72 3.87
CA LEU A 16 1.76 -3.26 2.76
C LEU A 16 0.88 -4.41 2.24
N LYS A 17 1.48 -5.58 2.10
CA LYS A 17 0.74 -6.75 1.62
C LYS A 17 -0.49 -7.01 2.47
N LYS A 18 -0.39 -6.72 3.76
CA LYS A 18 -1.51 -6.92 4.68
C LYS A 18 -2.54 -5.82 4.52
N LEU A 19 -2.08 -4.60 4.24
CA LEU A 19 -2.96 -3.46 4.06
C LEU A 19 -3.90 -3.68 2.87
N VAL A 20 -3.33 -4.04 1.73
CA VAL A 20 -4.12 -4.28 0.52
C VAL A 20 -5.04 -5.49 0.71
N ASP A 21 -4.63 -6.42 1.55
CA ASP A 21 -5.42 -7.62 1.81
C ASP A 21 -6.53 -7.32 2.81
N LYS A 22 -6.29 -6.36 3.68
CA LYS A 22 -7.27 -5.97 4.69
C LYS A 22 -7.95 -4.66 4.33
N TYR A 23 -7.93 -4.34 3.04
CA TYR A 23 -8.55 -3.10 2.56
C TYR A 23 -10.06 -3.12 2.77
N ARG A 24 -10.68 -4.26 2.44
CA ARG A 24 -12.12 -4.41 2.59
C ARG A 24 -12.47 -4.98 3.96
N ASN A 25 -11.49 -4.98 4.86
CA ASN A 25 -11.68 -5.51 6.21
C ASN A 25 -11.75 -4.38 7.23
N ASP A 26 -10.87 -3.38 7.06
CA ASP A 26 -10.83 -2.24 7.96
C ASP A 26 -11.25 -0.97 7.25
N GLU A 27 -12.35 -0.38 7.71
CA GLU A 27 -12.87 0.85 7.12
C GLU A 27 -11.83 1.95 7.15
N HIS A 28 -10.99 1.95 8.19
CA HIS A 28 -9.94 2.95 8.34
C HIS A 28 -8.84 2.74 7.31
N VAL A 29 -8.48 1.49 7.06
CA VAL A 29 -7.45 1.17 6.09
C VAL A 29 -7.81 1.70 4.71
N ARG A 30 -9.10 1.69 4.39
CA ARG A 30 -9.58 2.18 3.10
C ARG A 30 -9.07 3.59 2.82
N LYS A 31 -9.33 4.50 3.76
CA LYS A 31 -8.89 5.89 3.62
C LYS A 31 -7.37 5.99 3.73
N VAL A 32 -6.78 5.09 4.50
CA VAL A 32 -5.33 5.09 4.70
C VAL A 32 -4.61 4.77 3.40
N PHE A 33 -4.94 3.63 2.80
CA PHE A 33 -4.32 3.20 1.56
C PHE A 33 -4.74 4.12 0.41
N ASP A 34 -5.91 4.73 0.53
CA ASP A 34 -6.42 5.62 -0.50
C ASP A 34 -5.53 6.85 -0.63
N GLU A 35 -5.21 7.47 0.51
CA GLU A 35 -4.37 8.66 0.52
C GLU A 35 -2.95 8.33 0.08
N ILE A 36 -2.41 7.24 0.61
CA ILE A 36 -1.06 6.81 0.29
C ILE A 36 -0.96 6.42 -1.19
N GLN A 37 -1.97 5.72 -1.69
CA GLN A 37 -1.99 5.29 -3.08
C GLN A 37 -1.96 6.49 -4.02
N GLN A 38 -2.66 7.56 -3.64
CA GLN A 38 -2.71 8.77 -4.45
C GLN A 38 -1.44 9.59 -4.27
N LYS A 39 -1.10 9.91 -3.03
CA LYS A 39 0.08 10.70 -2.72
C LYS A 39 1.33 10.06 -3.34
N LEU A 40 1.32 8.73 -3.44
CA LEU A 40 2.45 8.00 -4.01
C LEU A 40 2.16 7.61 -5.45
N HIS A 41 0.91 7.75 -5.87
CA HIS A 41 0.50 7.41 -7.22
C HIS A 41 0.70 5.92 -7.49
N CYS A 42 0.63 5.12 -6.43
CA CYS A 42 0.80 3.68 -6.55
C CYS A 42 -0.53 2.96 -6.35
N CYS A 43 -0.59 1.71 -6.79
CA CYS A 43 -1.80 0.91 -6.66
C CYS A 43 -1.51 -0.39 -5.92
N GLY A 44 -2.43 -0.80 -5.05
CA GLY A 44 -2.26 -2.02 -4.28
C GLY A 44 -0.95 -2.04 -3.51
N ALA A 45 -0.72 -3.14 -2.78
CA ALA A 45 0.50 -3.27 -1.99
C ALA A 45 1.71 -3.54 -2.89
N ASP A 46 1.74 -4.73 -3.48
CA ASP A 46 2.83 -5.11 -4.37
C ASP A 46 2.39 -5.09 -5.82
N SER A 47 1.11 -4.85 -6.05
CA SER A 47 0.56 -4.80 -7.40
C SER A 47 -0.93 -4.49 -7.37
N PRO A 48 -1.46 -4.04 -8.52
CA PRO A 48 -2.88 -3.69 -8.65
C PRO A 48 -3.78 -4.91 -8.59
N LYS A 49 -3.26 -6.05 -9.06
CA LYS A 49 -4.02 -7.29 -9.06
C LYS A 49 -4.38 -7.72 -7.65
N ASP A 50 -3.69 -7.14 -6.67
CA ASP A 50 -3.94 -7.46 -5.26
C ASP A 50 -5.40 -7.21 -4.90
N TYR A 51 -6.05 -6.34 -5.65
CA TYR A 51 -7.45 -6.01 -5.41
C TYR A 51 -8.38 -6.92 -6.22
N GLY A 52 -7.84 -7.46 -7.32
CA GLY A 52 -8.63 -8.33 -8.16
C GLY A 52 -8.85 -7.76 -9.55
N GLU A 53 -10.05 -7.22 -9.77
CA GLU A 53 -10.38 -6.64 -11.06
C GLU A 53 -11.19 -5.35 -10.89
N ASN A 54 -11.12 -4.77 -9.70
CA ASN A 54 -11.83 -3.54 -9.40
C ASN A 54 -11.19 -2.80 -8.22
N PRO A 55 -10.03 -2.17 -8.48
CA PRO A 55 -9.29 -1.42 -7.48
C PRO A 55 -10.00 -0.14 -7.06
N PRO A 56 -9.54 0.48 -5.97
CA PRO A 56 -10.11 1.72 -5.45
C PRO A 56 -9.83 2.91 -6.36
N THR A 57 -10.63 3.97 -6.21
CA THR A 57 -10.48 5.17 -7.01
C THR A 57 -9.08 5.76 -6.83
N SER A 58 -8.43 5.41 -5.73
CA SER A 58 -7.09 5.92 -5.44
C SER A 58 -6.07 5.32 -6.40
N CYS A 59 -6.37 4.14 -6.92
CA CYS A 59 -5.47 3.46 -7.85
C CYS A 59 -5.43 4.18 -9.20
N SER A 60 -6.37 5.12 -9.39
CA SER A 60 -6.45 5.88 -10.63
C SER A 60 -6.58 7.36 -10.34
N LYS A 61 -6.28 8.18 -11.36
CA LYS A 61 -6.38 9.62 -11.21
C LYS A 61 -6.41 10.31 -12.58
N ASP A 62 -7.27 11.31 -12.72
CA ASP A 62 -7.40 12.04 -13.97
C ASP A 62 -7.68 11.08 -15.13
N GLY A 63 -8.29 9.96 -14.82
CA GLY A 63 -8.61 8.97 -15.84
C GLY A 63 -7.41 8.13 -16.22
N VAL A 64 -6.47 7.99 -15.30
CA VAL A 64 -5.26 7.20 -15.55
C VAL A 64 -5.14 6.06 -14.55
N GLN A 65 -4.47 4.98 -14.96
CA GLN A 65 -4.28 3.83 -14.11
C GLN A 65 -2.82 3.69 -13.70
N PHE A 66 -2.58 3.55 -12.40
CA PHE A 66 -1.22 3.42 -11.88
C PHE A 66 -0.73 1.98 -12.02
N THR A 67 0.18 1.76 -12.95
CA THR A 67 0.73 0.44 -13.18
C THR A 67 1.98 0.20 -12.34
N GLU A 68 1.90 0.56 -11.07
CA GLU A 68 3.03 0.38 -10.16
C GLU A 68 2.54 0.06 -8.74
N GLY A 69 3.31 -0.75 -8.03
CA GLY A 69 2.95 -1.14 -6.68
C GLY A 69 3.36 -0.09 -5.66
N CYS A 70 3.03 -0.35 -4.39
CA CYS A 70 3.36 0.57 -3.31
C CYS A 70 4.64 0.14 -2.61
N ILE A 71 4.84 -1.17 -2.48
CA ILE A 71 6.01 -1.71 -1.83
C ILE A 71 7.29 -1.33 -2.58
N LYS A 72 7.16 -1.15 -3.89
CA LYS A 72 8.29 -0.77 -4.73
C LYS A 72 8.54 0.73 -4.67
N LYS A 73 7.46 1.50 -4.57
CA LYS A 73 7.55 2.95 -4.52
C LYS A 73 8.05 3.41 -3.15
N VAL A 74 7.39 2.93 -2.09
CA VAL A 74 7.76 3.28 -0.72
C VAL A 74 9.22 2.93 -0.45
N SER A 75 9.71 1.87 -1.10
CA SER A 75 11.08 1.44 -0.91
C SER A 75 12.05 2.46 -1.49
N ASP A 76 11.69 3.06 -2.61
CA ASP A 76 12.54 4.06 -3.26
C ASP A 76 12.91 5.17 -2.29
N LEU A 77 11.89 5.77 -1.67
CA LEU A 77 12.12 6.84 -0.71
C LEU A 77 12.62 6.30 0.62
N SER A 78 12.28 5.05 0.91
CA SER A 78 12.69 4.40 2.15
C SER A 78 14.21 4.40 2.29
N LYS A 79 14.89 3.93 1.25
CA LYS A 79 16.35 3.89 1.25
C LYS A 79 16.94 5.29 1.29
N ALA A 80 16.19 6.27 0.79
CA ALA A 80 16.63 7.65 0.78
C ALA A 80 16.89 8.16 2.19
N HIS A 81 17.86 9.05 2.32
CA HIS A 81 18.20 9.62 3.62
C HIS A 81 18.72 11.05 3.48
N GLY A 1 -4.86 -3.11 18.34
CA GLY A 1 -4.71 -3.93 19.53
C GLY A 1 -4.01 -3.20 20.65
N SER A 2 -3.50 -3.96 21.62
CA SER A 2 -2.81 -3.38 22.76
C SER A 2 -1.31 -3.59 22.65
N ASN A 3 -0.77 -3.34 21.46
CA ASN A 3 0.66 -3.50 21.22
C ASN A 3 1.15 -2.51 20.18
N GLU A 4 2.20 -1.77 20.51
CA GLU A 4 2.77 -0.79 19.60
C GLU A 4 3.15 -1.43 18.27
N LYS A 5 2.86 -0.73 17.18
CA LYS A 5 3.17 -1.23 15.84
C LYS A 5 4.32 -0.44 15.21
N PRO A 6 5.54 -0.98 15.33
CA PRO A 6 6.74 -0.34 14.77
C PRO A 6 6.75 -0.36 13.25
N LYS A 7 7.69 0.38 12.66
CA LYS A 7 7.82 0.45 11.21
C LYS A 7 9.16 -0.11 10.75
N VAL A 8 9.14 -0.91 9.70
CA VAL A 8 10.36 -1.50 9.16
C VAL A 8 10.66 -0.97 7.76
N LYS A 9 11.91 -1.13 7.34
CA LYS A 9 12.33 -0.66 6.01
C LYS A 9 12.43 -1.82 5.04
N LYS A 10 12.88 -2.97 5.53
CA LYS A 10 13.02 -4.17 4.70
C LYS A 10 11.76 -5.03 4.78
N HIS A 11 11.32 -5.32 5.99
CA HIS A 11 10.13 -6.14 6.20
C HIS A 11 8.90 -5.45 5.62
N ILE A 12 9.01 -4.15 5.36
CA ILE A 12 7.90 -3.38 4.81
C ILE A 12 7.34 -4.06 3.56
N THR A 13 8.19 -4.79 2.84
CA THR A 13 7.77 -5.49 1.64
C THR A 13 6.73 -6.56 1.95
N SER A 14 7.09 -7.47 2.85
CA SER A 14 6.19 -8.55 3.23
C SER A 14 4.95 -8.00 3.94
N ALA A 15 5.16 -6.98 4.76
CA ALA A 15 4.06 -6.36 5.50
C ALA A 15 3.01 -5.79 4.55
N LEU A 16 3.48 -5.13 3.49
CA LEU A 16 2.59 -4.53 2.50
C LEU A 16 1.74 -5.60 1.82
N LYS A 17 2.38 -6.72 1.46
CA LYS A 17 1.68 -7.83 0.81
C LYS A 17 0.49 -8.29 1.64
N LYS A 18 0.63 -8.22 2.96
CA LYS A 18 -0.44 -8.62 3.86
C LYS A 18 -1.50 -7.52 3.99
N LEU A 19 -1.05 -6.28 3.94
CA LEU A 19 -1.96 -5.14 4.04
C LEU A 19 -3.01 -5.18 2.94
N VAL A 20 -2.56 -5.26 1.69
CA VAL A 20 -3.45 -5.32 0.55
C VAL A 20 -4.42 -6.49 0.65
N ASP A 21 -3.98 -7.54 1.34
CA ASP A 21 -4.80 -8.74 1.51
C ASP A 21 -5.82 -8.54 2.63
N LYS A 22 -5.40 -7.87 3.70
CA LYS A 22 -6.28 -7.60 4.84
C LYS A 22 -7.12 -6.35 4.60
N TYR A 23 -6.96 -5.76 3.41
CA TYR A 23 -7.71 -4.56 3.06
C TYR A 23 -9.21 -4.77 3.24
N ARG A 24 -9.69 -5.92 2.77
CA ARG A 24 -11.11 -6.25 2.88
C ARG A 24 -11.40 -7.02 4.17
N ASN A 25 -10.42 -7.03 5.08
CA ASN A 25 -10.57 -7.73 6.34
C ASN A 25 -10.74 -6.75 7.49
N ASP A 26 -9.97 -5.66 7.46
CA ASP A 26 -10.04 -4.65 8.50
C ASP A 26 -10.29 -3.28 7.89
N GLU A 27 -11.29 -2.57 8.42
CA GLU A 27 -11.64 -1.24 7.93
C GLU A 27 -10.50 -0.26 8.18
N HIS A 28 -9.76 -0.48 9.26
CA HIS A 28 -8.64 0.39 9.61
C HIS A 28 -7.54 0.31 8.55
N VAL A 29 -7.43 -0.85 7.91
CA VAL A 29 -6.42 -1.05 6.88
C VAL A 29 -6.77 -0.29 5.60
N ARG A 30 -8.07 -0.18 5.33
CA ARG A 30 -8.54 0.52 4.15
C ARG A 30 -8.15 1.99 4.20
N LYS A 31 -8.55 2.66 5.28
CA LYS A 31 -8.25 4.08 5.46
C LYS A 31 -6.75 4.32 5.47
N VAL A 32 -6.01 3.37 6.03
CA VAL A 32 -4.55 3.48 6.11
C VAL A 32 -3.92 3.33 4.73
N PHE A 33 -4.22 2.22 4.05
CA PHE A 33 -3.69 1.96 2.73
C PHE A 33 -4.19 2.98 1.72
N ASP A 34 -5.34 3.58 2.02
CA ASP A 34 -5.93 4.58 1.14
C ASP A 34 -5.13 5.88 1.18
N GLU A 35 -4.82 6.34 2.38
CA GLU A 35 -4.05 7.57 2.56
C GLU A 35 -2.63 7.41 2.03
N ILE A 36 -2.05 6.23 2.28
CA ILE A 36 -0.70 5.95 1.83
C ILE A 36 -0.63 5.77 0.32
N GLN A 37 -1.64 5.11 -0.23
CA GLN A 37 -1.71 4.88 -1.67
C GLN A 37 -1.70 6.20 -2.43
N GLN A 38 -2.37 7.21 -1.88
CA GLN A 38 -2.45 8.52 -2.51
C GLN A 38 -1.14 9.29 -2.32
N LYS A 39 -0.76 9.47 -1.06
CA LYS A 39 0.47 10.19 -0.73
C LYS A 39 1.68 9.55 -1.44
N LEU A 40 1.63 8.24 -1.60
CA LEU A 40 2.71 7.51 -2.26
C LEU A 40 2.40 7.28 -3.73
N HIS A 41 1.18 7.62 -4.13
CA HIS A 41 0.76 7.46 -5.52
C HIS A 41 1.04 6.03 -6.00
N CYS A 42 0.50 5.05 -5.28
CA CYS A 42 0.69 3.65 -5.63
C CYS A 42 -0.61 2.87 -5.45
N CYS A 43 -0.66 1.68 -6.04
CA CYS A 43 -1.84 0.83 -5.94
C CYS A 43 -1.48 -0.54 -5.38
N GLY A 44 -2.27 -1.02 -4.42
CA GLY A 44 -2.02 -2.32 -3.83
C GLY A 44 -0.63 -2.42 -3.25
N ALA A 45 -0.31 -3.57 -2.67
CA ALA A 45 1.01 -3.80 -2.08
C ALA A 45 2.10 -3.80 -3.15
N ASP A 46 2.06 -4.80 -4.03
CA ASP A 46 3.04 -4.90 -5.10
C ASP A 46 2.43 -4.53 -6.45
N SER A 47 1.10 -4.50 -6.49
CA SER A 47 0.39 -4.15 -7.73
C SER A 47 -1.09 -3.97 -7.46
N PRO A 48 -1.77 -3.28 -8.38
CA PRO A 48 -3.22 -3.02 -8.28
C PRO A 48 -4.05 -4.28 -8.45
N LYS A 49 -3.47 -5.28 -9.12
CA LYS A 49 -4.17 -6.54 -9.35
C LYS A 49 -4.49 -7.24 -8.03
N ASP A 50 -3.76 -6.87 -6.98
CA ASP A 50 -3.98 -7.46 -5.66
C ASP A 50 -5.43 -7.29 -5.22
N TYR A 51 -6.10 -6.28 -5.76
CA TYR A 51 -7.49 -6.01 -5.43
C TYR A 51 -8.43 -6.78 -6.34
N GLY A 52 -7.93 -7.17 -7.51
CA GLY A 52 -8.75 -7.91 -8.46
C GLY A 52 -9.07 -7.09 -9.70
N GLU A 53 -10.25 -6.49 -9.72
CA GLU A 53 -10.69 -5.69 -10.85
C GLU A 53 -11.49 -4.47 -10.38
N ASN A 54 -11.28 -4.07 -9.13
CA ASN A 54 -11.98 -2.93 -8.56
C ASN A 54 -11.20 -2.33 -7.40
N PRO A 55 -10.13 -1.59 -7.73
CA PRO A 55 -9.28 -0.95 -6.73
C PRO A 55 -9.99 0.20 -6.01
N PRO A 56 -9.39 0.68 -4.91
CA PRO A 56 -9.94 1.79 -4.13
C PRO A 56 -9.87 3.12 -4.85
N THR A 57 -10.69 4.07 -4.43
CA THR A 57 -10.71 5.39 -5.05
C THR A 57 -9.38 6.10 -4.89
N SER A 58 -8.61 5.70 -3.88
CA SER A 58 -7.30 6.30 -3.62
C SER A 58 -6.27 5.81 -4.63
N CYS A 59 -6.58 4.71 -5.31
CA CYS A 59 -5.69 4.14 -6.31
C CYS A 59 -5.51 5.09 -7.49
N SER A 60 -6.47 5.99 -7.66
CA SER A 60 -6.43 6.96 -8.76
C SER A 60 -6.68 8.37 -8.24
N LYS A 61 -6.18 9.36 -8.97
CA LYS A 61 -6.35 10.76 -8.60
C LYS A 61 -6.29 11.67 -9.82
N ASP A 62 -7.11 12.71 -9.82
CA ASP A 62 -7.14 13.66 -10.93
C ASP A 62 -7.39 12.94 -12.25
N GLY A 63 -8.04 11.79 -12.18
CA GLY A 63 -8.33 11.02 -13.37
C GLY A 63 -7.13 10.22 -13.85
N VAL A 64 -6.23 9.90 -12.93
CA VAL A 64 -5.03 9.14 -13.26
C VAL A 64 -4.89 7.92 -12.36
N GLN A 65 -4.29 6.86 -12.91
CA GLN A 65 -4.10 5.62 -12.17
C GLN A 65 -2.64 5.47 -11.74
N PHE A 66 -2.42 4.90 -10.56
CA PHE A 66 -1.08 4.69 -10.05
C PHE A 66 -0.62 3.25 -10.28
N THR A 67 -0.15 2.98 -11.50
CA THR A 67 0.31 1.64 -11.84
C THR A 67 1.52 1.24 -11.00
N GLU A 68 2.14 2.23 -10.36
CA GLU A 68 3.30 1.97 -9.52
C GLU A 68 2.90 1.26 -8.23
N GLY A 69 3.67 0.24 -7.84
CA GLY A 69 3.37 -0.50 -6.63
C GLY A 69 3.72 0.28 -5.38
N CYS A 70 3.39 -0.29 -4.22
CA CYS A 70 3.68 0.35 -2.94
C CYS A 70 4.98 -0.17 -2.36
N ILE A 71 5.23 -1.46 -2.53
CA ILE A 71 6.44 -2.09 -2.02
C ILE A 71 7.68 -1.52 -2.69
N LYS A 72 7.58 -1.23 -3.99
CA LYS A 72 8.69 -0.67 -4.75
C LYS A 72 8.82 0.82 -4.50
N LYS A 73 7.69 1.48 -4.29
CA LYS A 73 7.67 2.92 -4.04
C LYS A 73 8.36 3.25 -2.72
N VAL A 74 8.08 2.45 -1.69
CA VAL A 74 8.67 2.66 -0.37
C VAL A 74 10.16 2.34 -0.39
N SER A 75 10.53 1.29 -1.11
CA SER A 75 11.92 0.87 -1.20
C SER A 75 12.74 1.89 -1.99
N ASP A 76 12.11 2.50 -2.98
CA ASP A 76 12.78 3.50 -3.81
C ASP A 76 13.30 4.65 -2.96
N LEU A 77 12.41 5.25 -2.17
CA LEU A 77 12.79 6.36 -1.30
C LEU A 77 13.60 5.87 -0.10
N SER A 78 13.26 4.69 0.39
CA SER A 78 13.95 4.11 1.54
C SER A 78 15.43 3.92 1.24
N LYS A 79 15.73 3.45 0.04
CA LYS A 79 17.11 3.23 -0.38
C LYS A 79 17.48 4.14 -1.54
N ALA A 80 17.02 5.39 -1.47
CA ALA A 80 17.32 6.36 -2.52
C ALA A 80 18.81 6.45 -2.79
N HIS A 81 19.17 6.79 -4.02
CA HIS A 81 20.58 6.90 -4.41
C HIS A 81 20.76 7.98 -5.47
N GLY A 1 0.49 -12.96 16.64
CA GLY A 1 1.18 -13.36 17.84
C GLY A 1 1.71 -12.18 18.62
N SER A 2 2.45 -11.30 17.95
CA SER A 2 3.03 -10.13 18.58
C SER A 2 1.93 -9.18 19.07
N ASN A 3 2.33 -8.07 19.67
CA ASN A 3 1.40 -7.08 20.18
C ASN A 3 1.65 -5.72 19.54
N GLU A 4 2.85 -5.19 19.75
CA GLU A 4 3.21 -3.89 19.19
C GLU A 4 3.44 -3.98 17.68
N LYS A 5 3.35 -2.85 17.01
CA LYS A 5 3.55 -2.80 15.57
C LYS A 5 4.87 -2.11 15.22
N PRO A 6 5.93 -2.91 14.99
CA PRO A 6 7.24 -2.39 14.65
C PRO A 6 7.30 -1.79 13.25
N LYS A 7 8.39 -1.10 12.95
CA LYS A 7 8.56 -0.47 11.65
C LYS A 7 10.00 -0.58 11.16
N VAL A 8 10.20 -1.30 10.07
CA VAL A 8 11.54 -1.48 9.51
C VAL A 8 11.51 -1.44 7.98
N LYS A 9 12.57 -0.94 7.38
CA LYS A 9 12.67 -0.85 5.93
C LYS A 9 12.43 -2.21 5.28
N LYS A 10 12.80 -3.27 5.99
CA LYS A 10 12.63 -4.63 5.50
C LYS A 10 11.29 -5.21 5.95
N HIS A 11 10.68 -4.56 6.94
CA HIS A 11 9.39 -5.02 7.47
C HIS A 11 8.24 -4.44 6.65
N ILE A 12 8.38 -3.18 6.25
CA ILE A 12 7.35 -2.51 5.47
C ILE A 12 7.01 -3.30 4.20
N THR A 13 7.98 -4.06 3.71
CA THR A 13 7.80 -4.87 2.52
C THR A 13 6.74 -5.94 2.74
N SER A 14 6.97 -6.79 3.74
CA SER A 14 6.04 -7.87 4.06
C SER A 14 4.75 -7.31 4.66
N ALA A 15 4.89 -6.26 5.47
CA ALA A 15 3.74 -5.64 6.11
C ALA A 15 2.73 -5.16 5.08
N LEU A 16 3.20 -4.42 4.09
CA LEU A 16 2.33 -3.90 3.04
C LEU A 16 1.50 -5.01 2.42
N LYS A 17 2.13 -6.14 2.16
CA LYS A 17 1.45 -7.29 1.57
C LYS A 17 0.24 -7.69 2.42
N LYS A 18 0.36 -7.53 3.73
CA LYS A 18 -0.72 -7.87 4.64
C LYS A 18 -1.79 -6.78 4.65
N LEU A 19 -1.35 -5.53 4.51
CA LEU A 19 -2.28 -4.40 4.50
C LEU A 19 -3.28 -4.53 3.37
N VAL A 20 -2.77 -4.71 2.15
CA VAL A 20 -3.62 -4.84 0.97
C VAL A 20 -4.63 -5.97 1.15
N ASP A 21 -4.24 -6.98 1.93
CA ASP A 21 -5.11 -8.13 2.18
C ASP A 21 -6.14 -7.80 3.26
N LYS A 22 -5.69 -7.09 4.29
CA LYS A 22 -6.58 -6.71 5.39
C LYS A 22 -7.40 -5.47 5.03
N TYR A 23 -7.20 -4.97 3.81
CA TYR A 23 -7.92 -3.79 3.34
C TYR A 23 -9.43 -3.98 3.50
N ARG A 24 -9.91 -5.16 3.12
CA ARG A 24 -11.33 -5.47 3.21
C ARG A 24 -11.65 -6.12 4.55
N ASN A 25 -10.72 -6.06 5.49
CA ASN A 25 -10.90 -6.65 6.80
C ASN A 25 -11.08 -5.56 7.86
N ASP A 26 -10.30 -4.49 7.75
CA ASP A 26 -10.36 -3.39 8.69
C ASP A 26 -10.55 -2.06 7.96
N GLU A 27 -11.49 -1.25 8.43
CA GLU A 27 -11.77 0.04 7.81
C GLU A 27 -10.58 0.98 7.97
N HIS A 28 -9.97 0.95 9.17
CA HIS A 28 -8.82 1.81 9.46
C HIS A 28 -7.72 1.60 8.43
N VAL A 29 -7.62 0.36 7.92
CA VAL A 29 -6.60 0.03 6.93
C VAL A 29 -6.92 0.65 5.58
N ARG A 30 -8.21 0.75 5.28
CA ARG A 30 -8.65 1.33 4.01
C ARG A 30 -8.24 2.79 3.90
N LYS A 31 -8.62 3.58 4.90
CA LYS A 31 -8.28 5.00 4.92
C LYS A 31 -6.77 5.20 4.94
N VAL A 32 -6.07 4.31 5.62
CA VAL A 32 -4.61 4.39 5.72
C VAL A 32 -3.95 4.07 4.38
N PHE A 33 -4.36 2.96 3.78
CA PHE A 33 -3.83 2.54 2.49
C PHE A 33 -4.28 3.48 1.37
N ASP A 34 -5.41 4.14 1.59
CA ASP A 34 -5.96 5.07 0.61
C ASP A 34 -5.09 6.32 0.50
N GLU A 35 -4.76 6.91 1.64
CA GLU A 35 -3.95 8.11 1.68
C GLU A 35 -2.52 7.82 1.22
N ILE A 36 -2.01 6.66 1.60
CA ILE A 36 -0.66 6.25 1.23
C ILE A 36 -0.58 5.91 -0.26
N GLN A 37 -1.66 5.33 -0.78
CA GLN A 37 -1.72 4.95 -2.18
C GLN A 37 -1.73 6.19 -3.08
N GLN A 38 -2.43 7.22 -2.65
CA GLN A 38 -2.51 8.46 -3.41
C GLN A 38 -1.25 9.29 -3.25
N LYS A 39 -0.88 9.57 -1.99
CA LYS A 39 0.31 10.35 -1.70
C LYS A 39 1.53 9.77 -2.40
N LEU A 40 1.55 8.45 -2.53
CA LEU A 40 2.66 7.76 -3.18
C LEU A 40 2.34 7.44 -4.63
N HIS A 41 1.06 7.57 -4.98
CA HIS A 41 0.62 7.30 -6.35
C HIS A 41 0.85 5.83 -6.71
N CYS A 42 0.76 4.97 -5.70
CA CYS A 42 0.95 3.53 -5.91
C CYS A 42 -0.36 2.77 -5.71
N CYS A 43 -0.42 1.56 -6.24
CA CYS A 43 -1.61 0.72 -6.12
C CYS A 43 -1.27 -0.61 -5.47
N GLY A 44 -2.12 -1.05 -4.54
CA GLY A 44 -1.89 -2.32 -3.86
C GLY A 44 -0.55 -2.37 -3.15
N ALA A 45 -0.32 -3.43 -2.40
CA ALA A 45 0.93 -3.59 -1.67
C ALA A 45 2.11 -3.78 -2.62
N ASP A 46 2.13 -4.94 -3.29
CA ASP A 46 3.20 -5.24 -4.24
C ASP A 46 2.71 -5.13 -5.67
N SER A 47 1.40 -5.06 -5.84
CA SER A 47 0.79 -4.95 -7.16
C SER A 47 -0.70 -4.65 -7.06
N PRO A 48 -1.27 -4.13 -8.16
CA PRO A 48 -2.70 -3.79 -8.22
C PRO A 48 -3.59 -5.02 -8.20
N LYS A 49 -3.09 -6.12 -8.75
CA LYS A 49 -3.85 -7.37 -8.78
C LYS A 49 -4.15 -7.87 -7.37
N ASP A 50 -3.39 -7.37 -6.41
CA ASP A 50 -3.58 -7.77 -5.02
C ASP A 50 -5.03 -7.57 -4.58
N TYR A 51 -5.70 -6.60 -5.20
CA TYR A 51 -7.09 -6.30 -4.87
C TYR A 51 -8.03 -7.15 -5.71
N GLY A 52 -7.55 -7.61 -6.86
CA GLY A 52 -8.36 -8.43 -7.74
C GLY A 52 -8.68 -7.75 -9.05
N GLU A 53 -9.93 -7.33 -9.21
CA GLU A 53 -10.36 -6.66 -10.43
C GLU A 53 -11.18 -5.41 -10.11
N ASN A 54 -11.02 -4.91 -8.89
CA ASN A 54 -11.75 -3.71 -8.46
C ASN A 54 -11.03 -3.03 -7.30
N PRO A 55 -9.91 -2.37 -7.61
CA PRO A 55 -9.10 -1.66 -6.61
C PRO A 55 -9.81 -0.41 -6.08
N PRO A 56 -9.27 0.15 -4.99
CA PRO A 56 -9.83 1.35 -4.36
C PRO A 56 -9.64 2.60 -5.22
N THR A 57 -10.44 3.62 -4.94
CA THR A 57 -10.36 4.88 -5.69
C THR A 57 -9.00 5.54 -5.52
N SER A 58 -8.26 5.09 -4.51
CA SER A 58 -6.94 5.65 -4.23
C SER A 58 -5.91 5.12 -5.22
N CYS A 59 -6.25 4.02 -5.89
CA CYS A 59 -5.36 3.41 -6.87
C CYS A 59 -5.35 4.22 -8.16
N SER A 60 -6.35 5.08 -8.33
CA SER A 60 -6.46 5.90 -9.52
C SER A 60 -6.69 7.37 -9.15
N LYS A 61 -6.16 8.26 -9.98
CA LYS A 61 -6.30 9.70 -9.74
C LYS A 61 -6.32 10.47 -11.05
N ASP A 62 -7.14 11.52 -11.11
CA ASP A 62 -7.24 12.33 -12.31
C ASP A 62 -7.57 11.48 -13.53
N GLY A 63 -8.22 10.34 -13.29
CA GLY A 63 -8.57 9.45 -14.38
C GLY A 63 -7.40 8.62 -14.87
N VAL A 64 -6.44 8.39 -13.98
CA VAL A 64 -5.25 7.62 -14.32
C VAL A 64 -5.11 6.40 -13.40
N GLN A 65 -4.43 5.38 -13.90
CA GLN A 65 -4.23 4.16 -13.13
C GLN A 65 -2.76 4.01 -12.71
N PHE A 66 -2.54 3.80 -11.42
CA PHE A 66 -1.18 3.64 -10.89
C PHE A 66 -0.70 2.20 -11.05
N THR A 67 0.21 1.98 -11.98
CA THR A 67 0.76 0.65 -12.22
C THR A 67 2.06 0.44 -11.46
N GLU A 68 2.22 1.17 -10.37
CA GLU A 68 3.43 1.06 -9.55
C GLU A 68 3.08 0.57 -8.14
N GLY A 69 3.69 -0.55 -7.75
CA GLY A 69 3.43 -1.10 -6.43
C GLY A 69 3.76 -0.12 -5.32
N CYS A 70 3.43 -0.50 -4.09
CA CYS A 70 3.68 0.35 -2.93
C CYS A 70 4.99 -0.04 -2.24
N ILE A 71 5.20 -1.34 -2.09
CA ILE A 71 6.41 -1.84 -1.45
C ILE A 71 7.66 -1.25 -2.09
N LYS A 72 7.70 -1.28 -3.42
CA LYS A 72 8.84 -0.74 -4.16
C LYS A 72 8.85 0.79 -4.12
N LYS A 73 7.67 1.38 -4.25
CA LYS A 73 7.55 2.83 -4.23
C LYS A 73 8.06 3.40 -2.91
N VAL A 74 7.77 2.71 -1.81
CA VAL A 74 8.21 3.15 -0.50
C VAL A 74 9.71 2.99 -0.34
N SER A 75 10.28 2.01 -1.03
CA SER A 75 11.71 1.75 -0.96
C SER A 75 12.50 2.93 -1.52
N ASP A 76 11.94 3.59 -2.53
CA ASP A 76 12.59 4.74 -3.15
C ASP A 76 12.84 5.83 -2.12
N LEU A 77 11.79 6.26 -1.45
CA LEU A 77 11.90 7.31 -0.43
C LEU A 77 12.57 6.78 0.84
N SER A 78 12.31 5.51 1.15
CA SER A 78 12.89 4.88 2.32
C SER A 78 14.42 4.88 2.25
N LYS A 79 14.94 4.63 1.05
CA LYS A 79 16.38 4.61 0.84
C LYS A 79 16.89 5.95 0.33
N ALA A 80 16.24 7.03 0.77
CA ALA A 80 16.63 8.36 0.36
C ALA A 80 18.05 8.70 0.83
N HIS A 81 18.78 9.43 0.00
CA HIS A 81 20.15 9.83 0.33
C HIS A 81 20.51 11.15 -0.32
N GLY A 1 0.54 -7.67 29.02
CA GLY A 1 1.31 -8.20 27.91
C GLY A 1 2.10 -7.13 27.19
N SER A 2 3.41 -7.35 27.06
CA SER A 2 4.28 -6.39 26.39
C SER A 2 4.87 -6.98 25.11
N ASN A 3 3.99 -7.29 24.16
CA ASN A 3 4.43 -7.87 22.88
C ASN A 3 4.50 -6.79 21.81
N GLU A 4 5.59 -6.03 21.82
CA GLU A 4 5.79 -4.97 20.83
C GLU A 4 6.34 -5.53 19.53
N LYS A 5 5.74 -5.12 18.42
CA LYS A 5 6.17 -5.58 17.10
C LYS A 5 6.70 -4.42 16.26
N PRO A 6 8.02 -4.23 16.26
CA PRO A 6 8.68 -3.17 15.51
C PRO A 6 8.61 -3.39 14.00
N LYS A 7 8.97 -2.38 13.23
CA LYS A 7 8.96 -2.46 11.77
C LYS A 7 10.35 -2.26 11.20
N VAL A 8 10.57 -2.75 9.98
CA VAL A 8 11.86 -2.61 9.32
C VAL A 8 11.69 -2.23 7.85
N LYS A 9 12.65 -1.46 7.34
CA LYS A 9 12.60 -1.03 5.95
C LYS A 9 12.39 -2.20 5.01
N LYS A 10 12.89 -3.37 5.41
CA LYS A 10 12.75 -4.58 4.62
C LYS A 10 11.50 -5.36 5.01
N HIS A 11 11.11 -5.23 6.28
CA HIS A 11 9.92 -5.93 6.79
C HIS A 11 8.65 -5.29 6.24
N ILE A 12 8.75 -4.02 5.85
CA ILE A 12 7.60 -3.30 5.32
C ILE A 12 6.93 -4.08 4.20
N THR A 13 7.73 -4.86 3.47
CA THR A 13 7.21 -5.66 2.37
C THR A 13 6.02 -6.51 2.82
N SER A 14 6.22 -7.27 3.90
CA SER A 14 5.16 -8.13 4.42
C SER A 14 4.02 -7.31 4.98
N ALA A 15 4.36 -6.24 5.70
CA ALA A 15 3.36 -5.36 6.29
C ALA A 15 2.37 -4.86 5.23
N LEU A 16 2.90 -4.40 4.11
CA LEU A 16 2.07 -3.89 3.03
C LEU A 16 1.23 -5.01 2.41
N LYS A 17 1.87 -6.15 2.18
CA LYS A 17 1.18 -7.30 1.59
C LYS A 17 -0.05 -7.67 2.42
N LYS A 18 0.04 -7.49 3.73
CA LYS A 18 -1.06 -7.80 4.63
C LYS A 18 -2.13 -6.73 4.57
N LEU A 19 -1.70 -5.48 4.39
CA LEU A 19 -2.62 -4.35 4.32
C LEU A 19 -3.56 -4.50 3.13
N VAL A 20 -2.99 -4.70 1.95
CA VAL A 20 -3.78 -4.86 0.74
C VAL A 20 -4.69 -6.08 0.82
N ASP A 21 -4.28 -7.06 1.61
CA ASP A 21 -5.06 -8.28 1.78
C ASP A 21 -6.22 -8.04 2.75
N LYS A 22 -5.97 -7.26 3.80
CA LYS A 22 -6.99 -6.96 4.79
C LYS A 22 -7.69 -5.63 4.47
N TYR A 23 -7.62 -5.23 3.20
CA TYR A 23 -8.24 -3.99 2.76
C TYR A 23 -9.76 -4.05 2.93
N ARG A 24 -10.34 -5.17 2.56
CA ARG A 24 -11.79 -5.36 2.67
C ARG A 24 -12.15 -5.98 4.02
N ASN A 25 -11.19 -5.99 4.94
CA ASN A 25 -11.42 -6.55 6.27
C ASN A 25 -11.59 -5.44 7.30
N ASP A 26 -10.81 -4.38 7.17
CA ASP A 26 -10.89 -3.25 8.09
C ASP A 26 -11.10 -1.94 7.33
N GLU A 27 -12.10 -1.18 7.75
CA GLU A 27 -12.40 0.09 7.11
C GLU A 27 -11.26 1.08 7.28
N HIS A 28 -10.71 1.13 8.50
CA HIS A 28 -9.60 2.03 8.79
C HIS A 28 -8.42 1.77 7.86
N VAL A 29 -8.29 0.53 7.42
CA VAL A 29 -7.21 0.15 6.52
C VAL A 29 -7.42 0.72 5.12
N ARG A 30 -8.68 0.80 4.71
CA ARG A 30 -9.02 1.32 3.39
C ARG A 30 -8.65 2.79 3.28
N LYS A 31 -9.13 3.60 4.22
CA LYS A 31 -8.85 5.02 4.22
C LYS A 31 -7.35 5.28 4.35
N VAL A 32 -6.68 4.44 5.13
CA VAL A 32 -5.24 4.57 5.33
C VAL A 32 -4.47 4.22 4.06
N PHE A 33 -4.80 3.08 3.47
CA PHE A 33 -4.15 2.63 2.24
C PHE A 33 -4.53 3.52 1.07
N ASP A 34 -5.68 4.17 1.17
CA ASP A 34 -6.16 5.06 0.11
C ASP A 34 -5.32 6.33 0.05
N GLU A 35 -5.11 6.96 1.20
CA GLU A 35 -4.33 8.18 1.28
C GLU A 35 -2.86 7.92 0.94
N ILE A 36 -2.35 6.78 1.41
CA ILE A 36 -0.97 6.42 1.16
C ILE A 36 -0.75 6.04 -0.30
N GLN A 37 -1.77 5.46 -0.92
CA GLN A 37 -1.70 5.06 -2.32
C GLN A 37 -1.66 6.28 -3.23
N GLN A 38 -2.42 7.31 -2.88
CA GLN A 38 -2.46 8.54 -3.67
C GLN A 38 -1.18 9.34 -3.50
N LYS A 39 -0.81 9.60 -2.25
CA LYS A 39 0.39 10.36 -1.95
C LYS A 39 1.62 9.69 -2.55
N LEU A 40 1.59 8.36 -2.61
CA LEU A 40 2.71 7.60 -3.17
C LEU A 40 2.45 7.24 -4.63
N HIS A 41 1.27 7.62 -5.12
CA HIS A 41 0.90 7.33 -6.50
C HIS A 41 1.10 5.85 -6.83
N CYS A 42 0.88 5.00 -5.84
CA CYS A 42 1.03 3.56 -6.02
C CYS A 42 -0.29 2.84 -5.80
N CYS A 43 -0.38 1.60 -6.27
CA CYS A 43 -1.58 0.80 -6.13
C CYS A 43 -1.29 -0.52 -5.41
N GLY A 44 -2.23 -0.95 -4.58
CA GLY A 44 -2.05 -2.19 -3.84
C GLY A 44 -0.73 -2.24 -3.09
N ALA A 45 -0.43 -3.38 -2.50
CA ALA A 45 0.80 -3.55 -1.73
C ALA A 45 2.00 -3.73 -2.66
N ASP A 46 2.05 -4.88 -3.34
CA ASP A 46 3.14 -5.17 -4.26
C ASP A 46 2.69 -5.01 -5.71
N SER A 47 1.38 -4.81 -5.90
CA SER A 47 0.82 -4.65 -7.23
C SER A 47 -0.68 -4.38 -7.16
N PRO A 48 -1.23 -3.82 -8.25
CA PRO A 48 -2.66 -3.51 -8.33
C PRO A 48 -3.53 -4.77 -8.41
N LYS A 49 -2.95 -5.86 -8.90
CA LYS A 49 -3.66 -7.11 -9.03
C LYS A 49 -4.07 -7.65 -7.66
N ASP A 50 -3.43 -7.13 -6.62
CA ASP A 50 -3.73 -7.56 -5.26
C ASP A 50 -5.21 -7.36 -4.93
N TYR A 51 -5.83 -6.38 -5.58
CA TYR A 51 -7.23 -6.09 -5.37
C TYR A 51 -8.11 -6.93 -6.28
N GLY A 52 -7.54 -7.38 -7.40
CA GLY A 52 -8.29 -8.19 -8.35
C GLY A 52 -8.54 -7.47 -9.66
N GLU A 53 -9.80 -7.16 -9.93
CA GLU A 53 -10.17 -6.47 -11.16
C GLU A 53 -11.00 -5.23 -10.86
N ASN A 54 -10.82 -4.67 -9.67
CA ASN A 54 -11.56 -3.49 -9.25
C ASN A 54 -10.90 -2.83 -8.06
N PRO A 55 -9.77 -2.14 -8.31
CA PRO A 55 -9.01 -1.44 -7.26
C PRO A 55 -9.75 -0.22 -6.74
N PRO A 56 -9.26 0.33 -5.61
CA PRO A 56 -9.86 1.51 -4.98
C PRO A 56 -9.65 2.77 -5.81
N THR A 57 -10.47 3.78 -5.54
CA THR A 57 -10.37 5.05 -6.26
C THR A 57 -8.99 5.66 -6.11
N SER A 58 -8.32 5.33 -5.01
CA SER A 58 -6.99 5.85 -4.74
C SER A 58 -5.97 5.28 -5.72
N CYS A 59 -6.31 4.14 -6.32
CA CYS A 59 -5.44 3.49 -7.28
C CYS A 59 -5.28 4.32 -8.54
N SER A 60 -6.19 5.29 -8.72
CA SER A 60 -6.16 6.16 -9.89
C SER A 60 -6.18 7.62 -9.46
N LYS A 61 -5.82 8.51 -10.40
CA LYS A 61 -5.80 9.94 -10.13
C LYS A 61 -5.65 10.73 -11.43
N ASP A 62 -6.47 11.77 -11.57
CA ASP A 62 -6.44 12.61 -12.76
C ASP A 62 -6.72 11.79 -14.02
N GLY A 63 -7.46 10.70 -13.85
CA GLY A 63 -7.78 9.85 -14.98
C GLY A 63 -6.64 8.93 -15.36
N VAL A 64 -5.78 8.63 -14.39
CA VAL A 64 -4.64 7.76 -14.64
C VAL A 64 -4.65 6.55 -13.70
N GLN A 65 -4.01 5.47 -14.12
CA GLN A 65 -3.95 4.25 -13.32
C GLN A 65 -2.54 4.00 -12.81
N PHE A 66 -2.44 3.68 -11.52
CA PHE A 66 -1.14 3.43 -10.90
C PHE A 66 -0.78 1.94 -11.00
N THR A 67 -0.03 1.58 -12.04
CA THR A 67 0.37 0.20 -12.24
C THR A 67 1.58 -0.15 -11.38
N GLU A 68 2.12 0.85 -10.69
CA GLU A 68 3.29 0.66 -9.84
C GLU A 68 2.88 0.04 -8.50
N GLY A 69 3.88 -0.26 -7.66
CA GLY A 69 3.60 -0.85 -6.37
C GLY A 69 3.90 0.10 -5.23
N CYS A 70 3.53 -0.30 -4.01
CA CYS A 70 3.76 0.52 -2.84
C CYS A 70 5.03 0.08 -2.10
N ILE A 71 5.28 -1.22 -2.10
CA ILE A 71 6.45 -1.77 -1.43
C ILE A 71 7.74 -1.19 -2.02
N LYS A 72 7.73 -0.97 -3.34
CA LYS A 72 8.89 -0.41 -4.03
C LYS A 72 8.91 1.11 -3.92
N LYS A 73 7.73 1.72 -3.99
CA LYS A 73 7.61 3.17 -3.90
C LYS A 73 8.04 3.67 -2.53
N VAL A 74 7.47 3.08 -1.49
CA VAL A 74 7.80 3.47 -0.11
C VAL A 74 9.30 3.34 0.15
N SER A 75 9.93 2.38 -0.51
CA SER A 75 11.36 2.16 -0.35
C SER A 75 12.16 3.28 -1.01
N ASP A 76 11.65 3.77 -2.13
CA ASP A 76 12.32 4.85 -2.86
C ASP A 76 12.57 6.04 -1.95
N LEU A 77 11.52 6.53 -1.31
CA LEU A 77 11.63 7.67 -0.41
C LEU A 77 12.40 7.30 0.85
N SER A 78 12.39 6.02 1.19
CA SER A 78 13.10 5.54 2.38
C SER A 78 14.61 5.60 2.18
N LYS A 79 15.09 4.96 1.11
CA LYS A 79 16.51 4.94 0.79
C LYS A 79 16.97 6.31 0.29
N ALA A 80 16.05 7.05 -0.31
CA ALA A 80 16.35 8.37 -0.83
C ALA A 80 17.05 9.24 0.22
N HIS A 81 17.93 10.12 -0.24
CA HIS A 81 18.65 11.00 0.67
C HIS A 81 18.97 12.33 -0.01
#